data_6PJ7
# 
_entry.id   6PJ7 
# 
_audit_conform.dict_name       mmcif_pdbx.dic 
_audit_conform.dict_version    5.380 
_audit_conform.dict_location   http://mmcif.pdb.org/dictionaries/ascii/mmcif_pdbx.dic 
# 
loop_
_database_2.database_id 
_database_2.database_code 
_database_2.pdbx_database_accession 
_database_2.pdbx_DOI 
PDB   6PJ7         pdb_00006pj7 10.2210/pdb6pj7/pdb 
WWPDB D_1000242645 ?            ?                   
# 
_pdbx_database_status.status_code                     REL 
_pdbx_database_status.status_code_sf                  REL 
_pdbx_database_status.status_code_mr                  ? 
_pdbx_database_status.entry_id                        6PJ7 
_pdbx_database_status.recvd_initial_deposition_date   2019-06-28 
_pdbx_database_status.SG_entry                        N 
_pdbx_database_status.deposit_site                    RCSB 
_pdbx_database_status.process_site                    RCSB 
_pdbx_database_status.status_code_cs                  ? 
_pdbx_database_status.methods_development_category    ? 
_pdbx_database_status.pdb_format_compatible           Y 
_pdbx_database_status.status_code_nmr_data            ? 
# 
loop_
_audit_author.name 
_audit_author.pdbx_ordinal 
_audit_author.identifier_ORCID 
'Urban, S.' 1 0000-0002-1118-1973 
'Cho, S.'   2 0000-0002-4875-2565 
# 
_citation.abstract                  ? 
_citation.abstract_id_CAS           ? 
_citation.book_id_ISBN              ? 
_citation.book_publisher            ? 
_citation.book_publisher_city       ? 
_citation.book_title                ? 
_citation.coordinate_linkage        ? 
_citation.country                   US 
_citation.database_id_Medline       ? 
_citation.details                   ? 
_citation.id                        primary 
_citation.journal_abbrev            Nat.Struct.Mol.Biol. 
_citation.journal_id_ASTM           ? 
_citation.journal_id_CSD            ? 
_citation.journal_id_ISSN           1545-9985 
_citation.journal_full              ? 
_citation.journal_issue             ? 
_citation.journal_volume            26 
_citation.language                  ? 
_citation.page_first                910 
_citation.page_last                 918 
_citation.title                     
'Ten catalytic snapshots of rhomboid intramembrane proteolysis from gate opening to peptide release.' 
_citation.year                      2019 
_citation.database_id_CSD           ? 
_citation.pdbx_database_id_DOI      10.1038/s41594-019-0296-9 
_citation.pdbx_database_id_PubMed   31570873 
_citation.unpublished_flag          ? 
# 
loop_
_citation_author.citation_id 
_citation_author.name 
_citation_author.ordinal 
_citation_author.identifier_ORCID 
primary 'Cho, S.'     1 ? 
primary 'Baker, R.P.' 2 ? 
primary 'Ji, M.'      3 ? 
primary 'Urban, S.'   4 ? 
# 
_cell.angle_alpha                  90.00 
_cell.angle_alpha_esd              ? 
_cell.angle_beta                   90.00 
_cell.angle_beta_esd               ? 
_cell.angle_gamma                  90.00 
_cell.angle_gamma_esd              ? 
_cell.entry_id                     6PJ7 
_cell.details                      ? 
_cell.formula_units_Z              ? 
_cell.length_a                     70.849 
_cell.length_a_esd                 ? 
_cell.length_b                     99.510 
_cell.length_b_esd                 ? 
_cell.length_c                     62.720 
_cell.length_c_esd                 ? 
_cell.volume                       ? 
_cell.volume_esd                   ? 
_cell.Z_PDB                        8 
_cell.reciprocal_angle_alpha       ? 
_cell.reciprocal_angle_beta        ? 
_cell.reciprocal_angle_gamma       ? 
_cell.reciprocal_angle_alpha_esd   ? 
_cell.reciprocal_angle_beta_esd    ? 
_cell.reciprocal_angle_gamma_esd   ? 
_cell.reciprocal_length_a          ? 
_cell.reciprocal_length_b          ? 
_cell.reciprocal_length_c          ? 
_cell.reciprocal_length_a_esd      ? 
_cell.reciprocal_length_b_esd      ? 
_cell.reciprocal_length_c_esd      ? 
_cell.pdbx_unique_axis             ? 
# 
_symmetry.entry_id                         6PJ7 
_symmetry.cell_setting                     ? 
_symmetry.Int_Tables_number                20 
_symmetry.space_group_name_Hall            ? 
_symmetry.space_group_name_H-M             'C 2 2 21' 
_symmetry.pdbx_full_space_group_name_H-M   ? 
# 
loop_
_entity.id 
_entity.type 
_entity.src_method 
_entity.pdbx_description 
_entity.formula_weight 
_entity.pdbx_number_of_molecules 
_entity.pdbx_ec 
_entity.pdbx_mutation 
_entity.pdbx_fragment 
_entity.details 
1 polymer man 'Rhomboid protease GlpG'     23800.133 1  3.4.21.105 ? ? ? 
2 polymer syn 'Peptide aldehyde inhibitor' 476.613   1  ?          ? ? ? 
3 water   nat water                        18.015    34 ?          ? ? ? 
# 
_entity_name_com.entity_id   1 
_entity_name_com.name        'Intramembrane serine protease' 
# 
loop_
_entity_poly.entity_id 
_entity_poly.type 
_entity_poly.nstd_linkage 
_entity_poly.nstd_monomer 
_entity_poly.pdbx_seq_one_letter_code 
_entity_poly.pdbx_seq_one_letter_code_can 
_entity_poly.pdbx_strand_id 
_entity_poly.pdbx_target_identifier 
1 'polypeptide(L)' no no 
;MGSSHHHHHHSSGLVPRGSHMAALRERAGPVTWVMMIACVVVFIAMQILGDQEVMLWLAWPFDPTLKFEFWRYFTHALMH
FSLMHILFNLLWWWYLGGAVEKRLGSGKLIVITLISALLSGYVQQKFSGPWFGGLSGVVFALMGYVWLRGERDPQSGIYL
QRGLIIFALIWIVAGWFDLFGMSMANGAHIAGLAVGLAMAFVDSLNARKRK
;
;MGSSHHHHHHSSGLVPRGSHMAALRERAGPVTWVMMIACVVVFIAMQILGDQEVMLWLAWPFDPTLKFEFWRYFTHALMH
FSLMHILFNLLWWWYLGGAVEKRLGSGKLIVITLISALLSGYVQQKFSGPWFGGLSGVVFALMGYVWLRGERDPQSGIYL
QRGLIIFALIWIVAGWFDLFGMSMANGAHIAGLAVGLAMAFVDSLNARKRK
;
A ? 
2 'polypeptide(L)' no no VRMA VRMA B ? 
# 
loop_
_entity_poly_seq.entity_id 
_entity_poly_seq.num 
_entity_poly_seq.mon_id 
_entity_poly_seq.hetero 
1 1   MET n 
1 2   GLY n 
1 3   SER n 
1 4   SER n 
1 5   HIS n 
1 6   HIS n 
1 7   HIS n 
1 8   HIS n 
1 9   HIS n 
1 10  HIS n 
1 11  SER n 
1 12  SER n 
1 13  GLY n 
1 14  LEU n 
1 15  VAL n 
1 16  PRO n 
1 17  ARG n 
1 18  GLY n 
1 19  SER n 
1 20  HIS n 
1 21  MET n 
1 22  ALA n 
1 23  ALA n 
1 24  LEU n 
1 25  ARG n 
1 26  GLU n 
1 27  ARG n 
1 28  ALA n 
1 29  GLY n 
1 30  PRO n 
1 31  VAL n 
1 32  THR n 
1 33  TRP n 
1 34  VAL n 
1 35  MET n 
1 36  MET n 
1 37  ILE n 
1 38  ALA n 
1 39  CYS n 
1 40  VAL n 
1 41  VAL n 
1 42  VAL n 
1 43  PHE n 
1 44  ILE n 
1 45  ALA n 
1 46  MET n 
1 47  GLN n 
1 48  ILE n 
1 49  LEU n 
1 50  GLY n 
1 51  ASP n 
1 52  GLN n 
1 53  GLU n 
1 54  VAL n 
1 55  MET n 
1 56  LEU n 
1 57  TRP n 
1 58  LEU n 
1 59  ALA n 
1 60  TRP n 
1 61  PRO n 
1 62  PHE n 
1 63  ASP n 
1 64  PRO n 
1 65  THR n 
1 66  LEU n 
1 67  LYS n 
1 68  PHE n 
1 69  GLU n 
1 70  PHE n 
1 71  TRP n 
1 72  ARG n 
1 73  TYR n 
1 74  PHE n 
1 75  THR n 
1 76  HIS n 
1 77  ALA n 
1 78  LEU n 
1 79  MET n 
1 80  HIS n 
1 81  PHE n 
1 82  SER n 
1 83  LEU n 
1 84  MET n 
1 85  HIS n 
1 86  ILE n 
1 87  LEU n 
1 88  PHE n 
1 89  ASN n 
1 90  LEU n 
1 91  LEU n 
1 92  TRP n 
1 93  TRP n 
1 94  TRP n 
1 95  TYR n 
1 96  LEU n 
1 97  GLY n 
1 98  GLY n 
1 99  ALA n 
1 100 VAL n 
1 101 GLU n 
1 102 LYS n 
1 103 ARG n 
1 104 LEU n 
1 105 GLY n 
1 106 SER n 
1 107 GLY n 
1 108 LYS n 
1 109 LEU n 
1 110 ILE n 
1 111 VAL n 
1 112 ILE n 
1 113 THR n 
1 114 LEU n 
1 115 ILE n 
1 116 SER n 
1 117 ALA n 
1 118 LEU n 
1 119 LEU n 
1 120 SER n 
1 121 GLY n 
1 122 TYR n 
1 123 VAL n 
1 124 GLN n 
1 125 GLN n 
1 126 LYS n 
1 127 PHE n 
1 128 SER n 
1 129 GLY n 
1 130 PRO n 
1 131 TRP n 
1 132 PHE n 
1 133 GLY n 
1 134 GLY n 
1 135 LEU n 
1 136 SER n 
1 137 GLY n 
1 138 VAL n 
1 139 VAL n 
1 140 PHE n 
1 141 ALA n 
1 142 LEU n 
1 143 MET n 
1 144 GLY n 
1 145 TYR n 
1 146 VAL n 
1 147 TRP n 
1 148 LEU n 
1 149 ARG n 
1 150 GLY n 
1 151 GLU n 
1 152 ARG n 
1 153 ASP n 
1 154 PRO n 
1 155 GLN n 
1 156 SER n 
1 157 GLY n 
1 158 ILE n 
1 159 TYR n 
1 160 LEU n 
1 161 GLN n 
1 162 ARG n 
1 163 GLY n 
1 164 LEU n 
1 165 ILE n 
1 166 ILE n 
1 167 PHE n 
1 168 ALA n 
1 169 LEU n 
1 170 ILE n 
1 171 TRP n 
1 172 ILE n 
1 173 VAL n 
1 174 ALA n 
1 175 GLY n 
1 176 TRP n 
1 177 PHE n 
1 178 ASP n 
1 179 LEU n 
1 180 PHE n 
1 181 GLY n 
1 182 MET n 
1 183 SER n 
1 184 MET n 
1 185 ALA n 
1 186 ASN n 
1 187 GLY n 
1 188 ALA n 
1 189 HIS n 
1 190 ILE n 
1 191 ALA n 
1 192 GLY n 
1 193 LEU n 
1 194 ALA n 
1 195 VAL n 
1 196 GLY n 
1 197 LEU n 
1 198 ALA n 
1 199 MET n 
1 200 ALA n 
1 201 PHE n 
1 202 VAL n 
1 203 ASP n 
1 204 SER n 
1 205 LEU n 
1 206 ASN n 
1 207 ALA n 
1 208 ARG n 
1 209 LYS n 
1 210 ARG n 
1 211 LYS n 
2 1   VAL n 
2 2   ARG n 
2 3   MET n 
2 4   ALA n 
# 
_entity_src_gen.entity_id                          1 
_entity_src_gen.pdbx_src_id                        1 
_entity_src_gen.pdbx_alt_source_flag               sample 
_entity_src_gen.pdbx_seq_type                      'Biological sequence' 
_entity_src_gen.pdbx_beg_seq_num                   1 
_entity_src_gen.pdbx_end_seq_num                   211 
_entity_src_gen.gene_src_common_name               ? 
_entity_src_gen.gene_src_genus                     ? 
_entity_src_gen.pdbx_gene_src_gene                 'glpG, APT88_21985, SK83_00858' 
_entity_src_gen.gene_src_species                   ? 
_entity_src_gen.gene_src_strain                    ? 
_entity_src_gen.gene_src_tissue                    ? 
_entity_src_gen.gene_src_tissue_fraction           ? 
_entity_src_gen.gene_src_details                   ? 
_entity_src_gen.pdbx_gene_src_fragment             ? 
_entity_src_gen.pdbx_gene_src_scientific_name      'Escherichia coli' 
_entity_src_gen.pdbx_gene_src_ncbi_taxonomy_id     562 
_entity_src_gen.pdbx_gene_src_variant              ? 
_entity_src_gen.pdbx_gene_src_cell_line            ? 
_entity_src_gen.pdbx_gene_src_atcc                 ? 
_entity_src_gen.pdbx_gene_src_organ                ? 
_entity_src_gen.pdbx_gene_src_organelle            ? 
_entity_src_gen.pdbx_gene_src_cell                 ? 
_entity_src_gen.pdbx_gene_src_cellular_location    ? 
_entity_src_gen.host_org_common_name               ? 
_entity_src_gen.pdbx_host_org_scientific_name      'Escherichia coli BL21(DE3)' 
_entity_src_gen.pdbx_host_org_ncbi_taxonomy_id     469008 
_entity_src_gen.host_org_genus                     ? 
_entity_src_gen.pdbx_host_org_gene                 ? 
_entity_src_gen.pdbx_host_org_organ                ? 
_entity_src_gen.host_org_species                   ? 
_entity_src_gen.pdbx_host_org_tissue               ? 
_entity_src_gen.pdbx_host_org_tissue_fraction      ? 
_entity_src_gen.pdbx_host_org_strain               'BL21(DE3)' 
_entity_src_gen.pdbx_host_org_variant              ? 
_entity_src_gen.pdbx_host_org_cell_line            ? 
_entity_src_gen.pdbx_host_org_atcc                 ? 
_entity_src_gen.pdbx_host_org_culture_collection   ? 
_entity_src_gen.pdbx_host_org_cell                 ? 
_entity_src_gen.pdbx_host_org_organelle            ? 
_entity_src_gen.pdbx_host_org_cellular_location    ? 
_entity_src_gen.pdbx_host_org_vector_type          ? 
_entity_src_gen.pdbx_host_org_vector               ? 
_entity_src_gen.host_org_details                   ? 
_entity_src_gen.expression_system_id               ? 
_entity_src_gen.plasmid_name                       ? 
_entity_src_gen.plasmid_details                    ? 
_entity_src_gen.pdbx_description                   ? 
# 
_pdbx_entity_src_syn.entity_id              2 
_pdbx_entity_src_syn.pdbx_src_id            1 
_pdbx_entity_src_syn.pdbx_alt_source_flag   sample 
_pdbx_entity_src_syn.pdbx_beg_seq_num       1 
_pdbx_entity_src_syn.pdbx_end_seq_num       4 
_pdbx_entity_src_syn.organism_scientific    'Drosophila melanogaster' 
_pdbx_entity_src_syn.organism_common_name   'fruit fly' 
_pdbx_entity_src_syn.ncbi_taxonomy_id       7227 
_pdbx_entity_src_syn.details                ? 
# 
loop_
_struct_ref.id 
_struct_ref.db_name 
_struct_ref.db_code 
_struct_ref.pdbx_db_accession 
_struct_ref.pdbx_db_isoform 
_struct_ref.entity_id 
_struct_ref.pdbx_seq_one_letter_code 
_struct_ref.pdbx_align_begin 
1 UNP A0A0J2E248_ECOLX A0A0J2E248 ? 1 
;AALRERAGPVTWVMMIACVVVFIAMQILGDQEVMLWLAWPFDPTLKFEFWRYFTHALMHFSLMHILFNLLWWWYLGGAVE
KRLGSGKLIVITLISALLSGYVQQKFSGPWFGGLSGVVYALMGYVWLRGERDPQSGIYLQRGLIIFALIWIVAGWFDLFG
MSMANGAHIAGLAVGLAMAFVDSLNARKRK
;
87 
2 PDB 6PJ7             6PJ7       ? 2 ? 1  
# 
loop_
_struct_ref_seq.align_id 
_struct_ref_seq.ref_id 
_struct_ref_seq.pdbx_PDB_id_code 
_struct_ref_seq.pdbx_strand_id 
_struct_ref_seq.seq_align_beg 
_struct_ref_seq.pdbx_seq_align_beg_ins_code 
_struct_ref_seq.seq_align_end 
_struct_ref_seq.pdbx_seq_align_end_ins_code 
_struct_ref_seq.pdbx_db_accession 
_struct_ref_seq.db_align_beg 
_struct_ref_seq.pdbx_db_align_beg_ins_code 
_struct_ref_seq.db_align_end 
_struct_ref_seq.pdbx_db_align_end_ins_code 
_struct_ref_seq.pdbx_auth_seq_align_beg 
_struct_ref_seq.pdbx_auth_seq_align_end 
1 1 6PJ7 A 22 ? 211 ? A0A0J2E248 87  ? 276 ? 87  276 
2 2 6PJ7 B 1  ? 4   ? 6PJ7       497 ? 500 ? 497 500 
# 
loop_
_struct_ref_seq_dif.align_id 
_struct_ref_seq_dif.pdbx_pdb_id_code 
_struct_ref_seq_dif.mon_id 
_struct_ref_seq_dif.pdbx_pdb_strand_id 
_struct_ref_seq_dif.seq_num 
_struct_ref_seq_dif.pdbx_pdb_ins_code 
_struct_ref_seq_dif.pdbx_seq_db_name 
_struct_ref_seq_dif.pdbx_seq_db_accession_code 
_struct_ref_seq_dif.db_mon_id 
_struct_ref_seq_dif.pdbx_seq_db_seq_num 
_struct_ref_seq_dif.details 
_struct_ref_seq_dif.pdbx_auth_seq_num 
_struct_ref_seq_dif.pdbx_ordinal 
1 6PJ7 MET A 1   ? UNP A0A0J2E248 ?   ?   'initiating methionine' 66  1  
1 6PJ7 GLY A 2   ? UNP A0A0J2E248 ?   ?   'expression tag'        67  2  
1 6PJ7 SER A 3   ? UNP A0A0J2E248 ?   ?   'expression tag'        68  3  
1 6PJ7 SER A 4   ? UNP A0A0J2E248 ?   ?   'expression tag'        69  4  
1 6PJ7 HIS A 5   ? UNP A0A0J2E248 ?   ?   'expression tag'        70  5  
1 6PJ7 HIS A 6   ? UNP A0A0J2E248 ?   ?   'expression tag'        71  6  
1 6PJ7 HIS A 7   ? UNP A0A0J2E248 ?   ?   'expression tag'        72  7  
1 6PJ7 HIS A 8   ? UNP A0A0J2E248 ?   ?   'expression tag'        73  8  
1 6PJ7 HIS A 9   ? UNP A0A0J2E248 ?   ?   'expression tag'        74  9  
1 6PJ7 HIS A 10  ? UNP A0A0J2E248 ?   ?   'expression tag'        75  10 
1 6PJ7 SER A 11  ? UNP A0A0J2E248 ?   ?   'expression tag'        76  11 
1 6PJ7 SER A 12  ? UNP A0A0J2E248 ?   ?   'expression tag'        77  12 
1 6PJ7 GLY A 13  ? UNP A0A0J2E248 ?   ?   'expression tag'        78  13 
1 6PJ7 LEU A 14  ? UNP A0A0J2E248 ?   ?   'expression tag'        79  14 
1 6PJ7 VAL A 15  ? UNP A0A0J2E248 ?   ?   'expression tag'        80  15 
1 6PJ7 PRO A 16  ? UNP A0A0J2E248 ?   ?   'expression tag'        81  16 
1 6PJ7 ARG A 17  ? UNP A0A0J2E248 ?   ?   'expression tag'        82  17 
1 6PJ7 GLY A 18  ? UNP A0A0J2E248 ?   ?   'expression tag'        83  18 
1 6PJ7 SER A 19  ? UNP A0A0J2E248 ?   ?   'expression tag'        84  19 
1 6PJ7 HIS A 20  ? UNP A0A0J2E248 ?   ?   'expression tag'        85  20 
1 6PJ7 MET A 21  ? UNP A0A0J2E248 ?   ?   'expression tag'        86  21 
1 6PJ7 PHE A 140 ? UNP A0A0J2E248 TYR 205 'engineered mutation'   205 22 
# 
loop_
_chem_comp.id 
_chem_comp.type 
_chem_comp.mon_nstd_flag 
_chem_comp.name 
_chem_comp.pdbx_synonyms 
_chem_comp.formula 
_chem_comp.formula_weight 
ALA 'L-peptide linking' y ALANINE         ? 'C3 H7 N O2'     89.093  
ARG 'L-peptide linking' y ARGININE        ? 'C6 H15 N4 O2 1' 175.209 
ASN 'L-peptide linking' y ASPARAGINE      ? 'C4 H8 N2 O3'    132.118 
ASP 'L-peptide linking' y 'ASPARTIC ACID' ? 'C4 H7 N O4'     133.103 
CYS 'L-peptide linking' y CYSTEINE        ? 'C3 H7 N O2 S'   121.158 
GLN 'L-peptide linking' y GLUTAMINE       ? 'C5 H10 N2 O3'   146.144 
GLU 'L-peptide linking' y 'GLUTAMIC ACID' ? 'C5 H9 N O4'     147.129 
GLY 'peptide linking'   y GLYCINE         ? 'C2 H5 N O2'     75.067  
HIS 'L-peptide linking' y HISTIDINE       ? 'C6 H10 N3 O2 1' 156.162 
HOH non-polymer         . WATER           ? 'H2 O'           18.015  
ILE 'L-peptide linking' y ISOLEUCINE      ? 'C6 H13 N O2'    131.173 
LEU 'L-peptide linking' y LEUCINE         ? 'C6 H13 N O2'    131.173 
LYS 'L-peptide linking' y LYSINE          ? 'C6 H15 N2 O2 1' 147.195 
MET 'L-peptide linking' y METHIONINE      ? 'C5 H11 N O2 S'  149.211 
PHE 'L-peptide linking' y PHENYLALANINE   ? 'C9 H11 N O2'    165.189 
PRO 'L-peptide linking' y PROLINE         ? 'C5 H9 N O2'     115.130 
SER 'L-peptide linking' y SERINE          ? 'C3 H7 N O3'     105.093 
THR 'L-peptide linking' y THREONINE       ? 'C4 H9 N O3'     119.119 
TRP 'L-peptide linking' y TRYPTOPHAN      ? 'C11 H12 N2 O2'  204.225 
TYR 'L-peptide linking' y TYROSINE        ? 'C9 H11 N O3'    181.189 
VAL 'L-peptide linking' y VALINE          ? 'C5 H11 N O2'    117.146 
# 
_exptl.absorpt_coefficient_mu     ? 
_exptl.absorpt_correction_T_max   ? 
_exptl.absorpt_correction_T_min   ? 
_exptl.absorpt_correction_type    ? 
_exptl.absorpt_process_details    ? 
_exptl.entry_id                   6PJ7 
_exptl.crystals_number            1 
_exptl.details                    ? 
_exptl.method                     'X-RAY DIFFRACTION' 
_exptl.method_details             ? 
# 
_exptl_crystal.colour                      ? 
_exptl_crystal.density_diffrn              ? 
_exptl_crystal.density_Matthews            2.28 
_exptl_crystal.density_method              ? 
_exptl_crystal.density_percent_sol         45.98 
_exptl_crystal.description                 ? 
_exptl_crystal.F_000                       ? 
_exptl_crystal.id                          1 
_exptl_crystal.preparation                 ? 
_exptl_crystal.size_max                    ? 
_exptl_crystal.size_mid                    ? 
_exptl_crystal.size_min                    ? 
_exptl_crystal.size_rad                    ? 
_exptl_crystal.colour_lustre               ? 
_exptl_crystal.colour_modifier             ? 
_exptl_crystal.colour_primary              ? 
_exptl_crystal.density_meas                ? 
_exptl_crystal.density_meas_esd            ? 
_exptl_crystal.density_meas_gt             ? 
_exptl_crystal.density_meas_lt             ? 
_exptl_crystal.density_meas_temp           ? 
_exptl_crystal.density_meas_temp_esd       ? 
_exptl_crystal.density_meas_temp_gt        ? 
_exptl_crystal.density_meas_temp_lt        ? 
_exptl_crystal.pdbx_crystal_image_url      ? 
_exptl_crystal.pdbx_crystal_image_format   ? 
_exptl_crystal.pdbx_mosaicity              ? 
_exptl_crystal.pdbx_mosaicity_esd          ? 
# 
_exptl_crystal_grow.apparatus       ? 
_exptl_crystal_grow.atmosphere      ? 
_exptl_crystal_grow.crystal_id      1 
_exptl_crystal_grow.details         ? 
_exptl_crystal_grow.method          'VAPOR DIFFUSION, HANGING DROP' 
_exptl_crystal_grow.method_ref      ? 
_exptl_crystal_grow.pH              5.5 
_exptl_crystal_grow.pressure        ? 
_exptl_crystal_grow.pressure_esd    ? 
_exptl_crystal_grow.seeding         ? 
_exptl_crystal_grow.seeding_ref     ? 
_exptl_crystal_grow.temp            298 
_exptl_crystal_grow.temp_details    ? 
_exptl_crystal_grow.temp_esd        ? 
_exptl_crystal_grow.time            ? 
_exptl_crystal_grow.pdbx_details    '0.1 M Na-acetate pH 5.5, 3 M NaCl, and 5 % ethylene glycol' 
_exptl_crystal_grow.pdbx_pH_range   ? 
# 
_diffrn.ambient_environment              ? 
_diffrn.ambient_temp                     100 
_diffrn.ambient_temp_details             ? 
_diffrn.ambient_temp_esd                 ? 
_diffrn.crystal_id                       1 
_diffrn.crystal_support                  ? 
_diffrn.crystal_treatment                ? 
_diffrn.details                          ? 
_diffrn.id                               1 
_diffrn.ambient_pressure                 ? 
_diffrn.ambient_pressure_esd             ? 
_diffrn.ambient_pressure_gt              ? 
_diffrn.ambient_pressure_lt              ? 
_diffrn.ambient_temp_gt                  ? 
_diffrn.ambient_temp_lt                  ? 
_diffrn.pdbx_serial_crystal_experiment   N 
# 
_diffrn_detector.details                      ? 
_diffrn_detector.detector                     CCD 
_diffrn_detector.diffrn_id                    1 
_diffrn_detector.type                         'ADSC QUANTUM 270' 
_diffrn_detector.area_resol_mean              ? 
_diffrn_detector.dtime                        ? 
_diffrn_detector.pdbx_frames_total            ? 
_diffrn_detector.pdbx_collection_time_total   ? 
_diffrn_detector.pdbx_collection_date         2016-03-20 
_diffrn_detector.pdbx_frequency               ? 
# 
_diffrn_radiation.collimation                      ? 
_diffrn_radiation.diffrn_id                        1 
_diffrn_radiation.filter_edge                      ? 
_diffrn_radiation.inhomogeneity                    ? 
_diffrn_radiation.monochromator                    ? 
_diffrn_radiation.polarisn_norm                    ? 
_diffrn_radiation.polarisn_ratio                   ? 
_diffrn_radiation.probe                            ? 
_diffrn_radiation.type                             ? 
_diffrn_radiation.xray_symbol                      ? 
_diffrn_radiation.wavelength_id                    1 
_diffrn_radiation.pdbx_monochromatic_or_laue_m_l   M 
_diffrn_radiation.pdbx_wavelength_list             ? 
_diffrn_radiation.pdbx_wavelength                  ? 
_diffrn_radiation.pdbx_diffrn_protocol             'SINGLE WAVELENGTH' 
_diffrn_radiation.pdbx_analyzer                    ? 
_diffrn_radiation.pdbx_scattering_type             x-ray 
# 
_diffrn_radiation_wavelength.id           1 
_diffrn_radiation_wavelength.wavelength   0.978 
_diffrn_radiation_wavelength.wt           1.0 
# 
_diffrn_source.current                     ? 
_diffrn_source.details                     ? 
_diffrn_source.diffrn_id                   1 
_diffrn_source.power                       ? 
_diffrn_source.size                        ? 
_diffrn_source.source                      SYNCHROTRON 
_diffrn_source.target                      ? 
_diffrn_source.type                        'CHESS BEAMLINE F1' 
_diffrn_source.voltage                     ? 
_diffrn_source.take-off_angle              ? 
_diffrn_source.pdbx_wavelength_list        0.978 
_diffrn_source.pdbx_wavelength             ? 
_diffrn_source.pdbx_synchrotron_beamline   F1 
_diffrn_source.pdbx_synchrotron_site       CHESS 
# 
_reflns.B_iso_Wilson_estimate            ? 
_reflns.entry_id                         6PJ7 
_reflns.data_reduction_details           ? 
_reflns.data_reduction_method            ? 
_reflns.d_resolution_high                2.30 
_reflns.d_resolution_low                 57.72 
_reflns.details                          ? 
_reflns.limit_h_max                      ? 
_reflns.limit_h_min                      ? 
_reflns.limit_k_max                      ? 
_reflns.limit_k_min                      ? 
_reflns.limit_l_max                      ? 
_reflns.limit_l_min                      ? 
_reflns.number_all                       ? 
_reflns.number_obs                       9721 
_reflns.observed_criterion               ? 
_reflns.observed_criterion_F_max         ? 
_reflns.observed_criterion_F_min         ? 
_reflns.observed_criterion_I_max         ? 
_reflns.observed_criterion_I_min         ? 
_reflns.observed_criterion_sigma_F       ? 
_reflns.observed_criterion_sigma_I       ? 
_reflns.percent_possible_obs             95.5 
_reflns.R_free_details                   ? 
_reflns.Rmerge_F_all                     ? 
_reflns.Rmerge_F_obs                     ? 
_reflns.Friedel_coverage                 ? 
_reflns.number_gt                        ? 
_reflns.threshold_expression             ? 
_reflns.pdbx_redundancy                  4.9 
_reflns.pdbx_Rmerge_I_obs                ? 
_reflns.pdbx_Rmerge_I_all                ? 
_reflns.pdbx_Rsym_value                  ? 
_reflns.pdbx_netI_over_av_sigmaI         ? 
_reflns.pdbx_netI_over_sigmaI            7.6 
_reflns.pdbx_res_netI_over_av_sigmaI_2   ? 
_reflns.pdbx_res_netI_over_sigmaI_2      ? 
_reflns.pdbx_chi_squared                 ? 
_reflns.pdbx_scaling_rejects             ? 
_reflns.pdbx_d_res_high_opt              ? 
_reflns.pdbx_d_res_low_opt               ? 
_reflns.pdbx_d_res_opt_method            ? 
_reflns.phase_calculation_details        ? 
_reflns.pdbx_Rrim_I_all                  ? 
_reflns.pdbx_Rpim_I_all                  ? 
_reflns.pdbx_d_opt                       ? 
_reflns.pdbx_number_measured_all         ? 
_reflns.pdbx_diffrn_id                   1 
_reflns.pdbx_ordinal                     1 
_reflns.pdbx_CC_half                     ? 
_reflns.pdbx_R_split                     ? 
# 
_reflns_shell.d_res_high                  2.30 
_reflns_shell.d_res_low                   57.72 
_reflns_shell.meanI_over_sigI_all         ? 
_reflns_shell.meanI_over_sigI_obs         ? 
_reflns_shell.number_measured_all         ? 
_reflns_shell.number_measured_obs         ? 
_reflns_shell.number_possible             ? 
_reflns_shell.number_unique_all           ? 
_reflns_shell.number_unique_obs           924 
_reflns_shell.percent_possible_all        ? 
_reflns_shell.percent_possible_obs        ? 
_reflns_shell.Rmerge_F_all                ? 
_reflns_shell.Rmerge_F_obs                ? 
_reflns_shell.Rmerge_I_all                ? 
_reflns_shell.Rmerge_I_obs                ? 
_reflns_shell.meanI_over_sigI_gt          ? 
_reflns_shell.meanI_over_uI_all           ? 
_reflns_shell.meanI_over_uI_gt            ? 
_reflns_shell.number_measured_gt          ? 
_reflns_shell.number_unique_gt            ? 
_reflns_shell.percent_possible_gt         ? 
_reflns_shell.Rmerge_F_gt                 ? 
_reflns_shell.Rmerge_I_gt                 ? 
_reflns_shell.pdbx_redundancy             ? 
_reflns_shell.pdbx_Rsym_value             ? 
_reflns_shell.pdbx_chi_squared            ? 
_reflns_shell.pdbx_netI_over_sigmaI_all   ? 
_reflns_shell.pdbx_netI_over_sigmaI_obs   ? 
_reflns_shell.pdbx_Rrim_I_all             ? 
_reflns_shell.pdbx_Rpim_I_all             ? 
_reflns_shell.pdbx_rejects                ? 
_reflns_shell.pdbx_ordinal                1 
_reflns_shell.pdbx_diffrn_id              1 
_reflns_shell.pdbx_CC_half                ? 
_reflns_shell.pdbx_R_split                ? 
# 
_refine.aniso_B[1][1]                            5.40 
_refine.aniso_B[1][2]                            0.00 
_refine.aniso_B[1][3]                            -0.00 
_refine.aniso_B[2][2]                            -3.67 
_refine.aniso_B[2][3]                            0.00 
_refine.aniso_B[3][3]                            -1.73 
_refine.B_iso_max                                ? 
_refine.B_iso_mean                               41.713 
_refine.B_iso_min                                ? 
_refine.correlation_coeff_Fo_to_Fc               0.927 
_refine.correlation_coeff_Fo_to_Fc_free          0.917 
_refine.details                                  ? 
_refine.diff_density_max                         ? 
_refine.diff_density_max_esd                     ? 
_refine.diff_density_min                         ? 
_refine.diff_density_min_esd                     ? 
_refine.diff_density_rms                         ? 
_refine.diff_density_rms_esd                     ? 
_refine.entry_id                                 6PJ7 
_refine.pdbx_refine_id                           'X-RAY DIFFRACTION' 
_refine.ls_abs_structure_details                 ? 
_refine.ls_abs_structure_Flack                   ? 
_refine.ls_abs_structure_Flack_esd               ? 
_refine.ls_abs_structure_Rogers                  ? 
_refine.ls_abs_structure_Rogers_esd              ? 
_refine.ls_d_res_high                            2.30 
_refine.ls_d_res_low                             50.01 
_refine.ls_extinction_coef                       ? 
_refine.ls_extinction_coef_esd                   ? 
_refine.ls_extinction_expression                 ? 
_refine.ls_extinction_method                     ? 
_refine.ls_goodness_of_fit_all                   ? 
_refine.ls_goodness_of_fit_all_esd               ? 
_refine.ls_goodness_of_fit_obs                   ? 
_refine.ls_goodness_of_fit_obs_esd               ? 
_refine.ls_hydrogen_treatment                    ? 
_refine.ls_matrix_type                           ? 
_refine.ls_number_constraints                    ? 
_refine.ls_number_parameters                     ? 
_refine.ls_number_reflns_all                     ? 
_refine.ls_number_reflns_obs                     9238 
_refine.ls_number_reflns_R_free                  478 
_refine.ls_number_reflns_R_work                  ? 
_refine.ls_number_restraints                     ? 
_refine.ls_percent_reflns_obs                    95.47 
_refine.ls_percent_reflns_R_free                 4.9 
_refine.ls_R_factor_all                          ? 
_refine.ls_R_factor_obs                          0.22956 
_refine.ls_R_factor_R_free                       0.24047 
_refine.ls_R_factor_R_free_error                 ? 
_refine.ls_R_factor_R_free_error_details         ? 
_refine.ls_R_factor_R_work                       0.22898 
_refine.ls_R_Fsqd_factor_obs                     ? 
_refine.ls_R_I_factor_obs                        ? 
_refine.ls_redundancy_reflns_all                 ? 
_refine.ls_redundancy_reflns_obs                 ? 
_refine.ls_restrained_S_all                      ? 
_refine.ls_restrained_S_obs                      ? 
_refine.ls_shift_over_esd_max                    ? 
_refine.ls_shift_over_esd_mean                   ? 
_refine.ls_structure_factor_coef                 ? 
_refine.ls_weighting_details                     ? 
_refine.ls_weighting_scheme                      ? 
_refine.ls_wR_factor_all                         ? 
_refine.ls_wR_factor_obs                         ? 
_refine.ls_wR_factor_R_free                      ? 
_refine.ls_wR_factor_R_work                      ? 
_refine.occupancy_max                            ? 
_refine.occupancy_min                            ? 
_refine.solvent_model_details                    ? 
_refine.solvent_model_param_bsol                 ? 
_refine.solvent_model_param_ksol                 ? 
_refine.ls_R_factor_gt                           ? 
_refine.ls_goodness_of_fit_gt                    ? 
_refine.ls_goodness_of_fit_ref                   ? 
_refine.ls_shift_over_su_max                     ? 
_refine.ls_shift_over_su_max_lt                  ? 
_refine.ls_shift_over_su_mean                    ? 
_refine.ls_shift_over_su_mean_lt                 ? 
_refine.pdbx_ls_sigma_I                          ? 
_refine.pdbx_ls_sigma_F                          ? 
_refine.pdbx_ls_sigma_Fsqd                       ? 
_refine.pdbx_data_cutoff_high_absF               ? 
_refine.pdbx_data_cutoff_high_rms_absF           ? 
_refine.pdbx_data_cutoff_low_absF                ? 
_refine.pdbx_isotropic_thermal_model             ? 
_refine.pdbx_ls_cross_valid_method               THROUGHOUT 
_refine.pdbx_method_to_determine_struct          'MOLECULAR REPLACEMENT' 
_refine.pdbx_starting_model                      5F5D 
_refine.pdbx_stereochemistry_target_values       ? 
_refine.pdbx_R_Free_selection_details            RANDOM 
_refine.pdbx_stereochem_target_val_spec_case     ? 
_refine.pdbx_overall_ESU_R                       0.367 
_refine.pdbx_overall_ESU_R_Free                  0.229 
_refine.pdbx_solvent_vdw_probe_radii             1.20 
_refine.pdbx_solvent_ion_probe_radii             0.80 
_refine.pdbx_solvent_shrinkage_radii             0.80 
_refine.pdbx_real_space_R                        ? 
_refine.pdbx_density_correlation                 ? 
_refine.pdbx_pd_number_of_powder_patterns        ? 
_refine.pdbx_pd_number_of_points                 ? 
_refine.pdbx_pd_meas_number_of_points            ? 
_refine.pdbx_pd_proc_ls_prof_R_factor            ? 
_refine.pdbx_pd_proc_ls_prof_wR_factor           ? 
_refine.pdbx_pd_Marquardt_correlation_coeff      ? 
_refine.pdbx_pd_Fsqrd_R_factor                   ? 
_refine.pdbx_pd_ls_matrix_band_width             ? 
_refine.pdbx_overall_phase_error                 ? 
_refine.pdbx_overall_SU_R_free_Cruickshank_DPI   ? 
_refine.pdbx_overall_SU_R_free_Blow_DPI          ? 
_refine.pdbx_overall_SU_R_Blow_DPI               ? 
_refine.pdbx_TLS_residual_ADP_flag               ? 
_refine.pdbx_diffrn_id                           1 
_refine.overall_SU_B                             11.484 
_refine.overall_SU_ML                            0.248 
_refine.overall_SU_R_Cruickshank_DPI             ? 
_refine.overall_SU_R_free                        ? 
_refine.overall_FOM_free_R_set                   ? 
_refine.overall_FOM_work_R_set                   ? 
_refine.pdbx_average_fsc_overall                 ? 
_refine.pdbx_average_fsc_work                    ? 
_refine.pdbx_average_fsc_free                    ? 
# 
_refine_hist.pdbx_refine_id                   'X-RAY DIFFRACTION' 
_refine_hist.cycle_id                         1 
_refine_hist.details                          ? 
_refine_hist.d_res_high                       2.30 
_refine_hist.d_res_low                        50.01 
_refine_hist.number_atoms_solvent             34 
_refine_hist.number_atoms_total               1491 
_refine_hist.number_reflns_all                ? 
_refine_hist.number_reflns_obs                ? 
_refine_hist.number_reflns_R_free             ? 
_refine_hist.number_reflns_R_work             ? 
_refine_hist.R_factor_all                     ? 
_refine_hist.R_factor_obs                     ? 
_refine_hist.R_factor_R_free                  ? 
_refine_hist.R_factor_R_work                  ? 
_refine_hist.pdbx_number_residues_total       ? 
_refine_hist.pdbx_B_iso_mean_ligand           ? 
_refine_hist.pdbx_B_iso_mean_solvent          ? 
_refine_hist.pdbx_number_atoms_protein        1457 
_refine_hist.pdbx_number_atoms_nucleic_acid   0 
_refine_hist.pdbx_number_atoms_ligand         0 
_refine_hist.pdbx_number_atoms_lipid          ? 
_refine_hist.pdbx_number_atoms_carb           ? 
_refine_hist.pdbx_pseudo_atom_details         ? 
# 
loop_
_refine_ls_restr.pdbx_refine_id 
_refine_ls_restr.criterion 
_refine_ls_restr.dev_ideal 
_refine_ls_restr.dev_ideal_target 
_refine_ls_restr.number 
_refine_ls_restr.rejects 
_refine_ls_restr.type 
_refine_ls_restr.weight 
_refine_ls_restr.pdbx_restraint_function 
'X-RAY DIFFRACTION' ? 0.016  0.019  1503 ? r_bond_refined_d             ? ? 
'X-RAY DIFFRACTION' ? ?      ?      ?    ? r_bond_other_d               ? ? 
'X-RAY DIFFRACTION' ? 1.684  1.923  2041 ? r_angle_refined_deg          ? ? 
'X-RAY DIFFRACTION' ? ?      ?      ?    ? r_angle_other_deg            ? ? 
'X-RAY DIFFRACTION' ? 6.727  5.000  180  ? r_dihedral_angle_1_deg       ? ? 
'X-RAY DIFFRACTION' ? 32.625 21.897 58   ? r_dihedral_angle_2_deg       ? ? 
'X-RAY DIFFRACTION' ? 15.747 15.000 237  ? r_dihedral_angle_3_deg       ? ? 
'X-RAY DIFFRACTION' ? 19.518 15.000 7    ? r_dihedral_angle_4_deg       ? ? 
'X-RAY DIFFRACTION' ? 0.117  0.200  222  ? r_chiral_restr               ? ? 
'X-RAY DIFFRACTION' ? 0.006  0.021  1112 ? r_gen_planes_refined         ? ? 
'X-RAY DIFFRACTION' ? ?      ?      ?    ? r_gen_planes_other           ? ? 
'X-RAY DIFFRACTION' ? ?      ?      ?    ? r_nbd_refined                ? ? 
'X-RAY DIFFRACTION' ? ?      ?      ?    ? r_nbd_other                  ? ? 
'X-RAY DIFFRACTION' ? ?      ?      ?    ? r_nbtor_refined              ? ? 
'X-RAY DIFFRACTION' ? ?      ?      ?    ? r_nbtor_other                ? ? 
'X-RAY DIFFRACTION' ? ?      ?      ?    ? r_xyhbond_nbd_refined        ? ? 
'X-RAY DIFFRACTION' ? ?      ?      ?    ? r_xyhbond_nbd_other          ? ? 
'X-RAY DIFFRACTION' ? ?      ?      ?    ? r_metal_ion_refined          ? ? 
'X-RAY DIFFRACTION' ? ?      ?      ?    ? r_metal_ion_other            ? ? 
'X-RAY DIFFRACTION' ? ?      ?      ?    ? r_symmetry_vdw_refined       ? ? 
'X-RAY DIFFRACTION' ? ?      ?      ?    ? r_symmetry_vdw_other         ? ? 
'X-RAY DIFFRACTION' ? ?      ?      ?    ? r_symmetry_hbond_refined     ? ? 
'X-RAY DIFFRACTION' ? ?      ?      ?    ? r_symmetry_hbond_other       ? ? 
'X-RAY DIFFRACTION' ? ?      ?      ?    ? r_symmetry_metal_ion_refined ? ? 
'X-RAY DIFFRACTION' ? ?      ?      ?    ? r_symmetry_metal_ion_other   ? ? 
'X-RAY DIFFRACTION' ? 3.258  3.894  729  ? r_mcbond_it                  ? ? 
'X-RAY DIFFRACTION' ? ?      ?      ?    ? r_mcbond_other               ? ? 
'X-RAY DIFFRACTION' ? 5.328  5.803  906  ? r_mcangle_it                 ? ? 
'X-RAY DIFFRACTION' ? ?      ?      ?    ? r_mcangle_other              ? ? 
'X-RAY DIFFRACTION' ? 4.340  4.385  773  ? r_scbond_it                  ? ? 
'X-RAY DIFFRACTION' ? ?      ?      ?    ? r_scbond_other               ? ? 
'X-RAY DIFFRACTION' ? ?      ?      ?    ? r_scangle_it                 ? ? 
'X-RAY DIFFRACTION' ? ?      ?      ?    ? r_scangle_other              ? ? 
'X-RAY DIFFRACTION' ? 11.841 37.219 6516 ? r_long_range_B_refined       ? ? 
'X-RAY DIFFRACTION' ? ?      ?      ?    ? r_long_range_B_other         ? ? 
'X-RAY DIFFRACTION' ? ?      ?      ?    ? r_rigid_bond_restr           ? ? 
'X-RAY DIFFRACTION' ? ?      ?      ?    ? r_sphericity_free            ? ? 
'X-RAY DIFFRACTION' ? ?      ?      ?    ? r_sphericity_bonded          ? ? 
# 
_refine_ls_shell.pdbx_refine_id                   'X-RAY DIFFRACTION' 
_refine_ls_shell.d_res_high                       2.300 
_refine_ls_shell.d_res_low                        2.360 
_refine_ls_shell.number_reflns_all                ? 
_refine_ls_shell.number_reflns_obs                ? 
_refine_ls_shell.number_reflns_R_free             37 
_refine_ls_shell.number_reflns_R_work             682 
_refine_ls_shell.percent_reflns_obs               95.11 
_refine_ls_shell.percent_reflns_R_free            ? 
_refine_ls_shell.R_factor_all                     ? 
_refine_ls_shell.R_factor_obs                     ? 
_refine_ls_shell.R_factor_R_free                  0.377 
_refine_ls_shell.R_factor_R_free_error            ? 
_refine_ls_shell.R_factor_R_work                  0.344 
_refine_ls_shell.redundancy_reflns_all            ? 
_refine_ls_shell.redundancy_reflns_obs            ? 
_refine_ls_shell.wR_factor_all                    ? 
_refine_ls_shell.wR_factor_obs                    ? 
_refine_ls_shell.wR_factor_R_free                 ? 
_refine_ls_shell.wR_factor_R_work                 ? 
_refine_ls_shell.pdbx_total_number_of_bins_used   20 
_refine_ls_shell.pdbx_phase_error                 ? 
_refine_ls_shell.pdbx_fsc_work                    ? 
_refine_ls_shell.pdbx_fsc_free                    ? 
# 
_struct.entry_id                     6PJ7 
_struct.title                        'Time-resolved structural snapshot of proteolysis by GlpG inside the membrane' 
_struct.pdbx_model_details           ? 
_struct.pdbx_formula_weight          ? 
_struct.pdbx_formula_weight_method   ? 
_struct.pdbx_model_type_details      ? 
_struct.pdbx_CASP_flag               N 
# 
_struct_keywords.entry_id        6PJ7 
_struct_keywords.text            'inhibitor complex, MEMBRANE PROTEIN, MEMBRANE PROTEIN-INHIBITOR complex' 
_struct_keywords.pdbx_keywords   'MEMBRANE PROTEIN/INHIBITOR' 
# 
loop_
_struct_asym.id 
_struct_asym.pdbx_blank_PDB_chainid_flag 
_struct_asym.pdbx_modified 
_struct_asym.entity_id 
_struct_asym.details 
A N N 1 ? 
B N N 2 ? 
C N N 3 ? 
D N N 3 ? 
# 
loop_
_struct_conf.conf_type_id 
_struct_conf.id 
_struct_conf.pdbx_PDB_helix_id 
_struct_conf.beg_label_comp_id 
_struct_conf.beg_label_asym_id 
_struct_conf.beg_label_seq_id 
_struct_conf.pdbx_beg_PDB_ins_code 
_struct_conf.end_label_comp_id 
_struct_conf.end_label_asym_id 
_struct_conf.end_label_seq_id 
_struct_conf.pdbx_end_PDB_ins_code 
_struct_conf.beg_auth_comp_id 
_struct_conf.beg_auth_asym_id 
_struct_conf.beg_auth_seq_id 
_struct_conf.end_auth_comp_id 
_struct_conf.end_auth_asym_id 
_struct_conf.end_auth_seq_id 
_struct_conf.pdbx_PDB_helix_class 
_struct_conf.details 
_struct_conf.pdbx_PDB_helix_length 
HELX_P HELX_P1  AA1 GLY A 29  ? GLY A 50  ? GLY A 94  GLY A 115 1 ? 22 
HELX_P HELX_P2  AA2 GLY A 50  ? ALA A 59  ? GLY A 115 ALA A 124 1 ? 10 
HELX_P HELX_P3  AA3 ASP A 63  ? LYS A 67  ? ASP A 128 LYS A 132 5 ? 5  
HELX_P HELX_P4  AA4 TRP A 71  ? HIS A 76  ? TRP A 136 HIS A 141 1 ? 6  
HELX_P HELX_P5  AA5 ALA A 77  ? MET A 79  ? ALA A 142 MET A 144 5 ? 3  
HELX_P HELX_P6  AA6 SER A 82  ? GLY A 105 ? SER A 147 GLY A 170 1 ? 24 
HELX_P HELX_P7  AA7 GLY A 105 ? GLY A 129 ? GLY A 170 GLY A 194 1 ? 25 
HELX_P HELX_P8  AA8 LEU A 135 ? ASP A 153 ? LEU A 200 ASP A 218 1 ? 19 
HELX_P HELX_P9  AA9 PRO A 154 ? GLY A 157 ? PRO A 219 GLY A 222 5 ? 4  
HELX_P HELX_P10 AB1 GLN A 161 ? PHE A 177 ? GLN A 226 PHE A 242 1 ? 17 
HELX_P HELX_P11 AB2 ALA A 185 ? SER A 204 ? ALA A 250 SER A 269 1 ? 20 
# 
_struct_conf_type.id          HELX_P 
_struct_conf_type.criteria    ? 
_struct_conf_type.reference   ? 
# 
_struct_sheet.id               AA1 
_struct_sheet.type             ? 
_struct_sheet.number_strands   2 
_struct_sheet.details          ? 
# 
_struct_sheet_order.sheet_id     AA1 
_struct_sheet_order.range_id_1   1 
_struct_sheet_order.range_id_2   2 
_struct_sheet_order.offset       ? 
_struct_sheet_order.sense        parallel 
# 
loop_
_struct_sheet_range.sheet_id 
_struct_sheet_range.id 
_struct_sheet_range.beg_label_comp_id 
_struct_sheet_range.beg_label_asym_id 
_struct_sheet_range.beg_label_seq_id 
_struct_sheet_range.pdbx_beg_PDB_ins_code 
_struct_sheet_range.end_label_comp_id 
_struct_sheet_range.end_label_asym_id 
_struct_sheet_range.end_label_seq_id 
_struct_sheet_range.pdbx_end_PDB_ins_code 
_struct_sheet_range.beg_auth_comp_id 
_struct_sheet_range.beg_auth_asym_id 
_struct_sheet_range.beg_auth_seq_id 
_struct_sheet_range.end_auth_comp_id 
_struct_sheet_range.end_auth_asym_id 
_struct_sheet_range.end_auth_seq_id 
AA1 1 PHE A 132 ? GLY A 133 ? PHE A 197 GLY A 198 
AA1 2 ARG B 2   ? MET B 3   ? ARG B 498 MET B 499 
# 
_pdbx_struct_sheet_hbond.sheet_id                AA1 
_pdbx_struct_sheet_hbond.range_id_1              1 
_pdbx_struct_sheet_hbond.range_id_2              2 
_pdbx_struct_sheet_hbond.range_1_label_atom_id   N 
_pdbx_struct_sheet_hbond.range_1_label_comp_id   GLY 
_pdbx_struct_sheet_hbond.range_1_label_asym_id   A 
_pdbx_struct_sheet_hbond.range_1_label_seq_id    133 
_pdbx_struct_sheet_hbond.range_1_PDB_ins_code    ? 
_pdbx_struct_sheet_hbond.range_1_auth_atom_id    N 
_pdbx_struct_sheet_hbond.range_1_auth_comp_id    GLY 
_pdbx_struct_sheet_hbond.range_1_auth_asym_id    A 
_pdbx_struct_sheet_hbond.range_1_auth_seq_id     198 
_pdbx_struct_sheet_hbond.range_2_label_atom_id   O 
_pdbx_struct_sheet_hbond.range_2_label_comp_id   ARG 
_pdbx_struct_sheet_hbond.range_2_label_asym_id   B 
_pdbx_struct_sheet_hbond.range_2_label_seq_id    2 
_pdbx_struct_sheet_hbond.range_2_PDB_ins_code    ? 
_pdbx_struct_sheet_hbond.range_2_auth_atom_id    O 
_pdbx_struct_sheet_hbond.range_2_auth_comp_id    ARG 
_pdbx_struct_sheet_hbond.range_2_auth_asym_id    B 
_pdbx_struct_sheet_hbond.range_2_auth_seq_id     498 
# 
_atom_sites.entry_id                    6PJ7 
_atom_sites.Cartn_transf_matrix[1][1]   ? 
_atom_sites.Cartn_transf_matrix[1][2]   ? 
_atom_sites.Cartn_transf_matrix[1][3]   ? 
_atom_sites.Cartn_transf_matrix[2][1]   ? 
_atom_sites.Cartn_transf_matrix[2][2]   ? 
_atom_sites.Cartn_transf_matrix[2][3]   ? 
_atom_sites.Cartn_transf_matrix[3][1]   ? 
_atom_sites.Cartn_transf_matrix[3][2]   ? 
_atom_sites.Cartn_transf_matrix[3][3]   ? 
_atom_sites.Cartn_transf_vector[1]      ? 
_atom_sites.Cartn_transf_vector[2]      ? 
_atom_sites.Cartn_transf_vector[3]      ? 
_atom_sites.fract_transf_matrix[1][1]   -0.00605243 
_atom_sites.fract_transf_matrix[1][2]   -0.00668502 
_atom_sites.fract_transf_matrix[1][3]   0.01085872 
_atom_sites.fract_transf_matrix[2][1]   -0.00090809 
_atom_sites.fract_transf_matrix[2][2]   0.00874040 
_atom_sites.fract_transf_matrix[2][3]   0.00487475 
_atom_sites.fract_transf_matrix[3][1]   -0.01433160 
_atom_sites.fract_transf_matrix[3][2]   0.00220806 
_atom_sites.fract_transf_matrix[3][3]   -0.00662878 
_atom_sites.fract_transf_vector[1]      0.052492 
_atom_sites.fract_transf_vector[2]      0.266878 
_atom_sites.fract_transf_vector[3]      0.017917 
_atom_sites.solution_primary            ? 
_atom_sites.solution_secondary          ? 
_atom_sites.solution_hydrogens          ? 
_atom_sites.special_details             ? 
# 
loop_
_atom_type.symbol 
C 
N 
O 
S 
# 
loop_
_atom_site.group_PDB 
_atom_site.id 
_atom_site.type_symbol 
_atom_site.label_atom_id 
_atom_site.label_alt_id 
_atom_site.label_comp_id 
_atom_site.label_asym_id 
_atom_site.label_entity_id 
_atom_site.label_seq_id 
_atom_site.pdbx_PDB_ins_code 
_atom_site.Cartn_x 
_atom_site.Cartn_y 
_atom_site.Cartn_z 
_atom_site.occupancy 
_atom_site.B_iso_or_equiv 
_atom_site.pdbx_formal_charge 
_atom_site.auth_seq_id 
_atom_site.auth_comp_id 
_atom_site.auth_asym_id 
_atom_site.auth_atom_id 
_atom_site.pdbx_PDB_model_num 
ATOM   1    N N   . ARG A 1 27  ? 12.560  -16.193 0.706   1.00 113.83 ? 92  ARG A N   1 
ATOM   2    C CA  . ARG A 1 27  ? 11.805  -15.103 0.007   1.00 110.61 ? 92  ARG A CA  1 
ATOM   3    C C   . ARG A 1 27  ? 11.954  -13.767 0.734   1.00 104.66 ? 92  ARG A C   1 
ATOM   4    O O   . ARG A 1 27  ? 10.983  -13.207 1.288   1.00 101.62 ? 92  ARG A O   1 
ATOM   5    C CB  . ARG A 1 27  ? 10.336  -15.484 -0.168  1.00 122.66 ? 92  ARG A CB  1 
ATOM   6    C CG  . ARG A 1 27  ? 9.540   -14.642 -1.168  1.00 138.68 ? 92  ARG A CG  1 
ATOM   7    C CD  . ARG A 1 27  ? 8.230   -15.354 -1.474  1.00 152.26 ? 92  ARG A CD  1 
ATOM   8    N NE  . ARG A 1 27  ? 7.572   -15.878 -0.269  1.00 145.55 ? 92  ARG A NE  1 
ATOM   9    C CZ  . ARG A 1 27  ? 6.398   -15.468 0.197   1.00 130.88 ? 92  ARG A CZ  1 
ATOM   10   N NH1 . ARG A 1 27  ? 5.894   -16.024 1.289   1.00 133.68 ? 92  ARG A NH1 1 
ATOM   11   N NH2 . ARG A 1 27  ? 5.719   -14.527 -0.436  1.00 112.89 ? 92  ARG A NH2 1 
ATOM   12   N N   . ALA A 1 28  ? 13.194  -13.275 0.704   1.00 88.22  ? 93  ALA A N   1 
ATOM   13   C CA  . ALA A 1 28  ? 13.559  -11.997 1.297   1.00 74.86  ? 93  ALA A CA  1 
ATOM   14   C C   . ALA A 1 28  ? 14.431  -11.145 0.344   1.00 60.43  ? 93  ALA A C   1 
ATOM   15   O O   . ALA A 1 28  ? 15.663  -11.270 0.314   1.00 55.87  ? 93  ALA A O   1 
ATOM   16   C CB  . ALA A 1 28  ? 14.246  -12.225 2.647   1.00 80.97  ? 93  ALA A CB  1 
ATOM   17   N N   . GLY A 1 29  ? 13.776  -10.303 -0.455  1.00 46.66  ? 94  GLY A N   1 
ATOM   18   C CA  . GLY A 1 29  ? 14.494  -9.404  -1.342  1.00 38.74  ? 94  GLY A CA  1 
ATOM   19   C C   . GLY A 1 29  ? 14.911  -8.120  -0.629  1.00 36.14  ? 94  GLY A C   1 
ATOM   20   O O   . GLY A 1 29  ? 14.469  -7.842  0.517   1.00 34.07  ? 94  GLY A O   1 
ATOM   21   N N   . PRO A 1 30  ? 15.760  -7.327  -1.291  1.00 31.55  ? 95  PRO A N   1 
ATOM   22   C CA  . PRO A 1 30  ? 16.200  -6.055  -0.727  1.00 32.33  ? 95  PRO A CA  1 
ATOM   23   C C   . PRO A 1 30  ? 15.045  -5.038  -0.560  1.00 35.65  ? 95  PRO A C   1 
ATOM   24   O O   . PRO A 1 30  ? 14.930  -4.420  0.508   1.00 39.31  ? 95  PRO A O   1 
ATOM   25   C CB  . PRO A 1 30  ? 17.240  -5.539  -1.746  1.00 32.04  ? 95  PRO A CB  1 
ATOM   26   C CG  . PRO A 1 30  ? 17.510  -6.659  -2.694  1.00 31.04  ? 95  PRO A CG  1 
ATOM   27   C CD  . PRO A 1 30  ? 16.375  -7.633  -2.599  1.00 29.95  ? 95  PRO A CD  1 
ATOM   28   N N   . VAL A 1 31  ? 14.199  -4.887  -1.592  1.00 34.66  ? 96  VAL A N   1 
ATOM   29   C CA  . VAL A 1 31  ? 13.074  -3.914  -1.564  1.00 35.03  ? 96  VAL A CA  1 
ATOM   30   C C   . VAL A 1 31  ? 12.028  -4.317  -0.511  1.00 33.12  ? 96  VAL A C   1 
ATOM   31   O O   . VAL A 1 31  ? 11.602  -3.472  0.288   1.00 34.42  ? 96  VAL A O   1 
ATOM   32   C CB  . VAL A 1 31  ? 12.403  -3.640  -2.949  1.00 32.11  ? 96  VAL A CB  1 
ATOM   33   C CG1 . VAL A 1 31  ? 11.193  -2.732  -2.781  1.00 29.87  ? 96  VAL A CG1 1 
ATOM   34   C CG2 . VAL A 1 31  ? 13.373  -3.029  -3.963  1.00 29.90  ? 96  VAL A CG2 1 
ATOM   35   N N   . THR A 1 32  ? 11.633  -5.587  -0.504  1.00 30.47  ? 97  THR A N   1 
ATOM   36   C CA  . THR A 1 32  ? 10.788  -6.102  0.589   1.00 32.71  ? 97  THR A CA  1 
ATOM   37   C C   . THR A 1 32  ? 11.259  -5.622  1.980   1.00 34.75  ? 97  THR A C   1 
ATOM   38   O O   . THR A 1 32  ? 10.515  -4.867  2.646   1.00 34.23  ? 97  THR A O   1 
ATOM   39   C CB  . THR A 1 32  ? 10.660  -7.635  0.524   1.00 31.90  ? 97  THR A CB  1 
ATOM   40   O OG1 . THR A 1 32  ? 10.322  -7.973  -0.821  1.00 29.54  ? 97  THR A OG1 1 
ATOM   41   C CG2 . THR A 1 32  ? 9.579   -8.167  1.516   1.00 27.91  ? 97  THR A CG2 1 
ATOM   42   N N   . TRP A 1 33  ? 12.494  -5.998  2.375   1.00 35.79  ? 98  TRP A N   1 
ATOM   43   C CA  . TRP A 1 33  ? 13.090  -5.589  3.689   1.00 32.88  ? 98  TRP A CA  1 
ATOM   44   C C   . TRP A 1 33  ? 13.360  -4.084  3.928   1.00 31.30  ? 98  TRP A C   1 
ATOM   45   O O   . TRP A 1 33  ? 13.220  -3.622  5.054   1.00 29.94  ? 98  TRP A O   1 
ATOM   46   C CB  . TRP A 1 33  ? 14.326  -6.433  4.047   1.00 31.82  ? 98  TRP A CB  1 
ATOM   47   C CG  . TRP A 1 33  ? 13.908  -7.792  4.456   1.00 31.61  ? 98  TRP A CG  1 
ATOM   48   C CD1 . TRP A 1 33  ? 13.812  -8.900  3.649   1.00 30.47  ? 98  TRP A CD1 1 
ATOM   49   C CD2 . TRP A 1 33  ? 13.421  -8.186  5.749   1.00 32.57  ? 98  TRP A CD2 1 
ATOM   50   N NE1 . TRP A 1 33  ? 13.319  -9.962  4.366   1.00 31.06  ? 98  TRP A NE1 1 
ATOM   51   C CE2 . TRP A 1 33  ? 13.073  -9.565  5.659   1.00 33.41  ? 98  TRP A CE2 1 
ATOM   52   C CE3 . TRP A 1 33  ? 13.255  -7.514  6.988   1.00 32.63  ? 98  TRP A CE3 1 
ATOM   53   C CZ2 . TRP A 1 33  ? 12.566  -10.301 6.777   1.00 31.40  ? 98  TRP A CZ2 1 
ATOM   54   C CZ3 . TRP A 1 33  ? 12.768  -8.235  8.089   1.00 30.46  ? 98  TRP A CZ3 1 
ATOM   55   C CH2 . TRP A 1 33  ? 12.422  -9.622  7.969   1.00 29.11  ? 98  TRP A CH2 1 
ATOM   56   N N   . VAL A 1 34  ? 13.765  -3.351  2.889   1.00 30.99  ? 99  VAL A N   1 
ATOM   57   C CA  . VAL A 1 34  ? 13.986  -1.898  2.965   1.00 31.48  ? 99  VAL A CA  1 
ATOM   58   C C   . VAL A 1 34  ? 12.641  -1.163  3.259   1.00 36.16  ? 99  VAL A C   1 
ATOM   59   O O   . VAL A 1 34  ? 12.584  -0.172  4.023   1.00 34.64  ? 99  VAL A O   1 
ATOM   60   C CB  . VAL A 1 34  ? 14.646  -1.386  1.647   1.00 31.59  ? 99  VAL A CB  1 
ATOM   61   C CG1 . VAL A 1 34  ? 14.635  0.137   1.517   1.00 28.82  ? 99  VAL A CG1 1 
ATOM   62   C CG2 . VAL A 1 34  ? 16.080  -1.886  1.530   1.00 31.04  ? 99  VAL A CG2 1 
ATOM   63   N N   . MET A 1 35  ? 11.555  -1.647  2.662   1.00 37.72  ? 100 MET A N   1 
ATOM   64   C CA  . MET A 1 35  ? 10.223  -1.117  2.971   1.00 36.65  ? 100 MET A CA  1 
ATOM   65   C C   . MET A 1 35  ? 9.817   -1.456  4.389   1.00 33.42  ? 100 MET A C   1 
ATOM   66   O O   . MET A 1 35  ? 9.365   -0.590  5.096   1.00 34.53  ? 100 MET A O   1 
ATOM   67   C CB  . MET A 1 35  ? 9.186   -1.646  1.996   1.00 40.01  ? 100 MET A CB  1 
ATOM   68   C CG  . MET A 1 35  ? 7.781   -1.042  2.131   1.00 50.10  ? 100 MET A CG  1 
ATOM   69   S SD  . MET A 1 35  ? 7.549   0.736   1.752   1.00 51.28  ? 100 MET A SD  1 
ATOM   70   C CE  . MET A 1 35  ? 8.648   0.983   0.325   1.00 41.90  ? 100 MET A CE  1 
ATOM   71   N N   . MET A 1 36  ? 10.021  -2.695  4.810   1.00 31.72  ? 101 MET A N   1 
ATOM   72   C CA  . MET A 1 36  ? 9.728   -3.061  6.187   1.00 35.53  ? 101 MET A CA  1 
ATOM   73   C C   . MET A 1 36  ? 10.528  -2.242  7.183   1.00 38.95  ? 101 MET A C   1 
ATOM   74   O O   . MET A 1 36  ? 9.988   -1.901  8.237   1.00 46.08  ? 101 MET A O   1 
ATOM   75   C CB  . MET A 1 36  ? 9.915   -4.554  6.463   1.00 34.69  ? 101 MET A CB  1 
ATOM   76   C CG  . MET A 1 36  ? 8.901   -5.376  5.697   1.00 39.01  ? 101 MET A CG  1 
ATOM   77   S SD  . MET A 1 36  ? 9.396   -7.080  5.481   1.00 44.99  ? 101 MET A SD  1 
ATOM   78   C CE  . MET A 1 36  ? 9.223   -7.708  7.141   1.00 38.96  ? 101 MET A CE  1 
ATOM   79   N N   . ILE A 1 37  ? 11.788  -1.928  6.868   1.00 33.70  ? 102 ILE A N   1 
ATOM   80   C CA  . ILE A 1 37  ? 12.636  -1.247  7.831   1.00 34.59  ? 102 ILE A CA  1 
ATOM   81   C C   . ILE A 1 37  ? 12.161  0.185   7.958   1.00 36.65  ? 102 ILE A C   1 
ATOM   82   O O   . ILE A 1 37  ? 12.017  0.689   9.081   1.00 37.35  ? 102 ILE A O   1 
ATOM   83   C CB  . ILE A 1 37  ? 14.142  -1.331  7.489   1.00 35.03  ? 102 ILE A CB  1 
ATOM   84   C CG1 . ILE A 1 37  ? 14.617  -2.795  7.471   1.00 34.21  ? 102 ILE A CG1 1 
ATOM   85   C CG2 . ILE A 1 37  ? 14.977  -0.465  8.445   1.00 33.48  ? 102 ILE A CG2 1 
ATOM   86   C CD1 . ILE A 1 37  ? 14.348  -3.596  8.748   1.00 36.06  ? 102 ILE A CD1 1 
ATOM   87   N N   . ALA A 1 38  ? 11.846  0.787   6.807   1.00 36.38  ? 103 ALA A N   1 
ATOM   88   C CA  . ALA A 1 38  ? 11.300  2.157   6.717   1.00 33.18  ? 103 ALA A CA  1 
ATOM   89   C C   . ALA A 1 38  ? 10.081  2.351   7.575   1.00 31.19  ? 103 ALA A C   1 
ATOM   90   O O   . ALA A 1 38  ? 9.987   3.339   8.297   1.00 32.65  ? 103 ALA A O   1 
ATOM   91   C CB  . ALA A 1 38  ? 10.975  2.513   5.281   1.00 33.91  ? 103 ALA A CB  1 
ATOM   92   N N   . CYS A 1 39  ? 9.168   1.391   7.506   1.00 31.92  ? 104 CYS A N   1 
ATOM   93   C CA  . CYS A 1 39  ? 7.910   1.447   8.214   1.00 33.22  ? 104 CYS A CA  1 
ATOM   94   C C   . CYS A 1 39  ? 8.150   1.416   9.698   1.00 36.90  ? 104 CYS A C   1 
ATOM   95   O O   . CYS A 1 39  ? 7.633   2.258   10.425  1.00 38.70  ? 104 CYS A O   1 
ATOM   96   C CB  . CYS A 1 39  ? 7.032   0.280   7.814   1.00 31.90  ? 104 CYS A CB  1 
ATOM   97   S SG  . CYS A 1 39  ? 6.207   0.576   6.252   1.00 33.98  ? 104 CYS A SG  1 
ATOM   98   N N   . VAL A 1 40  ? 8.944   0.434   10.126  1.00 38.55  ? 105 VAL A N   1 
ATOM   99   C CA  . VAL A 1 40  ? 9.423   0.319   11.498  1.00 36.71  ? 105 VAL A CA  1 
ATOM   100  C C   . VAL A 1 40  ? 10.233  1.546   12.002  1.00 33.92  ? 105 VAL A C   1 
ATOM   101  O O   . VAL A 1 40  ? 9.970   2.039   13.091  1.00 31.91  ? 105 VAL A O   1 
ATOM   102  C CB  . VAL A 1 40  ? 10.154  -1.020  11.722  1.00 38.30  ? 105 VAL A CB  1 
ATOM   103  C CG1 . VAL A 1 40  ? 10.829  -1.051  13.095  1.00 38.53  ? 105 VAL A CG1 1 
ATOM   104  C CG2 . VAL A 1 40  ? 9.144   -2.168  11.627  1.00 35.55  ? 105 VAL A CG2 1 
ATOM   105  N N   . VAL A 1 41  ? 11.189  2.035   11.216  1.00 32.78  ? 106 VAL A N   1 
ATOM   106  C CA  . VAL A 1 41  ? 11.892  3.292   11.529  1.00 31.27  ? 106 VAL A CA  1 
ATOM   107  C C   . VAL A 1 41  ? 10.907  4.444   11.739  1.00 33.03  ? 106 VAL A C   1 
ATOM   108  O O   . VAL A 1 41  ? 10.993  5.132   12.763  1.00 35.60  ? 106 VAL A O   1 
ATOM   109  C CB  . VAL A 1 41  ? 13.028  3.621   10.494  1.00 32.82  ? 106 VAL A CB  1 
ATOM   110  C CG1 . VAL A 1 41  ? 13.332  5.120   10.391  1.00 32.15  ? 106 VAL A CG1 1 
ATOM   111  C CG2 . VAL A 1 41  ? 14.298  2.851   10.842  1.00 30.55  ? 106 VAL A CG2 1 
ATOM   112  N N   . VAL A 1 42  ? 9.954   4.640   10.816  1.00 33.72  ? 107 VAL A N   1 
ATOM   113  C CA  . VAL A 1 42  ? 8.926   5.725   10.947  1.00 32.40  ? 107 VAL A CA  1 
ATOM   114  C C   . VAL A 1 42  ? 7.967   5.557   12.149  1.00 33.42  ? 107 VAL A C   1 
ATOM   115  O O   . VAL A 1 42  ? 7.672   6.517   12.869  1.00 38.76  ? 107 VAL A O   1 
ATOM   116  C CB  . VAL A 1 42  ? 8.195   6.006   9.597   1.00 31.32  ? 107 VAL A CB  1 
ATOM   117  C CG1 . VAL A 1 42  ? 7.003   6.939   9.744   1.00 27.30  ? 107 VAL A CG1 1 
ATOM   118  C CG2 . VAL A 1 42  ? 9.168   6.597   8.562   1.00 28.28  ? 107 VAL A CG2 1 
ATOM   119  N N   . PHE A 1 43  ? 7.513   4.342   12.392  1.00 35.62  ? 108 PHE A N   1 
ATOM   120  C CA  . PHE A 1 43  ? 6.642   4.059   13.519  1.00 35.58  ? 108 PHE A CA  1 
ATOM   121  C C   . PHE A 1 43  ? 7.309   4.326   14.886  1.00 41.83  ? 108 PHE A C   1 
ATOM   122  O O   . PHE A 1 43  ? 6.678   4.885   15.772  1.00 48.26  ? 108 PHE A O   1 
ATOM   123  C CB  . PHE A 1 43  ? 6.202   2.637   13.424  1.00 30.24  ? 108 PHE A CB  1 
ATOM   124  C CG  . PHE A 1 43  ? 5.226   2.239   14.471  1.00 35.46  ? 108 PHE A CG  1 
ATOM   125  C CD1 . PHE A 1 43  ? 5.660   1.587   15.642  1.00 36.97  ? 108 PHE A CD1 1 
ATOM   126  C CD2 . PHE A 1 43  ? 3.839   2.483   14.295  1.00 34.02  ? 108 PHE A CD2 1 
ATOM   127  C CE1 . PHE A 1 43  ? 4.719   1.196   16.602  1.00 36.29  ? 108 PHE A CE1 1 
ATOM   128  C CE2 . PHE A 1 43  ? 2.904   2.089   15.244  1.00 32.42  ? 108 PHE A CE2 1 
ATOM   129  C CZ  . PHE A 1 43  ? 3.346   1.450   16.399  1.00 34.39  ? 108 PHE A CZ  1 
ATOM   130  N N   . ILE A 1 44  ? 8.560   3.906   15.062  1.00 42.96  ? 109 ILE A N   1 
ATOM   131  C CA  . ILE A 1 44  ? 9.377   4.299   16.225  1.00 45.34  ? 109 ILE A CA  1 
ATOM   132  C C   . ILE A 1 44  ? 9.393   5.854   16.439  1.00 45.13  ? 109 ILE A C   1 
ATOM   133  O O   . ILE A 1 44  ? 9.091   6.345   17.531  1.00 42.31  ? 109 ILE A O   1 
ATOM   134  C CB  . ILE A 1 44  ? 10.820  3.716   16.086  1.00 44.31  ? 109 ILE A CB  1 
ATOM   135  C CG1 . ILE A 1 44  ? 10.809  2.196   16.314  1.00 41.79  ? 109 ILE A CG1 1 
ATOM   136  C CG2 . ILE A 1 44  ? 11.869  4.474   16.934  1.00 41.29  ? 109 ILE A CG2 1 
ATOM   137  C CD1 . ILE A 1 44  ? 12.160  1.545   16.021  1.00 39.37  ? 109 ILE A CD1 1 
ATOM   138  N N   . ALA A 1 45  ? 9.735   6.605   15.391  1.00 42.49  ? 110 ALA A N   1 
ATOM   139  C CA  . ALA A 1 45  ? 9.718   8.058   15.436  1.00 38.03  ? 110 ALA A CA  1 
ATOM   140  C C   . ALA A 1 45  ? 8.339   8.590   15.805  1.00 40.83  ? 110 ALA A C   1 
ATOM   141  O O   . ALA A 1 45  ? 8.227   9.531   16.582  1.00 42.98  ? 110 ALA A O   1 
ATOM   142  C CB  . ALA A 1 45  ? 10.173  8.635   14.122  1.00 38.14  ? 110 ALA A CB  1 
ATOM   143  N N   . MET A 1 46  ? 7.285   7.967   15.299  1.00 40.74  ? 111 MET A N   1 
ATOM   144  C CA  . MET A 1 46  ? 5.945   8.382   15.706  1.00 42.24  ? 111 MET A CA  1 
ATOM   145  C C   . MET A 1 46  ? 5.719   8.168   17.198  1.00 45.38  ? 111 MET A C   1 
ATOM   146  O O   . MET A 1 46  ? 5.004   8.937   17.828  1.00 50.08  ? 111 MET A O   1 
ATOM   147  C CB  . MET A 1 46  ? 4.852   7.690   14.898  1.00 40.28  ? 111 MET A CB  1 
ATOM   148  C CG  . MET A 1 46  ? 4.747   8.148   13.448  1.00 37.83  ? 111 MET A CG  1 
ATOM   149  S SD  . MET A 1 46  ? 3.560   7.169   12.518  1.00 39.52  ? 111 MET A SD  1 
ATOM   150  C CE  . MET A 1 46  ? 2.020   7.988   12.908  1.00 37.38  ? 111 MET A CE  1 
ATOM   151  N N   . GLN A 1 47  ? 6.350   7.144   17.766  1.00 48.31  ? 112 GLN A N   1 
ATOM   152  C CA  . GLN A 1 47  ? 6.222   6.840   19.204  1.00 50.90  ? 112 GLN A CA  1 
ATOM   153  C C   . GLN A 1 47  ? 7.019   7.826   20.106  1.00 55.42  ? 112 GLN A C   1 
ATOM   154  O O   . GLN A 1 47  ? 6.525   8.227   21.169  1.00 52.85  ? 112 GLN A O   1 
ATOM   155  C CB  . GLN A 1 47  ? 6.586   5.373   19.487  1.00 51.81  ? 112 GLN A CB  1 
ATOM   156  C CG  . GLN A 1 47  ? 5.779   4.308   18.700  1.00 58.89  ? 112 GLN A CG  1 
ATOM   157  C CD  . GLN A 1 47  ? 4.277   4.623   18.576  1.00 60.89  ? 112 GLN A CD  1 
ATOM   158  O OE1 . GLN A 1 47  ? 3.832   5.174   17.566  1.00 61.39  ? 112 GLN A OE1 1 
ATOM   159  N NE2 . GLN A 1 47  ? 3.503   4.303   19.621  1.00 59.63  ? 112 GLN A NE2 1 
ATOM   160  N N   . ILE A 1 48  ? 8.225   8.225   19.668  1.00 53.43  ? 113 ILE A N   1 
ATOM   161  C CA  . ILE A 1 48  ? 9.041   9.228   20.373  1.00 53.51  ? 113 ILE A CA  1 
ATOM   162  C C   . ILE A 1 48  ? 8.365   10.606  20.342  1.00 50.11  ? 113 ILE A C   1 
ATOM   163  O O   . ILE A 1 48  ? 8.217   11.276  21.366  1.00 49.00  ? 113 ILE A O   1 
ATOM   164  C CB  . ILE A 1 48  ? 10.480  9.361   19.787  1.00 58.08  ? 113 ILE A CB  1 
ATOM   165  C CG1 . ILE A 1 48  ? 11.158  7.989   19.641  1.00 64.24  ? 113 ILE A CG1 1 
ATOM   166  C CG2 . ILE A 1 48  ? 11.356  10.281  20.643  1.00 52.43  ? 113 ILE A CG2 1 
ATOM   167  C CD1 . ILE A 1 48  ? 12.322  7.976   18.653  1.00 69.55  ? 113 ILE A CD1 1 
ATOM   168  N N   . LEU A 1 49  ? 7.950   11.011  19.155  1.00 46.89  ? 114 LEU A N   1 
ATOM   169  C CA  . LEU A 1 49  ? 7.502   12.376  18.912  1.00 39.18  ? 114 LEU A CA  1 
ATOM   170  C C   . LEU A 1 49  ? 5.993   12.534  18.936  1.00 37.08  ? 114 LEU A C   1 
ATOM   171  O O   . LEU A 1 49  ? 5.506   13.639  19.046  1.00 39.87  ? 114 LEU A O   1 
ATOM   172  C CB  . LEU A 1 49  ? 8.050   12.846  17.569  1.00 38.90  ? 114 LEU A CB  1 
ATOM   173  C CG  . LEU A 1 49  ? 9.548   12.707  17.316  1.00 39.53  ? 114 LEU A CG  1 
ATOM   174  C CD1 . LEU A 1 49  ? 9.852   13.095  15.889  1.00 36.77  ? 114 LEU A CD1 1 
ATOM   175  C CD2 . LEU A 1 49  ? 10.313  13.598  18.295  1.00 42.34  ? 114 LEU A CD2 1 
ATOM   176  N N   . GLY A 1 50  ? 5.253   11.434  18.844  1.00 41.82  ? 115 GLY A N   1 
ATOM   177  C CA  . GLY A 1 50  ? 3.794   11.472  18.627  1.00 40.62  ? 115 GLY A CA  1 
ATOM   178  C C   . GLY A 1 50  ? 3.363   11.575  17.165  1.00 37.60  ? 115 GLY A C   1 
ATOM   179  O O   . GLY A 1 50  ? 4.111   12.118  16.315  1.00 32.80  ? 115 GLY A O   1 
ATOM   180  N N   . ASP A 1 51  ? 2.138   11.093  16.908  1.00 35.66  ? 116 ASP A N   1 
ATOM   181  C CA  . ASP A 1 51  ? 1.517   11.060  15.583  1.00 34.81  ? 116 ASP A CA  1 
ATOM   182  C C   . ASP A 1 51  ? 1.610   12.395  14.845  1.00 36.98  ? 116 ASP A C   1 
ATOM   183  O O   . ASP A 1 51  ? 2.322   12.488  13.828  1.00 32.07  ? 116 ASP A O   1 
ATOM   184  C CB  . ASP A 1 51  ? 0.070   10.543  15.694  1.00 37.25  ? 116 ASP A CB  1 
ATOM   185  C CG  . ASP A 1 51  ? 0.007   9.050   16.071  1.00 40.73  ? 116 ASP A CG  1 
ATOM   186  O OD1 . ASP A 1 51  ? 1.058   8.378   16.081  1.00 45.84  ? 116 ASP A OD1 1 
ATOM   187  O OD2 . ASP A 1 51  ? -1.075  8.525   16.367  1.00 41.94  ? 116 ASP A OD2 1 
ATOM   188  N N   . GLN A 1 52  ? 0.965   13.426  15.419  1.00 40.39  ? 117 GLN A N   1 
ATOM   189  C CA  . GLN A 1 52  ? 0.741   14.735  14.791  1.00 42.83  ? 117 GLN A CA  1 
ATOM   190  C C   . GLN A 1 52  ? 2.046   15.279  14.267  1.00 41.01  ? 117 GLN A C   1 
ATOM   191  O O   . GLN A 1 52  ? 2.124   15.859  13.163  1.00 38.57  ? 117 GLN A O   1 
ATOM   192  C CB  . GLN A 1 52  ? 0.136   15.744  15.794  1.00 52.16  ? 117 GLN A CB  1 
ATOM   193  C CG  . GLN A 1 52  ? -1.343  15.562  16.139  1.00 65.35  ? 117 GLN A CG  1 
ATOM   194  C CD  . GLN A 1 52  ? -1.647  14.244  16.854  1.00 74.82  ? 117 GLN A CD  1 
ATOM   195  O OE1 . GLN A 1 52  ? -1.132  13.997  17.949  1.00 82.87  ? 117 GLN A OE1 1 
ATOM   196  N NE2 . GLN A 1 52  ? -2.479  13.384  16.229  1.00 75.84  ? 117 GLN A NE2 1 
ATOM   197  N N   . GLU A 1 53  ? 3.073   15.062  15.080  1.00 38.67  ? 118 GLU A N   1 
ATOM   198  C CA  . GLU A 1 53  ? 4.364   15.661  14.876  1.00 38.35  ? 118 GLU A CA  1 
ATOM   199  C C   . GLU A 1 53  ? 5.007   15.105  13.598  1.00 33.97  ? 118 GLU A C   1 
ATOM   200  O O   . GLU A 1 53  ? 5.572   15.864  12.791  1.00 30.70  ? 118 GLU A O   1 
ATOM   201  C CB  . GLU A 1 53  ? 5.218   15.423  16.136  1.00 43.27  ? 118 GLU A CB  1 
ATOM   202  C CG  . GLU A 1 53  ? 6.721   15.624  15.985  1.00 54.30  ? 118 GLU A CG  1 
ATOM   203  C CD  . GLU A 1 53  ? 7.127   16.939  15.337  1.00 65.29  ? 118 GLU A CD  1 
ATOM   204  O OE1 . GLU A 1 53  ? 6.241   17.720  14.890  1.00 71.86  ? 118 GLU A OE1 1 
ATOM   205  O OE2 . GLU A 1 53  ? 8.355   17.187  15.266  1.00 74.13  ? 118 GLU A OE2 1 
ATOM   206  N N   . VAL A 1 54  ? 4.921   13.783  13.429  1.00 30.29  ? 119 VAL A N   1 
ATOM   207  C CA  . VAL A 1 54  ? 5.401   13.092  12.208  1.00 29.85  ? 119 VAL A CA  1 
ATOM   208  C C   . VAL A 1 54  ? 4.418   13.366  11.070  1.00 28.23  ? 119 VAL A C   1 
ATOM   209  O O   . VAL A 1 54  ? 4.825   13.719  9.957   1.00 28.58  ? 119 VAL A O   1 
ATOM   210  C CB  . VAL A 1 54  ? 5.626   11.566  12.440  1.00 28.52  ? 119 VAL A CB  1 
ATOM   211  C CG1 . VAL A 1 54  ? 5.808   10.821  11.130  1.00 24.54  ? 119 VAL A CG1 1 
ATOM   212  C CG2 . VAL A 1 54  ? 6.808   11.347  13.398  1.00 27.45  ? 119 VAL A CG2 1 
ATOM   213  N N   . MET A 1 55  ? 3.132   13.278  11.396  1.00 27.60  ? 120 MET A N   1 
ATOM   214  C CA  . MET A 1 55  ? 2.055   13.598  10.459  1.00 30.25  ? 120 MET A CA  1 
ATOM   215  C C   . MET A 1 55  ? 2.233   14.934  9.736   1.00 29.93  ? 120 MET A C   1 
ATOM   216  O O   . MET A 1 55  ? 2.003   15.007  8.528   1.00 30.11  ? 120 MET A O   1 
ATOM   217  C CB  . MET A 1 55  ? 0.704   13.593  11.158  1.00 33.40  ? 120 MET A CB  1 
ATOM   218  C CG  . MET A 1 55  ? 0.140   12.212  11.275  1.00 42.04  ? 120 MET A CG  1 
ATOM   219  S SD  . MET A 1 55  ? -1.632  12.327  11.161  1.00 57.24  ? 120 MET A SD  1 
ATOM   220  C CE  . MET A 1 55  ? -2.039  12.162  12.911  1.00 55.47  ? 120 MET A CE  1 
ATOM   221  N N   . LEU A 1 56  ? 2.640   15.972  10.472  1.00 26.71  ? 121 LEU A N   1 
ATOM   222  C CA  . LEU A 1 56  ? 2.789   17.294  9.916   1.00 25.43  ? 121 LEU A CA  1 
ATOM   223  C C   . LEU A 1 56  ? 3.884   17.314  8.921   1.00 26.53  ? 121 LEU A C   1 
ATOM   224  O O   . LEU A 1 56  ? 3.872   18.162  8.030   1.00 28.28  ? 121 LEU A O   1 
ATOM   225  C CB  . LEU A 1 56  ? 3.047   18.340  11.009  1.00 27.70  ? 121 LEU A CB  1 
ATOM   226  C CG  . LEU A 1 56  ? 1.874   18.769  11.919  1.00 25.07  ? 121 LEU A CG  1 
ATOM   227  C CD1 . LEU A 1 56  ? 2.485   19.375  13.177  1.00 25.79  ? 121 LEU A CD1 1 
ATOM   228  C CD2 . LEU A 1 56  ? 0.923   19.733  11.201  1.00 23.92  ? 121 LEU A CD2 1 
ATOM   229  N N   . TRP A 1 57  ? 4.815   16.364  9.029   1.00 29.99  ? 122 TRP A N   1 
ATOM   230  C CA  . TRP A 1 57  ? 5.968   16.318  8.101   1.00 31.00  ? 122 TRP A CA  1 
ATOM   231  C C   . TRP A 1 57  ? 5.877   15.308  6.901   1.00 32.17  ? 122 TRP A C   1 
ATOM   232  O O   . TRP A 1 57  ? 6.525   15.521  5.822   1.00 29.32  ? 122 TRP A O   1 
ATOM   233  C CB  . TRP A 1 57  ? 7.288   16.215  8.892   1.00 31.19  ? 122 TRP A CB  1 
ATOM   234  C CG  . TRP A 1 57  ? 7.637   17.544  9.565   1.00 30.62  ? 122 TRP A CG  1 
ATOM   235  C CD1 . TRP A 1 57  ? 7.514   17.841  10.889  1.00 30.71  ? 122 TRP A CD1 1 
ATOM   236  C CD2 . TRP A 1 57  ? 8.115   18.740  8.930   1.00 27.94  ? 122 TRP A CD2 1 
ATOM   237  N NE1 . TRP A 1 57  ? 7.918   19.134  11.122  1.00 31.09  ? 122 TRP A NE1 1 
ATOM   238  C CE2 . TRP A 1 57  ? 8.285   19.709  9.940   1.00 27.68  ? 122 TRP A CE2 1 
ATOM   239  C CE3 . TRP A 1 57  ? 8.415   19.081  7.605   1.00 30.91  ? 122 TRP A CE3 1 
ATOM   240  C CZ2 . TRP A 1 57  ? 8.717   21.004  9.682   1.00 28.03  ? 122 TRP A CZ2 1 
ATOM   241  C CZ3 . TRP A 1 57  ? 8.883   20.375  7.330   1.00 31.23  ? 122 TRP A CZ3 1 
ATOM   242  C CH2 . TRP A 1 57  ? 9.021   21.328  8.375   1.00 30.17  ? 122 TRP A CH2 1 
ATOM   243  N N   . LEU A 1 58  ? 5.032   14.279  7.059   1.00 30.30  ? 123 LEU A N   1 
ATOM   244  C CA  . LEU A 1 58  ? 5.018   13.158  6.101   1.00 35.01  ? 123 LEU A CA  1 
ATOM   245  C C   . LEU A 1 58  ? 3.738   12.996  5.278   1.00 35.23  ? 123 LEU A C   1 
ATOM   246  O O   . LEU A 1 58  ? 3.769   12.599  4.066   1.00 30.79  ? 123 LEU A O   1 
ATOM   247  C CB  . LEU A 1 58  ? 5.351   11.840  6.800   1.00 37.41  ? 123 LEU A CB  1 
ATOM   248  C CG  . LEU A 1 58  ? 6.728   11.673  7.488   1.00 39.69  ? 123 LEU A CG  1 
ATOM   249  C CD1 . LEU A 1 58  ? 6.898   10.203  7.823   1.00 40.77  ? 123 LEU A CD1 1 
ATOM   250  C CD2 . LEU A 1 58  ? 7.938   12.225  6.726   1.00 35.82  ? 123 LEU A CD2 1 
ATOM   251  N N   . ALA A 1 59  ? 2.630   13.313  5.950   1.00 32.11  ? 124 ALA A N   1 
ATOM   252  C CA  . ALA A 1 59  ? 1.313   13.404  5.324   1.00 29.52  ? 124 ALA A CA  1 
ATOM   253  C C   . ALA A 1 59  ? 1.295   14.206  3.988   1.00 28.09  ? 124 ALA A C   1 
ATOM   254  O O   . ALA A 1 59  ? 2.115   15.116  3.762   1.00 25.82  ? 124 ALA A O   1 
ATOM   255  C CB  . ALA A 1 59  ? 0.286   13.926  6.327   1.00 29.10  ? 124 ALA A CB  1 
ATOM   256  N N   . TRP A 1 60  ? 0.442   13.741  3.076   1.00 26.54  ? 125 TRP A N   1 
ATOM   257  C CA  . TRP A 1 60  ? 0.044   14.451  1.861   1.00 27.11  ? 125 TRP A CA  1 
ATOM   258  C C   . TRP A 1 60  ? -0.152  15.995  2.098   1.00 25.43  ? 125 TRP A C   1 
ATOM   259  O O   . TRP A 1 60  ? -0.689  16.396  3.116   1.00 21.94  ? 125 TRP A O   1 
ATOM   260  C CB  . TRP A 1 60  ? -1.283  13.809  1.417   1.00 27.29  ? 125 TRP A CB  1 
ATOM   261  C CG  . TRP A 1 60  ? -1.661  14.145  0.082   1.00 28.18  ? 125 TRP A CG  1 
ATOM   262  C CD1 . TRP A 1 60  ? -2.301  15.260  -0.320  1.00 27.60  ? 125 TRP A CD1 1 
ATOM   263  C CD2 . TRP A 1 60  ? -1.399  13.358  -1.100  1.00 31.42  ? 125 TRP A CD2 1 
ATOM   264  N NE1 . TRP A 1 60  ? -2.455  15.254  -1.698  1.00 28.67  ? 125 TRP A NE1 1 
ATOM   265  C CE2 . TRP A 1 60  ? -1.912  14.098  -2.207  1.00 30.16  ? 125 TRP A CE2 1 
ATOM   266  C CE3 . TRP A 1 60  ? -0.752  12.109  -1.333  1.00 28.70  ? 125 TRP A CE3 1 
ATOM   267  C CZ2 . TRP A 1 60  ? -1.840  13.622  -3.536  1.00 27.87  ? 125 TRP A CZ2 1 
ATOM   268  C CZ3 . TRP A 1 60  ? -0.651  11.651  -2.637  1.00 27.74  ? 125 TRP A CZ3 1 
ATOM   269  C CH2 . TRP A 1 60  ? -1.194  12.415  -3.735  1.00 30.95  ? 125 TRP A CH2 1 
ATOM   270  N N   . PRO A 1 61  ? 0.271   16.857  1.149   1.00 26.10  ? 126 PRO A N   1 
ATOM   271  C CA  . PRO A 1 61  ? 0.206   18.304  1.457   1.00 24.74  ? 126 PRO A CA  1 
ATOM   272  C C   . PRO A 1 61  ? -1.220  18.766  1.783   1.00 27.01  ? 126 PRO A C   1 
ATOM   273  O O   . PRO A 1 61  ? -2.146  18.529  0.990   1.00 27.21  ? 126 PRO A O   1 
ATOM   274  C CB  . PRO A 1 61  ? 0.686   18.995  0.158   1.00 24.50  ? 126 PRO A CB  1 
ATOM   275  C CG  . PRO A 1 61  ? 1.222   17.920  -0.737  1.00 25.74  ? 126 PRO A CG  1 
ATOM   276  C CD  . PRO A 1 61  ? 0.746   16.575  -0.228  1.00 25.85  ? 126 PRO A CD  1 
ATOM   277  N N   . PHE A 1 62  ? -1.406  19.402  2.938   1.00 27.26  ? 127 PHE A N   1 
ATOM   278  C CA  . PHE A 1 62  ? -2.724  19.934  3.285   1.00 30.33  ? 127 PHE A CA  1 
ATOM   279  C C   . PHE A 1 62  ? -2.934  21.330  2.698   1.00 30.26  ? 127 PHE A C   1 
ATOM   280  O O   . PHE A 1 62  ? -4.032  21.886  2.732   1.00 30.40  ? 127 PHE A O   1 
ATOM   281  C CB  . PHE A 1 62  ? -2.981  19.915  4.813   1.00 32.31  ? 127 PHE A CB  1 
ATOM   282  C CG  . PHE A 1 62  ? -2.465  21.136  5.556   1.00 29.25  ? 127 PHE A CG  1 
ATOM   283  C CD1 . PHE A 1 62  ? -1.147  21.190  6.000   1.00 29.03  ? 127 PHE A CD1 1 
ATOM   284  C CD2 . PHE A 1 62  ? -3.319  22.211  5.849   1.00 27.71  ? 127 PHE A CD2 1 
ATOM   285  C CE1 . PHE A 1 62  ? -0.684  22.324  6.690   1.00 29.52  ? 127 PHE A CE1 1 
ATOM   286  C CE2 . PHE A 1 62  ? -2.866  23.336  6.537   1.00 25.45  ? 127 PHE A CE2 1 
ATOM   287  C CZ  . PHE A 1 62  ? -1.554  23.395  6.949   1.00 27.38  ? 127 PHE A CZ  1 
ATOM   288  N N   . ASP A 1 63  ? -1.866  21.882  2.163   1.00 30.32  ? 128 ASP A N   1 
ATOM   289  C CA  . ASP A 1 63  ? -1.861  23.256  1.789   1.00 30.81  ? 128 ASP A CA  1 
ATOM   290  C C   . ASP A 1 63  ? -1.176  23.309  0.430   1.00 28.61  ? 128 ASP A C   1 
ATOM   291  O O   . ASP A 1 63  ? -0.066  22.812  0.277   1.00 28.02  ? 128 ASP A O   1 
ATOM   292  C CB  . ASP A 1 63  ? -1.086  24.047  2.861   1.00 34.85  ? 128 ASP A CB  1 
ATOM   293  C CG  . ASP A 1 63  ? -1.322  25.545  2.778   1.00 37.48  ? 128 ASP A CG  1 
ATOM   294  O OD1 . ASP A 1 63  ? -1.511  26.054  1.644   1.00 35.83  ? 128 ASP A OD1 1 
ATOM   295  O OD2 . ASP A 1 63  ? -1.299  26.220  3.858   1.00 38.83  ? 128 ASP A OD2 1 
ATOM   296  N N   . PRO A 1 64  ? -1.844  23.901  -0.577  1.00 28.90  ? 129 PRO A N   1 
ATOM   297  C CA  . PRO A 1 64  ? -1.207  23.899  -1.899  1.00 27.80  ? 129 PRO A CA  1 
ATOM   298  C C   . PRO A 1 64  ? 0.189   24.545  -1.869  1.00 30.73  ? 129 PRO A C   1 
ATOM   299  O O   . PRO A 1 64  ? 1.008   24.306  -2.755  1.00 33.78  ? 129 PRO A O   1 
ATOM   300  C CB  . PRO A 1 64  ? -2.180  24.726  -2.741  1.00 25.36  ? 129 PRO A CB  1 
ATOM   301  C CG  . PRO A 1 64  ? -3.514  24.476  -2.107  1.00 24.97  ? 129 PRO A CG  1 
ATOM   302  C CD  . PRO A 1 64  ? -3.228  24.450  -0.627  1.00 25.65  ? 129 PRO A CD  1 
ATOM   303  N N   . THR A 1 65  ? 0.446   25.370  -0.859  1.00 30.40  ? 130 THR A N   1 
ATOM   304  C CA  . THR A 1 65  ? 1.751   25.993  -0.698  1.00 32.08  ? 130 THR A CA  1 
ATOM   305  C C   . THR A 1 65  ? 2.822   24.907  -0.446  1.00 33.10  ? 130 THR A C   1 
ATOM   306  O O   . THR A 1 65  ? 3.998   25.134  -0.761  1.00 30.81  ? 130 THR A O   1 
ATOM   307  C CB  . THR A 1 65  ? 1.798   26.997  0.491   1.00 32.98  ? 130 THR A CB  1 
ATOM   308  O OG1 . THR A 1 65  ? 0.628   27.822  0.525   1.00 35.73  ? 130 THR A OG1 1 
ATOM   309  C CG2 . THR A 1 65  ? 3.033   27.852  0.430   1.00 30.02  ? 130 THR A CG2 1 
ATOM   310  N N   . LEU A 1 66  ? 2.411   23.762  0.122   1.00 31.89  ? 131 LEU A N   1 
ATOM   311  C CA  . LEU A 1 66  ? 3.339   22.689  0.477   1.00 31.92  ? 131 LEU A CA  1 
ATOM   312  C C   . LEU A 1 66  ? 3.490   21.690  -0.656  1.00 33.77  ? 131 LEU A C   1 
ATOM   313  O O   . LEU A 1 66  ? 4.149   20.672  -0.478  1.00 39.34  ? 131 LEU A O   1 
ATOM   314  C CB  . LEU A 1 66  ? 2.899   21.960  1.757   1.00 29.57  ? 131 LEU A CB  1 
ATOM   315  C CG  . LEU A 1 66  ? 2.860   22.738  3.069   1.00 31.95  ? 131 LEU A CG  1 
ATOM   316  C CD1 . LEU A 1 66  ? 2.397   21.790  4.141   1.00 30.70  ? 131 LEU A CD1 1 
ATOM   317  C CD2 . LEU A 1 66  ? 4.182   23.380  3.485   1.00 23.40  ? 131 LEU A CD2 1 
ATOM   318  N N   . LYS A 1 67  ? 2.897   21.978  -1.822  1.00 35.98  ? 132 LYS A N   1 
ATOM   319  C CA  . LYS A 1 67  ? 2.712   20.942  -2.848  1.00 37.23  ? 132 LYS A CA  1 
ATOM   320  C C   . LYS A 1 67  ? 4.042   20.506  -3.484  1.00 39.15  ? 132 LYS A C   1 
ATOM   321  O O   . LYS A 1 67  ? 4.123   19.424  -4.090  1.00 41.27  ? 132 LYS A O   1 
ATOM   322  C CB  . LYS A 1 67  ? 1.661   21.332  -3.899  1.00 36.01  ? 132 LYS A CB  1 
ATOM   323  C CG  . LYS A 1 67  ? 2.225   22.130  -5.062  1.00 39.71  ? 132 LYS A CG  1 
ATOM   324  C CD  . LYS A 1 67  ? 1.136   22.727  -5.922  1.00 44.16  ? 132 LYS A CD  1 
ATOM   325  C CE  . LYS A 1 67  ? 1.681   23.967  -6.594  1.00 50.37  ? 132 LYS A CE  1 
ATOM   326  N NZ  . LYS A 1 67  ? 1.600   25.135  -5.668  1.00 54.69  ? 132 LYS A NZ  1 
ATOM   327  N N   . PHE A 1 68  ? 5.078   21.329  -3.344  1.00 36.49  ? 133 PHE A N   1 
ATOM   328  C CA  . PHE A 1 68  ? 6.375   20.958  -3.880  1.00 34.96  ? 133 PHE A CA  1 
ATOM   329  C C   . PHE A 1 68  ? 7.209   20.230  -2.864  1.00 35.38  ? 133 PHE A C   1 
ATOM   330  O O   . PHE A 1 68  ? 8.410   20.025  -3.084  1.00 37.11  ? 133 PHE A O   1 
ATOM   331  C CB  . PHE A 1 68  ? 7.158   22.152  -4.405  1.00 36.89  ? 133 PHE A CB  1 
ATOM   332  C CG  . PHE A 1 68  ? 6.539   22.816  -5.598  1.00 39.02  ? 133 PHE A CG  1 
ATOM   333  C CD1 . PHE A 1 68  ? 6.147   24.167  -5.538  1.00 37.09  ? 133 PHE A CD1 1 
ATOM   334  C CD2 . PHE A 1 68  ? 6.349   22.107  -6.790  1.00 39.42  ? 133 PHE A CD2 1 
ATOM   335  C CE1 . PHE A 1 68  ? 5.585   24.788  -6.638  1.00 36.32  ? 133 PHE A CE1 1 
ATOM   336  C CE2 . PHE A 1 68  ? 5.783   22.742  -7.896  1.00 40.92  ? 133 PHE A CE2 1 
ATOM   337  C CZ  . PHE A 1 68  ? 5.402   24.082  -7.812  1.00 38.35  ? 133 PHE A CZ  1 
ATOM   338  N N   . GLU A 1 69  ? 6.587   19.827  -1.760  1.00 36.72  ? 134 GLU A N   1 
ATOM   339  C CA  . GLU A 1 69  ? 7.239   18.938  -0.801  1.00 38.04  ? 134 GLU A CA  1 
ATOM   340  C C   . GLU A 1 69  ? 7.013   17.460  -1.266  1.00 36.87  ? 134 GLU A C   1 
ATOM   341  O O   . GLU A 1 69  ? 6.345   16.670  -0.582  1.00 36.69  ? 134 GLU A O   1 
ATOM   342  C CB  . GLU A 1 69  ? 6.812   19.282  0.651   1.00 36.44  ? 134 GLU A CB  1 
ATOM   343  C CG  . GLU A 1 69  ? 7.425   20.606  1.184   1.00 37.18  ? 134 GLU A CG  1 
ATOM   344  C CD  . GLU A 1 69  ? 7.166   20.934  2.691   1.00 40.52  ? 134 GLU A CD  1 
ATOM   345  O OE1 . GLU A 1 69  ? 6.442   20.167  3.405   1.00 36.57  ? 134 GLU A OE1 1 
ATOM   346  O OE2 . GLU A 1 69  ? 7.692   21.991  3.185   1.00 36.37  ? 134 GLU A OE2 1 
ATOM   347  N N   . PHE A 1 70  ? 7.606   17.126  -2.429  1.00 35.37  ? 135 PHE A N   1 
ATOM   348  C CA  . PHE A 1 70  ? 7.385   15.888  -3.211  1.00 34.32  ? 135 PHE A CA  1 
ATOM   349  C C   . PHE A 1 70  ? 7.455   14.585  -2.447  1.00 33.04  ? 135 PHE A C   1 
ATOM   350  O O   . PHE A 1 70  ? 6.935   13.599  -2.955  1.00 34.44  ? 135 PHE A O   1 
ATOM   351  C CB  . PHE A 1 70  ? 8.413   15.718  -4.345  1.00 39.06  ? 135 PHE A CB  1 
ATOM   352  C CG  . PHE A 1 70  ? 8.511   16.886  -5.292  1.00 46.20  ? 135 PHE A CG  1 
ATOM   353  C CD1 . PHE A 1 70  ? 9.731   17.589  -5.429  1.00 44.69  ? 135 PHE A CD1 1 
ATOM   354  C CD2 . PHE A 1 70  ? 7.399   17.288  -6.078  1.00 47.71  ? 135 PHE A CD2 1 
ATOM   355  C CE1 . PHE A 1 70  ? 9.842   18.681  -6.306  1.00 48.73  ? 135 PHE A CE1 1 
ATOM   356  C CE2 . PHE A 1 70  ? 7.507   18.384  -6.958  1.00 50.32  ? 135 PHE A CE2 1 
ATOM   357  C CZ  . PHE A 1 70  ? 8.725   19.084  -7.068  1.00 52.59  ? 135 PHE A CZ  1 
ATOM   358  N N   . TRP A 1 71  ? 8.138   14.538  -1.291  1.00 28.11  ? 136 TRP A N   1 
ATOM   359  C CA  . TRP A 1 71  ? 8.190   13.294  -0.490  1.00 25.94  ? 136 TRP A CA  1 
ATOM   360  C C   . TRP A 1 71  ? 6.804   12.893  0.031   1.00 23.10  ? 136 TRP A C   1 
ATOM   361  O O   . TRP A 1 71  ? 6.452   11.727  -0.003  1.00 23.50  ? 136 TRP A O   1 
ATOM   362  C CB  . TRP A 1 71  ? 9.220   13.344  0.647   1.00 25.01  ? 136 TRP A CB  1 
ATOM   363  C CG  . TRP A 1 71  ? 8.979   14.431  1.666   1.00 27.68  ? 136 TRP A CG  1 
ATOM   364  C CD1 . TRP A 1 71  ? 8.284   14.313  2.851   1.00 28.07  ? 136 TRP A CD1 1 
ATOM   365  C CD2 . TRP A 1 71  ? 9.428   15.785  1.603   1.00 27.46  ? 136 TRP A CD2 1 
ATOM   366  N NE1 . TRP A 1 71  ? 8.285   15.515  3.514   1.00 27.43  ? 136 TRP A NE1 1 
ATOM   367  C CE2 . TRP A 1 71  ? 8.970   16.433  2.761   1.00 27.36  ? 136 TRP A CE2 1 
ATOM   368  C CE3 . TRP A 1 71  ? 10.192  16.516  0.675   1.00 33.55  ? 136 TRP A CE3 1 
ATOM   369  C CZ2 . TRP A 1 71  ? 9.236   17.783  3.018   1.00 30.76  ? 136 TRP A CZ2 1 
ATOM   370  C CZ3 . TRP A 1 71  ? 10.457  17.876  0.928   1.00 31.59  ? 136 TRP A CZ3 1 
ATOM   371  C CH2 . TRP A 1 71  ? 9.985   18.479  2.086   1.00 32.84  ? 136 TRP A CH2 1 
ATOM   372  N N   . ARG A 1 72  ? 6.040   13.893  0.459   1.00 22.35  ? 137 ARG A N   1 
ATOM   373  C CA  . ARG A 1 72  ? 4.693   13.764  0.975   1.00 21.10  ? 137 ARG A CA  1 
ATOM   374  C C   . ARG A 1 72  ? 3.748   12.813  0.168   1.00 21.96  ? 137 ARG A C   1 
ATOM   375  O O   . ARG A 1 72  ? 2.944   12.066  0.783   1.00 22.14  ? 137 ARG A O   1 
ATOM   376  C CB  . ARG A 1 72  ? 4.103   15.156  1.098   1.00 19.00  ? 137 ARG A CB  1 
ATOM   377  C CG  . ARG A 1 72  ? 4.828   16.012  2.115   1.00 19.82  ? 137 ARG A CG  1 
ATOM   378  C CD  . ARG A 1 72  ? 4.140   17.368  2.264   1.00 18.72  ? 137 ARG A CD  1 
ATOM   379  N NE  . ARG A 1 72  ? 4.694   18.179  3.348   1.00 19.11  ? 137 ARG A NE  1 
ATOM   380  C CZ  . ARG A 1 72  ? 4.296   18.139  4.631   1.00 19.29  ? 137 ARG A CZ  1 
ATOM   381  N NH1 . ARG A 1 72  ? 3.349   17.282  4.997   1.00 17.01  ? 137 ARG A NH1 1 
ATOM   382  N NH2 . ARG A 1 72  ? 4.853   18.956  5.556   1.00 17.54  ? 137 ARG A NH2 1 
ATOM   383  N N   . TYR A 1 73  ? 3.879   12.801  -1.167  1.00 21.41  ? 138 TYR A N   1 
ATOM   384  C CA  . TYR A 1 73  ? 3.061   11.943  -2.007  1.00 23.92  ? 138 TYR A CA  1 
ATOM   385  C C   . TYR A 1 73  ? 3.379   10.494  -1.847  1.00 24.87  ? 138 TYR A C   1 
ATOM   386  O O   . TYR A 1 73  ? 2.679   9.667   -2.398  1.00 27.08  ? 138 TYR A O   1 
ATOM   387  C CB  . TYR A 1 73  ? 3.221   12.318  -3.467  1.00 25.64  ? 138 TYR A CB  1 
ATOM   388  C CG  . TYR A 1 73  ? 2.940   13.743  -3.648  1.00 27.48  ? 138 TYR A CG  1 
ATOM   389  C CD1 . TYR A 1 73  ? 3.916   14.610  -4.181  1.00 29.12  ? 138 TYR A CD1 1 
ATOM   390  C CD2 . TYR A 1 73  ? 1.702   14.275  -3.230  1.00 29.00  ? 138 TYR A CD2 1 
ATOM   391  C CE1 . TYR A 1 73  ? 3.659   15.980  -4.315  1.00 29.83  ? 138 TYR A CE1 1 
ATOM   392  C CE2 . TYR A 1 73  ? 1.425   15.645  -3.364  1.00 31.43  ? 138 TYR A CE2 1 
ATOM   393  C CZ  . TYR A 1 73  ? 2.402   16.493  -3.889  1.00 30.87  ? 138 TYR A CZ  1 
ATOM   394  O OH  . TYR A 1 73  ? 2.080   17.822  -4.019  1.00 30.33  ? 138 TYR A OH  1 
ATOM   395  N N   . PHE A 1 74  ? 4.430   10.168  -1.108  1.00 25.18  ? 139 PHE A N   1 
ATOM   396  C CA  . PHE A 1 74  ? 4.791   8.780   -0.945  1.00 28.08  ? 139 PHE A CA  1 
ATOM   397  C C   . PHE A 1 74  ? 4.888   8.441   0.532   1.00 30.25  ? 139 PHE A C   1 
ATOM   398  O O   . PHE A 1 74  ? 4.538   7.290   0.965   1.00 29.87  ? 139 PHE A O   1 
ATOM   399  C CB  . PHE A 1 74  ? 6.096   8.469   -1.692  1.00 31.62  ? 139 PHE A CB  1 
ATOM   400  C CG  . PHE A 1 74  ? 6.070   8.859   -3.168  1.00 34.63  ? 139 PHE A CG  1 
ATOM   401  C CD1 . PHE A 1 74  ? 6.560   10.111  -3.591  1.00 33.10  ? 139 PHE A CD1 1 
ATOM   402  C CD2 . PHE A 1 74  ? 5.550   7.972   -4.147  1.00 35.82  ? 139 PHE A CD2 1 
ATOM   403  C CE1 . PHE A 1 74  ? 6.550   10.470  -4.943  1.00 35.21  ? 139 PHE A CE1 1 
ATOM   404  C CE2 . PHE A 1 74  ? 5.535   8.333   -5.515  1.00 37.46  ? 139 PHE A CE2 1 
ATOM   405  C CZ  . PHE A 1 74  ? 6.030   9.586   -5.912  1.00 35.29  ? 139 PHE A CZ  1 
ATOM   406  N N   . THR A 1 75  ? 5.325   9.435   1.320   1.00 26.74  ? 140 THR A N   1 
ATOM   407  C CA  . THR A 1 75  ? 5.682   9.140   2.703   1.00 25.77  ? 140 THR A CA  1 
ATOM   408  C C   . THR A 1 75  ? 4.481   8.858   3.559   1.00 24.59  ? 140 THR A C   1 
ATOM   409  O O   . THR A 1 75  ? 4.626   8.247   4.593   1.00 28.27  ? 140 THR A O   1 
ATOM   410  C CB  . THR A 1 75  ? 6.568   10.201  3.356   1.00 27.33  ? 140 THR A CB  1 
ATOM   411  O OG1 . THR A 1 75  ? 5.812   11.405  3.492   1.00 31.55  ? 140 THR A OG1 1 
ATOM   412  C CG2 . THR A 1 75  ? 7.888   10.460  2.522   1.00 26.06  ? 140 THR A CG2 1 
ATOM   413  N N   . HIS A 1 76  ? 3.297   9.294   3.145   1.00 23.92  ? 141 HIS A N   1 
ATOM   414  C CA  . HIS A 1 76  ? 2.057   8.911   3.850   1.00 24.10  ? 141 HIS A CA  1 
ATOM   415  C C   . HIS A 1 76  ? 1.984   7.380   4.063   1.00 25.70  ? 141 HIS A C   1 
ATOM   416  O O   . HIS A 1 76  ? 1.563   6.947   5.148   1.00 24.63  ? 141 HIS A O   1 
ATOM   417  C CB  . HIS A 1 76  ? 0.819   9.428   3.125   1.00 21.19  ? 141 HIS A CB  1 
ATOM   418  C CG  . HIS A 1 76  ? 0.707   8.933   1.709   1.00 20.24  ? 141 HIS A CG  1 
ATOM   419  N ND1 . HIS A 1 76  ? 0.080   7.741   1.380   1.00 17.74  ? 141 HIS A ND1 1 
ATOM   420  C CD2 . HIS A 1 76  ? 1.183   9.451   0.542   1.00 18.65  ? 141 HIS A CD2 1 
ATOM   421  C CE1 . HIS A 1 76  ? 0.167   7.560   0.072   1.00 17.89  ? 141 HIS A CE1 1 
ATOM   422  N NE2 . HIS A 1 76  ? 0.852   8.568   -0.457  1.00 16.94  ? 141 HIS A NE2 1 
ATOM   423  N N   . ALA A 1 77  ? 2.426   6.583   3.064   1.00 26.87  ? 142 ALA A N   1 
ATOM   424  C CA  . ALA A 1 77  ? 2.442   5.085   3.149   1.00 30.86  ? 142 ALA A CA  1 
ATOM   425  C C   . ALA A 1 77  ? 3.243   4.475   4.317   1.00 33.09  ? 142 ALA A C   1 
ATOM   426  O O   . ALA A 1 77  ? 3.078   3.315   4.674   1.00 35.36  ? 142 ALA A O   1 
ATOM   427  C CB  . ALA A 1 77  ? 2.915   4.456   1.839   1.00 29.24  ? 142 ALA A CB  1 
ATOM   428  N N   . LEU A 1 78  ? 4.137   5.256   4.900   1.00 36.98  ? 143 LEU A N   1 
ATOM   429  C CA  . LEU A 1 78  ? 5.056   4.729   5.895   1.00 33.04  ? 143 LEU A CA  1 
ATOM   430  C C   . LEU A 1 78  ? 4.460   4.819   7.274   1.00 31.67  ? 143 LEU A C   1 
ATOM   431  O O   . LEU A 1 78  ? 4.788   4.043   8.146   1.00 31.70  ? 143 LEU A O   1 
ATOM   432  C CB  . LEU A 1 78  ? 6.383   5.478   5.815   1.00 29.15  ? 143 LEU A CB  1 
ATOM   433  C CG  . LEU A 1 78  ? 7.147   5.213   4.514   1.00 29.82  ? 143 LEU A CG  1 
ATOM   434  C CD1 . LEU A 1 78  ? 8.533   5.861   4.555   1.00 26.32  ? 143 LEU A CD1 1 
ATOM   435  C CD2 . LEU A 1 78  ? 7.253   3.707   4.250   1.00 27.85  ? 143 LEU A CD2 1 
ATOM   436  N N   . MET A 1 79  ? 3.599   5.793   7.468   1.00 30.39  ? 144 MET A N   1 
ATOM   437  C CA  . MET A 1 79  ? 3.060   6.041   8.769   1.00 34.83  ? 144 MET A CA  1 
ATOM   438  C C   . MET A 1 79  ? 2.007   4.993   9.144   1.00 39.01  ? 144 MET A C   1 
ATOM   439  O O   . MET A 1 79  ? 1.064   4.749   8.389   1.00 40.63  ? 144 MET A O   1 
ATOM   440  C CB  . MET A 1 79  ? 2.459   7.443   8.836   1.00 36.78  ? 144 MET A CB  1 
ATOM   441  C CG  . MET A 1 79  ? 3.481   8.564   8.695   1.00 42.47  ? 144 MET A CG  1 
ATOM   442  S SD  . MET A 1 79  ? 2.655   10.144  8.913   1.00 42.93  ? 144 MET A SD  1 
ATOM   443  C CE  . MET A 1 79  ? 2.070   10.337  7.229   1.00 43.16  ? 144 MET A CE  1 
ATOM   444  N N   . HIS A 1 80  ? 2.178   4.368   10.308  1.00 41.07  ? 145 HIS A N   1 
ATOM   445  C CA  . HIS A 1 80  ? 1.110   3.564   10.907  1.00 44.53  ? 145 HIS A CA  1 
ATOM   446  C C   . HIS A 1 80  ? 0.757   4.077   12.306  1.00 45.28  ? 145 HIS A C   1 
ATOM   447  O O   . HIS A 1 80  ? 1.597   4.674   13.006  1.00 47.42  ? 145 HIS A O   1 
ATOM   448  C CB  . HIS A 1 80  ? 1.475   2.073   10.891  1.00 41.25  ? 145 HIS A CB  1 
ATOM   449  C CG  . HIS A 1 80  ? 1.682   1.541   9.511   1.00 38.42  ? 145 HIS A CG  1 
ATOM   450  N ND1 . HIS A 1 80  ? 2.857   1.726   8.815   1.00 36.77  ? 145 HIS A ND1 1 
ATOM   451  C CD2 . HIS A 1 80  ? 0.854   0.869   8.683   1.00 35.53  ? 145 HIS A CD2 1 
ATOM   452  C CE1 . HIS A 1 80  ? 2.750   1.168   7.621   1.00 35.58  ? 145 HIS A CE1 1 
ATOM   453  N NE2 . HIS A 1 80  ? 1.548   0.634   7.520   1.00 34.88  ? 145 HIS A NE2 1 
ATOM   454  N N   . PHE A 1 81  ? -0.491  3.858   12.693  1.00 45.85  ? 146 PHE A N   1 
ATOM   455  C CA  . PHE A 1 81  ? -1.025  4.506   13.880  1.00 54.27  ? 146 PHE A CA  1 
ATOM   456  C C   . PHE A 1 81  ? -1.290  3.521   15.014  1.00 58.87  ? 146 PHE A C   1 
ATOM   457  O O   . PHE A 1 81  ? -1.782  3.915   16.079  1.00 67.80  ? 146 PHE A O   1 
ATOM   458  C CB  . PHE A 1 81  ? -2.280  5.337   13.523  1.00 50.99  ? 146 PHE A CB  1 
ATOM   459  C CG  . PHE A 1 81  ? -2.023  6.424   12.488  1.00 51.80  ? 146 PHE A CG  1 
ATOM   460  C CD1 . PHE A 1 81  ? -2.309  6.198   11.136  1.00 47.39  ? 146 PHE A CD1 1 
ATOM   461  C CD2 . PHE A 1 81  ? -1.487  7.678   12.867  1.00 51.91  ? 146 PHE A CD2 1 
ATOM   462  C CE1 . PHE A 1 81  ? -2.065  7.173   10.196  1.00 42.76  ? 146 PHE A CE1 1 
ATOM   463  C CE2 . PHE A 1 81  ? -1.241  8.661   11.919  1.00 48.07  ? 146 PHE A CE2 1 
ATOM   464  C CZ  . PHE A 1 81  ? -1.536  8.402   10.585  1.00 48.73  ? 146 PHE A CZ  1 
ATOM   465  N N   . SER A 1 82  ? -0.951  2.252   14.777  1.00 56.19  ? 147 SER A N   1 
ATOM   466  C CA  . SER A 1 82  ? -1.195  1.162   15.725  1.00 55.06  ? 147 SER A CA  1 
ATOM   467  C C   . SER A 1 82  ? -0.239  0.034   15.368  1.00 54.23  ? 147 SER A C   1 
ATOM   468  O O   . SER A 1 82  ? 0.029   -0.208  14.181  1.00 54.47  ? 147 SER A O   1 
ATOM   469  C CB  . SER A 1 82  ? -2.656  0.699   15.655  1.00 51.93  ? 147 SER A CB  1 
ATOM   470  O OG  . SER A 1 82  ? -2.920  -0.412  16.482  1.00 54.80  ? 147 SER A OG  1 
ATOM   471  N N   . LEU A 1 83  ? 0.285   -0.639  16.391  1.00 49.30  ? 148 LEU A N   1 
ATOM   472  C CA  . LEU A 1 83  ? 1.260   -1.708  16.174  1.00 50.57  ? 148 LEU A CA  1 
ATOM   473  C C   . LEU A 1 83  ? 0.660   -2.869  15.374  1.00 51.92  ? 148 LEU A C   1 
ATOM   474  O O   . LEU A 1 83  ? 1.326   -3.456  14.505  1.00 51.38  ? 148 LEU A O   1 
ATOM   475  C CB  . LEU A 1 83  ? 1.885   -2.199  17.496  1.00 48.87  ? 148 LEU A CB  1 
ATOM   476  C CG  . LEU A 1 83  ? 2.922   -3.337  17.376  1.00 51.57  ? 148 LEU A CG  1 
ATOM   477  C CD1 . LEU A 1 83  ? 4.144   -2.941  16.550  1.00 53.42  ? 148 LEU A CD1 1 
ATOM   478  C CD2 . LEU A 1 83  ? 3.336   -3.931  18.712  1.00 52.21  ? 148 LEU A CD2 1 
ATOM   479  N N   . MET A 1 84  ? -0.600  -3.178  15.661  1.00 49.59  ? 149 MET A N   1 
ATOM   480  C CA  . MET A 1 84  ? -1.270  -4.235  14.954  1.00 55.45  ? 149 MET A CA  1 
ATOM   481  C C   . MET A 1 84  ? -1.254  -3.942  13.462  1.00 55.09  ? 149 MET A C   1 
ATOM   482  O O   . MET A 1 84  ? -0.960  -4.818  12.640  1.00 52.18  ? 149 MET A O   1 
ATOM   483  C CB  . MET A 1 84  ? -2.682  -4.448  15.492  1.00 58.52  ? 149 MET A CB  1 
ATOM   484  C CG  . MET A 1 84  ? -2.718  -5.062  16.883  1.00 75.66  ? 149 MET A CG  1 
ATOM   485  S SD  . MET A 1 84  ? -1.854  -6.654  17.086  1.00 97.38  ? 149 MET A SD  1 
ATOM   486  C CE  . MET A 1 84  ? -0.164  -6.178  17.477  1.00 93.38  ? 149 MET A CE  1 
ATOM   487  N N   . HIS A 1 85  ? -1.506  -2.676  13.148  1.00 55.58  ? 150 HIS A N   1 
ATOM   488  C CA  . HIS A 1 85  ? -1.596  -2.210  11.784  1.00 53.45  ? 150 HIS A CA  1 
ATOM   489  C C   . HIS A 1 85  ? -0.272  -2.311  11.047  1.00 48.22  ? 150 HIS A C   1 
ATOM   490  O O   . HIS A 1 85  ? -0.239  -2.860  9.958   1.00 53.23  ? 150 HIS A O   1 
ATOM   491  C CB  . HIS A 1 85  ? -2.162  -0.794  11.745  1.00 55.53  ? 150 HIS A CB  1 
ATOM   492  C CG  . HIS A 1 85  ? -3.609  -0.716  12.113  1.00 61.51  ? 150 HIS A CG  1 
ATOM   493  N ND1 . HIS A 1 85  ? -4.195  0.442   12.576  1.00 67.71  ? 150 HIS A ND1 1 
ATOM   494  C CD2 . HIS A 1 85  ? -4.594  -1.647  12.072  1.00 67.27  ? 150 HIS A CD2 1 
ATOM   495  C CE1 . HIS A 1 85  ? -5.479  0.223   12.800  1.00 72.84  ? 150 HIS A CE1 1 
ATOM   496  N NE2 . HIS A 1 85  ? -5.747  -1.036  12.499  1.00 72.57  ? 150 HIS A NE2 1 
ATOM   497  N N   . ILE A 1 86  ? 0.810   -1.814  11.634  1.00 41.72  ? 151 ILE A N   1 
ATOM   498  C CA  . ILE A 1 86  ? 2.129   -2.028  11.042  1.00 43.31  ? 151 ILE A CA  1 
ATOM   499  C C   . ILE A 1 86  ? 2.460   -3.544  10.899  1.00 49.28  ? 151 ILE A C   1 
ATOM   500  O O   . ILE A 1 86  ? 3.122   -3.942  9.949   1.00 62.94  ? 151 ILE A O   1 
ATOM   501  C CB  . ILE A 1 86  ? 3.242   -1.232  11.750  1.00 39.40  ? 151 ILE A CB  1 
ATOM   502  C CG1 . ILE A 1 86  ? 4.529   -1.299  10.957  1.00 41.49  ? 151 ILE A CG1 1 
ATOM   503  C CG2 . ILE A 1 86  ? 3.491   -1.734  13.169  1.00 42.33  ? 151 ILE A CG2 1 
ATOM   504  C CD1 . ILE A 1 86  ? 5.607   -0.355  11.450  1.00 48.30  ? 151 ILE A CD1 1 
ATOM   505  N N   . LEU A 1 87  ? 1.968   -4.388  11.799  1.00 46.55  ? 152 LEU A N   1 
ATOM   506  C CA  . LEU A 1 87  ? 2.256   -5.807  11.690  1.00 47.55  ? 152 LEU A CA  1 
ATOM   507  C C   . LEU A 1 87  ? 1.421   -6.462  10.604  1.00 43.34  ? 152 LEU A C   1 
ATOM   508  O O   . LEU A 1 87  ? 1.928   -7.225  9.801   1.00 42.40  ? 152 LEU A O   1 
ATOM   509  C CB  . LEU A 1 87  ? 2.082   -6.504  13.045  1.00 51.56  ? 152 LEU A CB  1 
ATOM   510  C CG  . LEU A 1 87  ? 3.315   -6.747  13.927  1.00 50.67  ? 152 LEU A CG  1 
ATOM   511  C CD1 . LEU A 1 87  ? 4.347   -5.617  13.916  1.00 46.43  ? 152 LEU A CD1 1 
ATOM   512  C CD2 . LEU A 1 87  ? 2.836   -7.055  15.339  1.00 54.58  ? 152 LEU A CD2 1 
ATOM   513  N N   . PHE A 1 88  ? 0.144   -6.136  10.572  1.00 44.48  ? 153 PHE A N   1 
ATOM   514  C CA  . PHE A 1 88  ? -0.771  -6.703  9.585   1.00 49.52  ? 153 PHE A CA  1 
ATOM   515  C C   . PHE A 1 88  ? -0.324  -6.335  8.172   1.00 49.89  ? 153 PHE A C   1 
ATOM   516  O O   . PHE A 1 88  ? -0.188  -7.210  7.319   1.00 52.55  ? 153 PHE A O   1 
ATOM   517  C CB  . PHE A 1 88  ? -2.182  -6.188  9.858   1.00 54.27  ? 153 PHE A CB  1 
ATOM   518  C CG  . PHE A 1 88  ? -3.270  -6.870  9.073   1.00 58.42  ? 153 PHE A CG  1 
ATOM   519  C CD1 . PHE A 1 88  ? -3.383  -8.267  9.050   1.00 60.20  ? 153 PHE A CD1 1 
ATOM   520  C CD2 . PHE A 1 88  ? -4.247  -6.104  8.406   1.00 60.98  ? 153 PHE A CD2 1 
ATOM   521  C CE1 . PHE A 1 88  ? -4.424  -8.886  8.349   1.00 58.02  ? 153 PHE A CE1 1 
ATOM   522  C CE2 . PHE A 1 88  ? -5.279  -6.726  7.698   1.00 59.28  ? 153 PHE A CE2 1 
ATOM   523  C CZ  . PHE A 1 88  ? -5.364  -8.113  7.679   1.00 56.75  ? 153 PHE A CZ  1 
ATOM   524  N N   . ASN A 1 89  ? -0.070  -5.038  7.961   1.00 45.15  ? 154 ASN A N   1 
ATOM   525  C CA  . ASN A 1 89  ? 0.372   -4.492  6.682   1.00 39.90  ? 154 ASN A CA  1 
ATOM   526  C C   . ASN A 1 89  ? 1.705   -5.048  6.210   1.00 39.81  ? 154 ASN A C   1 
ATOM   527  O O   . ASN A 1 89  ? 1.859   -5.320  5.001   1.00 36.57  ? 154 ASN A O   1 
ATOM   528  C CB  . ASN A 1 89  ? 0.450   -2.977  6.731   1.00 35.77  ? 154 ASN A CB  1 
ATOM   529  C CG  . ASN A 1 89  ? -0.911  -2.316  6.860   1.00 36.39  ? 154 ASN A CG  1 
ATOM   530  O OD1 . ASN A 1 89  ? -1.987  -2.912  6.624   1.00 33.83  ? 154 ASN A OD1 1 
ATOM   531  N ND2 . ASN A 1 89  ? -0.872  -1.055  7.227   1.00 38.75  ? 154 ASN A ND2 1 
ATOM   532  N N   . LEU A 1 90  ? 2.647   -5.233  7.149   1.00 36.45  ? 155 LEU A N   1 
ATOM   533  C CA  . LEU A 1 90  ? 3.991   -5.705  6.805   1.00 31.07  ? 155 LEU A CA  1 
ATOM   534  C C   . LEU A 1 90  ? 3.965   -7.198  6.532   1.00 31.15  ? 155 LEU A C   1 
ATOM   535  O O   . LEU A 1 90  ? 4.724   -7.688  5.721   1.00 30.57  ? 155 LEU A O   1 
ATOM   536  C CB  . LEU A 1 90  ? 4.986   -5.356  7.873   1.00 28.54  ? 155 LEU A CB  1 
ATOM   537  C CG  . LEU A 1 90  ? 5.423   -3.904  7.952   1.00 28.96  ? 155 LEU A CG  1 
ATOM   538  C CD1 . LEU A 1 90  ? 6.469   -3.833  9.058   1.00 29.45  ? 155 LEU A CD1 1 
ATOM   539  C CD2 . LEU A 1 90  ? 5.971   -3.357  6.630   1.00 26.99  ? 155 LEU A CD2 1 
ATOM   540  N N   . LEU A 1 91  ? 3.046   -7.900  7.183   1.00 31.42  ? 156 LEU A N   1 
ATOM   541  C CA  . LEU A 1 91  ? 2.771   -9.301  6.884   1.00 34.88  ? 156 LEU A CA  1 
ATOM   542  C C   . LEU A 1 91  ? 2.336   -9.488  5.400   1.00 34.23  ? 156 LEU A C   1 
ATOM   543  O O   . LEU A 1 91  ? 3.031   -10.162 4.626   1.00 34.46  ? 156 LEU A O   1 
ATOM   544  C CB  . LEU A 1 91  ? 1.689   -9.859  7.847   1.00 38.58  ? 156 LEU A CB  1 
ATOM   545  C CG  . LEU A 1 91  ? 1.104   -11.240 7.499   1.00 39.88  ? 156 LEU A CG  1 
ATOM   546  C CD1 . LEU A 1 91  ? 2.021   -12.239 8.174   1.00 41.31  ? 156 LEU A CD1 1 
ATOM   547  C CD2 . LEU A 1 91  ? -0.368  -11.448 7.890   1.00 40.11  ? 156 LEU A CD2 1 
ATOM   548  N N   . TRP A 1 92  ? 1.193   -8.903  5.036   1.00 29.84  ? 157 TRP A N   1 
ATOM   549  C CA  . TRP A 1 92  ? 0.770   -8.791  3.651   1.00 31.75  ? 157 TRP A CA  1 
ATOM   550  C C   . TRP A 1 92  ? 1.919   -8.315  2.707   1.00 31.69  ? 157 TRP A C   1 
ATOM   551  O O   . TRP A 1 92  ? 2.196   -8.942  1.669   1.00 29.59  ? 157 TRP A O   1 
ATOM   552  C CB  . TRP A 1 92  ? -0.436  -7.857  3.544   1.00 34.36  ? 157 TRP A CB  1 
ATOM   553  C CG  . TRP A 1 92  ? -1.699  -8.458  4.029   1.00 40.77  ? 157 TRP A CG  1 
ATOM   554  C CD1 . TRP A 1 92  ? -2.416  -8.070  5.111   1.00 44.85  ? 157 TRP A CD1 1 
ATOM   555  C CD2 . TRP A 1 92  ? -2.404  -9.577  3.461   1.00 47.16  ? 157 TRP A CD2 1 
ATOM   556  N NE1 . TRP A 1 92  ? -3.518  -8.875  5.264   1.00 49.97  ? 157 TRP A NE1 1 
ATOM   557  C CE2 . TRP A 1 92  ? -3.539  -9.806  4.266   1.00 49.66  ? 157 TRP A CE2 1 
ATOM   558  C CE3 . TRP A 1 92  ? -2.170  -10.429 2.364   1.00 53.52  ? 157 TRP A CE3 1 
ATOM   559  C CZ2 . TRP A 1 92  ? -4.449  -10.841 4.014   1.00 55.25  ? 157 TRP A CZ2 1 
ATOM   560  C CZ3 . TRP A 1 92  ? -3.088  -11.455 2.103   1.00 58.47  ? 157 TRP A CZ3 1 
ATOM   561  C CH2 . TRP A 1 92  ? -4.215  -11.647 2.927   1.00 56.21  ? 157 TRP A CH2 1 
ATOM   562  N N   . TRP A 1 93  ? 2.610   -7.240  3.086   1.00 31.84  ? 158 TRP A N   1 
ATOM   563  C CA  . TRP A 1 93  ? 3.677   -6.681  2.256   1.00 30.48  ? 158 TRP A CA  1 
ATOM   564  C C   . TRP A 1 93  ? 4.819   -7.693  2.024   1.00 30.88  ? 158 TRP A C   1 
ATOM   565  O O   . TRP A 1 93  ? 5.346   -7.826  0.915   1.00 27.02  ? 158 TRP A O   1 
ATOM   566  C CB  . TRP A 1 93  ? 4.221   -5.402  2.874   1.00 27.43  ? 158 TRP A CB  1 
ATOM   567  C CG  . TRP A 1 93  ? 5.529   -5.031  2.304   1.00 28.05  ? 158 TRP A CG  1 
ATOM   568  C CD1 . TRP A 1 93  ? 6.770   -5.371  2.794   1.00 28.18  ? 158 TRP A CD1 1 
ATOM   569  C CD2 . TRP A 1 93  ? 5.767   -4.295  1.088   1.00 27.20  ? 158 TRP A CD2 1 
ATOM   570  N NE1 . TRP A 1 93  ? 7.751   -4.869  1.974   1.00 27.11  ? 158 TRP A NE1 1 
ATOM   571  C CE2 . TRP A 1 93  ? 7.172   -4.213  0.919   1.00 25.78  ? 158 TRP A CE2 1 
ATOM   572  C CE3 . TRP A 1 93  ? 4.934   -3.688  0.130   1.00 23.95  ? 158 TRP A CE3 1 
ATOM   573  C CZ2 . TRP A 1 93  ? 7.753   -3.550  -0.161  1.00 23.84  ? 158 TRP A CZ2 1 
ATOM   574  C CZ3 . TRP A 1 93  ? 5.525   -3.031  -0.938  1.00 21.79  ? 158 TRP A CZ3 1 
ATOM   575  C CH2 . TRP A 1 93  ? 6.912   -2.941  -1.057  1.00 21.81  ? 158 TRP A CH2 1 
ATOM   576  N N   . TRP A 1 94  ? 5.201   -8.382  3.088   1.00 34.94  ? 159 TRP A N   1 
ATOM   577  C CA  . TRP A 1 94  ? 6.276   -9.357  3.009   1.00 38.49  ? 159 TRP A CA  1 
ATOM   578  C C   . TRP A 1 94  ? 5.794   -10.596 2.185   1.00 38.31  ? 159 TRP A C   1 
ATOM   579  O O   . TRP A 1 94  ? 6.510   -11.019 1.275   1.00 34.15  ? 159 TRP A O   1 
ATOM   580  C CB  . TRP A 1 94  ? 6.828   -9.678  4.412   1.00 42.47  ? 159 TRP A CB  1 
ATOM   581  C CG  . TRP A 1 94  ? 7.683   -10.913 4.451   1.00 55.12  ? 159 TRP A CG  1 
ATOM   582  C CD1 . TRP A 1 94  ? 9.040   -11.002 4.211   1.00 54.49  ? 159 TRP A CD1 1 
ATOM   583  C CD2 . TRP A 1 94  ? 7.225   -12.256 4.701   1.00 58.58  ? 159 TRP A CD2 1 
ATOM   584  N NE1 . TRP A 1 94  ? 9.444   -12.321 4.306   1.00 57.28  ? 159 TRP A NE1 1 
ATOM   585  C CE2 . TRP A 1 94  ? 8.354   -13.108 4.606   1.00 62.43  ? 159 TRP A CE2 1 
ATOM   586  C CE3 . TRP A 1 94  ? 5.958   -12.822 4.999   1.00 57.57  ? 159 TRP A CE3 1 
ATOM   587  C CZ2 . TRP A 1 94  ? 8.255   -14.509 4.806   1.00 64.58  ? 159 TRP A CZ2 1 
ATOM   588  C CZ3 . TRP A 1 94  ? 5.851   -14.207 5.199   1.00 58.05  ? 159 TRP A CZ3 1 
ATOM   589  C CH2 . TRP A 1 94  ? 6.999   -15.037 5.097   1.00 60.96  ? 159 TRP A CH2 1 
ATOM   590  N N   . TYR A 1 95  ? 4.590   -11.121 2.487   1.00 35.14  ? 160 TYR A N   1 
ATOM   591  C CA  . TYR A 1 95  ? 3.966   -12.232 1.726   1.00 34.08  ? 160 TYR A CA  1 
ATOM   592  C C   . TYR A 1 95  ? 3.840   -11.961 0.227   1.00 30.83  ? 160 TYR A C   1 
ATOM   593  O O   . TYR A 1 95  ? 4.410   -12.686 -0.579  1.00 30.03  ? 160 TYR A O   1 
ATOM   594  C CB  . TYR A 1 95  ? 2.603   -12.675 2.333   1.00 37.83  ? 160 TYR A CB  1 
ATOM   595  C CG  . TYR A 1 95  ? 1.943   -13.826 1.577   1.00 42.81  ? 160 TYR A CG  1 
ATOM   596  C CD1 . TYR A 1 95  ? 2.640   -15.015 1.285   1.00 44.85  ? 160 TYR A CD1 1 
ATOM   597  C CD2 . TYR A 1 95  ? 0.612   -13.727 1.134   1.00 48.57  ? 160 TYR A CD2 1 
ATOM   598  C CE1 . TYR A 1 95  ? 2.040   -16.056 0.554   1.00 45.17  ? 160 TYR A CE1 1 
ATOM   599  C CE2 . TYR A 1 95  ? -0.003  -14.763 0.417   1.00 45.19  ? 160 TYR A CE2 1 
ATOM   600  C CZ  . TYR A 1 95  ? 0.703   -15.933 0.129   1.00 48.07  ? 160 TYR A CZ  1 
ATOM   601  O OH  . TYR A 1 95  ? 0.076   -16.959 -0.584  1.00 45.00  ? 160 TYR A OH  1 
ATOM   602  N N   . LEU A 1 96  ? 3.098   -10.908 -0.116  1.00 29.37  ? 161 LEU A N   1 
ATOM   603  C CA  . LEU A 1 96  ? 2.817   -10.534 -1.492  1.00 27.77  ? 161 LEU A CA  1 
ATOM   604  C C   . LEU A 1 96  ? 3.972   -9.728  -2.118  1.00 28.87  ? 161 LEU A C   1 
ATOM   605  O O   . LEU A 1 96  ? 4.326   -9.967  -3.293  1.00 31.59  ? 161 LEU A O   1 
ATOM   606  C CB  . LEU A 1 96  ? 1.464   -9.799  -1.595  1.00 26.84  ? 161 LEU A CB  1 
ATOM   607  C CG  . LEU A 1 96  ? 0.270   -10.554 -0.948  1.00 28.96  ? 161 LEU A CG  1 
ATOM   608  C CD1 . LEU A 1 96  ? -0.931  -9.653  -0.696  1.00 28.41  ? 161 LEU A CD1 1 
ATOM   609  C CD2 . LEU A 1 96  ? -0.192  -11.793 -1.697  1.00 26.52  ? 161 LEU A CD2 1 
ATOM   610  N N   . GLY A 1 97  ? 4.563   -8.784  -1.379  1.00 25.24  ? 162 GLY A N   1 
ATOM   611  C CA  . GLY A 1 97  ? 5.749   -8.112  -1.891  1.00 26.93  ? 162 GLY A CA  1 
ATOM   612  C C   . GLY A 1 97  ? 6.975   -9.013  -2.113  1.00 28.23  ? 162 GLY A C   1 
ATOM   613  O O   . GLY A 1 97  ? 7.764   -8.796  -3.040  1.00 30.52  ? 162 GLY A O   1 
ATOM   614  N N   . GLY A 1 98  ? 7.172   -9.996  -1.250  1.00 27.10  ? 163 GLY A N   1 
ATOM   615  C CA  . GLY A 1 98  ? 8.262   -10.917 -1.436  1.00 29.74  ? 163 GLY A CA  1 
ATOM   616  C C   . GLY A 1 98  ? 8.049   -11.705 -2.712  1.00 34.11  ? 163 GLY A C   1 
ATOM   617  O O   . GLY A 1 98  ? 8.965   -11.791 -3.519  1.00 39.57  ? 163 GLY A O   1 
ATOM   618  N N   . ALA A 1 99  ? 6.849   -12.265 -2.906  1.00 31.45  ? 164 ALA A N   1 
ATOM   619  C CA  . ALA A 1 99  ? 6.514   -13.004 -4.140  1.00 30.69  ? 164 ALA A CA  1 
ATOM   620  C C   . ALA A 1 99  ? 6.791   -12.228 -5.439  1.00 32.71  ? 164 ALA A C   1 
ATOM   621  O O   . ALA A 1 99  ? 7.365   -12.786 -6.360  1.00 34.72  ? 164 ALA A O   1 
ATOM   622  C CB  . ALA A 1 99  ? 5.068   -13.459 -4.110  1.00 29.34  ? 164 ALA A CB  1 
ATOM   623  N N   . VAL A 1 100 ? 6.406   -10.949 -5.502  1.00 30.89  ? 165 VAL A N   1 
ATOM   624  C CA  . VAL A 1 100 ? 6.634   -10.155 -6.712  1.00 30.71  ? 165 VAL A CA  1 
ATOM   625  C C   . VAL A 1 100 ? 8.116   -9.940  -6.908  1.00 31.07  ? 165 VAL A C   1 
ATOM   626  O O   . VAL A 1 100 ? 8.626   -10.074 -8.015  1.00 34.03  ? 165 VAL A O   1 
ATOM   627  C CB  . VAL A 1 100 ? 5.901   -8.774  -6.727  1.00 28.88  ? 165 VAL A CB  1 
ATOM   628  C CG1 . VAL A 1 100 ? 6.294   -7.967  -7.960  1.00 22.82  ? 165 VAL A CG1 1 
ATOM   629  C CG2 . VAL A 1 100 ? 4.377   -8.954  -6.640  1.00 27.46  ? 165 VAL A CG2 1 
ATOM   630  N N   . GLU A 1 101 ? 8.816   -9.622  -5.835  1.00 31.26  ? 166 GLU A N   1 
ATOM   631  C CA  . GLU A 1 101 ? 10.224  -9.362  -5.978  1.00 33.00  ? 166 GLU A CA  1 
ATOM   632  C C   . GLU A 1 101 ? 10.995  -10.650 -6.337  1.00 33.69  ? 166 GLU A C   1 
ATOM   633  O O   . GLU A 1 101 ? 11.882  -10.602 -7.167  1.00 32.88  ? 166 GLU A O   1 
ATOM   634  C CB  . GLU A 1 101 ? 10.786  -8.708  -4.735  1.00 32.36  ? 166 GLU A CB  1 
ATOM   635  C CG  . GLU A 1 101 ? 12.220  -8.273  -4.920  1.00 29.58  ? 166 GLU A CG  1 
ATOM   636  C CD  . GLU A 1 101 ? 12.714  -7.439  -3.761  1.00 29.57  ? 166 GLU A CD  1 
ATOM   637  O OE1 . GLU A 1 101 ? 12.190  -7.561  -2.616  1.00 27.63  ? 166 GLU A OE1 1 
ATOM   638  O OE2 . GLU A 1 101 ? 13.640  -6.638  -4.011  1.00 27.03  ? 166 GLU A OE2 1 
ATOM   639  N N   . LYS A 1 102 ? 10.633  -11.778 -5.737  1.00 33.68  ? 167 LYS A N   1 
ATOM   640  C CA  . LYS A 1 102 ? 11.315  -13.065 -6.011  1.00 40.72  ? 167 LYS A CA  1 
ATOM   641  C C   . LYS A 1 102 ? 11.109  -13.540 -7.446  1.00 40.63  ? 167 LYS A C   1 
ATOM   642  O O   . LYS A 1 102 ? 12.081  -13.794 -8.161  1.00 40.52  ? 167 LYS A O   1 
ATOM   643  C CB  . LYS A 1 102 ? 10.911  -14.169 -5.015  1.00 47.85  ? 167 LYS A CB  1 
ATOM   644  C CG  . LYS A 1 102 ? 11.387  -15.578 -5.383  1.00 56.94  ? 167 LYS A CG  1 
ATOM   645  C CD  . LYS A 1 102 ? 10.331  -16.596 -4.960  1.00 77.49  ? 167 LYS A CD  1 
ATOM   646  C CE  . LYS A 1 102 ? 10.770  -18.030 -5.228  1.00 87.55  ? 167 LYS A CE  1 
ATOM   647  N NZ  . LYS A 1 102 ? 9.654   -19.015 -5.067  1.00 90.03  ? 167 LYS A NZ  1 
ATOM   648  N N   . ARG A 1 103 ? 9.850   -13.653 -7.855  1.00 36.19  ? 168 ARG A N   1 
ATOM   649  C CA  . ARG A 1 103 ? 9.529   -14.070 -9.209  1.00 33.00  ? 168 ARG A CA  1 
ATOM   650  C C   . ARG A 1 103 ? 9.736   -13.049 -10.318 1.00 28.51  ? 168 ARG A C   1 
ATOM   651  O O   . ARG A 1 103 ? 10.079  -13.431 -11.386 1.00 29.09  ? 168 ARG A O   1 
ATOM   652  C CB  . ARG A 1 103 ? 8.111   -14.599 -9.234  1.00 34.76  ? 168 ARG A CB  1 
ATOM   653  C CG  . ARG A 1 103 ? 7.977   -15.968 -8.646  1.00 37.82  ? 168 ARG A CG  1 
ATOM   654  C CD  . ARG A 1 103 ? 8.405   -16.997 -9.685  1.00 43.85  ? 168 ARG A CD  1 
ATOM   655  N NE  . ARG A 1 103 ? 8.734   -18.265 -9.038  1.00 55.71  ? 168 ARG A NE  1 
ATOM   656  C CZ  . ARG A 1 103 ? 9.964   -18.658 -8.650  1.00 58.45  ? 168 ARG A CZ  1 
ATOM   657  N NH1 . ARG A 1 103 ? 11.068  -17.866 -8.872  1.00 51.60  ? 168 ARG A NH1 1 
ATOM   658  N NH2 . ARG A 1 103 ? 10.078  -19.828 -8.040  1.00 62.90  ? 168 ARG A NH2 1 
ATOM   659  N N   . LEU A 1 104 ? 9.507   -11.762 -10.061 1.00 29.48  ? 169 LEU A N   1 
ATOM   660  C CA  . LEU A 1 104 ? 9.513   -10.708 -11.095 1.00 27.48  ? 169 LEU A CA  1 
ATOM   661  C C   . LEU A 1 104 ? 10.606  -9.628  -11.004 1.00 28.73  ? 169 LEU A C   1 
ATOM   662  O O   . LEU A 1 104 ? 10.728  -8.786  -11.890 1.00 33.38  ? 169 LEU A O   1 
ATOM   663  C CB  . LEU A 1 104 ? 8.134   -10.033 -11.170 1.00 25.63  ? 169 LEU A CB  1 
ATOM   664  C CG  . LEU A 1 104 ? 6.864   -10.867 -11.426 1.00 25.88  ? 169 LEU A CG  1 
ATOM   665  C CD1 . LEU A 1 104 ? 5.661   -9.957  -11.521 1.00 23.97  ? 169 LEU A CD1 1 
ATOM   666  C CD2 . LEU A 1 104 ? 6.890   -11.760 -12.668 1.00 23.77  ? 169 LEU A CD2 1 
ATOM   667  N N   . GLY A 1 105 ? 11.413  -9.630  -9.955  1.00 30.19  ? 170 GLY A N   1 
ATOM   668  C CA  . GLY A 1 105 ? 12.418  -8.592  -9.820  1.00 28.86  ? 170 GLY A CA  1 
ATOM   669  C C   . GLY A 1 105 ? 12.033  -7.436  -8.930  1.00 32.60  ? 170 GLY A C   1 
ATOM   670  O O   . GLY A 1 105 ? 10.830  -7.190  -8.651  1.00 32.18  ? 170 GLY A O   1 
ATOM   671  N N   . SER A 1 106 ? 13.086  -6.745  -8.487  1.00 31.27  ? 171 SER A N   1 
ATOM   672  C CA  . SER A 1 106 ? 13.025  -5.670  -7.501  1.00 30.99  ? 171 SER A CA  1 
ATOM   673  C C   . SER A 1 106 ? 12.458  -4.396  -8.123  1.00 29.81  ? 171 SER A C   1 
ATOM   674  O O   . SER A 1 106 ? 11.704  -3.615  -7.477  1.00 26.78  ? 171 SER A O   1 
ATOM   675  C CB  . SER A 1 106 ? 14.444  -5.381  -6.908  1.00 33.76  ? 171 SER A CB  1 
ATOM   676  O OG  . SER A 1 106 ? 14.847  -6.296  -5.873  1.00 35.05  ? 171 SER A OG  1 
ATOM   677  N N   . GLY A 1 107 ? 12.868  -4.161  -9.366  1.00 29.92  ? 172 GLY A N   1 
ATOM   678  C CA  . GLY A 1 107 ? 12.374  -3.015  -10.109 1.00 30.43  ? 172 GLY A CA  1 
ATOM   679  C C   . GLY A 1 107 ? 10.861  -3.103  -10.326 1.00 30.73  ? 172 GLY A C   1 
ATOM   680  O O   . GLY A 1 107 ? 10.168  -2.090  -10.255 1.00 34.48  ? 172 GLY A O   1 
ATOM   681  N N   . LYS A 1 108 ? 10.349  -4.296  -10.606 1.00 30.58  ? 173 LYS A N   1 
ATOM   682  C CA  . LYS A 1 108 ? 8.918   -4.449  -10.694 1.00 32.09  ? 173 LYS A CA  1 
ATOM   683  C C   . LYS A 1 108 ? 8.205   -4.044  -9.392  1.00 31.18  ? 173 LYS A C   1 
ATOM   684  O O   . LYS A 1 108 ? 7.200   -3.323  -9.445  1.00 36.73  ? 173 LYS A O   1 
ATOM   685  C CB  . LYS A 1 108 ? 8.530   -5.854  -11.084 1.00 28.35  ? 173 LYS A CB  1 
ATOM   686  C CG  . LYS A 1 108 ? 7.021   -6.043  -11.209 1.00 32.22  ? 173 LYS A CG  1 
ATOM   687  C CD  . LYS A 1 108 ? 6.342   -5.149  -12.262 1.00 34.52  ? 173 LYS A CD  1 
ATOM   688  C CE  . LYS A 1 108 ? 6.735   -5.549  -13.668 1.00 32.74  ? 173 LYS A CE  1 
ATOM   689  N NZ  . LYS A 1 108 ? 6.268   -4.525  -14.634 1.00 34.91  ? 173 LYS A NZ  1 
ATOM   690  N N   . LEU A 1 109 ? 8.715   -4.494  -8.251  1.00 28.15  ? 174 LEU A N   1 
ATOM   691  C CA  . LEU A 1 109 ? 8.142   -4.140  -6.938  1.00 26.67  ? 174 LEU A CA  1 
ATOM   692  C C   . LEU A 1 109 ? 8.271   -2.628  -6.615  1.00 26.37  ? 174 LEU A C   1 
ATOM   693  O O   . LEU A 1 109 ? 7.298   -2.000  -6.221  1.00 27.41  ? 174 LEU A O   1 
ATOM   694  C CB  . LEU A 1 109 ? 8.751   -5.028  -5.839  1.00 24.27  ? 174 LEU A CB  1 
ATOM   695  C CG  . LEU A 1 109 ? 8.210   -4.858  -4.421  1.00 24.51  ? 174 LEU A CG  1 
ATOM   696  C CD1 . LEU A 1 109 ? 6.725   -5.160  -4.365  1.00 24.21  ? 174 LEU A CD1 1 
ATOM   697  C CD2 . LEU A 1 109 ? 8.982   -5.695  -3.405  1.00 24.06  ? 174 LEU A CD2 1 
ATOM   698  N N   . ILE A 1 110 ? 9.463   -2.055  -6.795  1.00 26.23  ? 175 ILE A N   1 
ATOM   699  C CA  . ILE A 1 110 ? 9.646   -0.590  -6.749  1.00 28.48  ? 175 ILE A CA  1 
ATOM   700  C C   . ILE A 1 110 ? 8.500   0.171   -7.465  1.00 29.58  ? 175 ILE A C   1 
ATOM   701  O O   . ILE A 1 110 ? 7.928   1.152   -6.914  1.00 28.64  ? 175 ILE A O   1 
ATOM   702  C CB  . ILE A 1 110 ? 11.010  -0.146  -7.356  1.00 28.53  ? 175 ILE A CB  1 
ATOM   703  C CG1 . ILE A 1 110 ? 12.144  -0.464  -6.423  1.00 31.25  ? 175 ILE A CG1 1 
ATOM   704  C CG2 . ILE A 1 110 ? 11.106  1.360   -7.607  1.00 26.51  ? 175 ILE A CG2 1 
ATOM   705  C CD1 . ILE A 1 110 ? 13.433  -0.116  -7.127  1.00 35.44  ? 175 ILE A CD1 1 
ATOM   706  N N   . VAL A 1 111 ? 8.175   -0.268  -8.682  1.00 29.55  ? 176 VAL A N   1 
ATOM   707  C CA  . VAL A 1 111 ? 7.245   0.483   -9.542  1.00 31.03  ? 176 VAL A CA  1 
ATOM   708  C C   . VAL A 1 111 ? 5.803   0.358   -9.072  1.00 29.27  ? 176 VAL A C   1 
ATOM   709  O O   . VAL A 1 111 ? 5.118   1.366   -8.987  1.00 32.44  ? 176 VAL A O   1 
ATOM   710  C CB  . VAL A 1 111 ? 7.394   0.183   -11.048 1.00 28.56  ? 176 VAL A CB  1 
ATOM   711  C CG1 . VAL A 1 111 ? 6.302   0.908   -11.824 1.00 29.70  ? 176 VAL A CG1 1 
ATOM   712  C CG2 . VAL A 1 111 ? 8.749   0.659   -11.548 1.00 27.21  ? 176 VAL A CG2 1 
ATOM   713  N N   . ILE A 1 112 ? 5.357   -0.850  -8.759  1.00 30.09  ? 177 ILE A N   1 
ATOM   714  C CA  . ILE A 1 112 ? 4.034   -1.077  -8.124  1.00 31.36  ? 177 ILE A CA  1 
ATOM   715  C C   . ILE A 1 112 ? 3.867   -0.245  -6.850  1.00 31.55  ? 177 ILE A C   1 
ATOM   716  O O   . ILE A 1 112 ? 2.805   0.282   -6.569  1.00 33.19  ? 177 ILE A O   1 
ATOM   717  C CB  . ILE A 1 112 ? 3.834   -2.573  -7.764  1.00 30.67  ? 177 ILE A CB  1 
ATOM   718  C CG1 . ILE A 1 112 ? 3.680   -3.421  -9.042  1.00 31.49  ? 177 ILE A CG1 1 
ATOM   719  C CG2 . ILE A 1 112 ? 2.644   -2.758  -6.836  1.00 27.54  ? 177 ILE A CG2 1 
ATOM   720  C CD1 . ILE A 1 112 ? 4.001   -4.893  -8.838  1.00 33.46  ? 177 ILE A CD1 1 
ATOM   721  N N   . THR A 1 113 ? 4.928   -0.163  -6.069  1.00 31.57  ? 178 THR A N   1 
ATOM   722  C CA  . THR A 1 113 ? 4.942   0.579   -4.819  1.00 31.39  ? 178 THR A CA  1 
ATOM   723  C C   . THR A 1 113 ? 4.735   2.092   -5.029  1.00 30.89  ? 178 THR A C   1 
ATOM   724  O O   . THR A 1 113 ? 3.823   2.651   -4.425  1.00 28.80  ? 178 THR A O   1 
ATOM   725  C CB  . THR A 1 113 ? 6.202   0.178   -3.992  1.00 30.91  ? 178 THR A CB  1 
ATOM   726  O OG1 . THR A 1 113 ? 6.018   -1.182  -3.556  1.00 28.74  ? 178 THR A OG1 1 
ATOM   727  C CG2 . THR A 1 113 ? 6.477   1.112   -2.764  1.00 26.14  ? 178 THR A CG2 1 
ATOM   728  N N   . LEU A 1 114 ? 5.544   2.700   -5.916  1.00 30.05  ? 179 LEU A N   1 
ATOM   729  C CA  . LEU A 1 114 ? 5.557   4.137   -6.191  1.00 29.43  ? 179 LEU A CA  1 
ATOM   730  C C   . LEU A 1 114 ? 4.338   4.645   -6.937  1.00 31.22  ? 179 LEU A C   1 
ATOM   731  O O   . LEU A 1 114 ? 3.790   5.726   -6.586  1.00 30.80  ? 179 LEU A O   1 
ATOM   732  C CB  . LEU A 1 114 ? 6.831   4.552   -6.932  1.00 27.32  ? 179 LEU A CB  1 
ATOM   733  C CG  . LEU A 1 114 ? 8.109   4.389   -6.077  1.00 31.19  ? 179 LEU A CG  1 
ATOM   734  C CD1 . LEU A 1 114 ? 9.286   4.335   -7.036  1.00 31.04  ? 179 LEU A CD1 1 
ATOM   735  C CD2 . LEU A 1 114 ? 8.370   5.384   -4.931  1.00 26.76  ? 179 LEU A CD2 1 
ATOM   736  N N   . ILE A 1 115 ? 3.927   3.899   -7.973  1.00 31.43  ? 180 ILE A N   1 
ATOM   737  C CA  . ILE A 1 115 ? 2.651   4.220   -8.650  1.00 30.84  ? 180 ILE A CA  1 
ATOM   738  C C   . ILE A 1 115 ? 1.460   4.171   -7.671  1.00 29.45  ? 180 ILE A C   1 
ATOM   739  O O   . ILE A 1 115 ? 0.685   5.149   -7.575  1.00 29.58  ? 180 ILE A O   1 
ATOM   740  C CB  . ILE A 1 115 ? 2.375   3.378   -9.902  1.00 29.11  ? 180 ILE A CB  1 
ATOM   741  C CG1 . ILE A 1 115 ? 3.460   3.654   -10.946 1.00 30.36  ? 180 ILE A CG1 1 
ATOM   742  C CG2 . ILE A 1 115 ? 0.992   3.702   -10.484 1.00 25.62  ? 180 ILE A CG2 1 
ATOM   743  C CD1 . ILE A 1 115 ? 3.299   2.771   -12.178 1.00 30.08  ? 180 ILE A CD1 1 
ATOM   744  N N   . SER A 1 116 ? 1.340   3.078   -6.917  1.00 24.11  ? 181 SER A N   1 
ATOM   745  C CA  . SER A 1 116 ? 0.151   2.918   -6.060  1.00 21.96  ? 181 SER A CA  1 
ATOM   746  C C   . SER A 1 116 ? 0.105   3.707   -4.785  1.00 22.16  ? 181 SER A C   1 
ATOM   747  O O   . SER A 1 116 ? -0.989  3.958   -4.305  1.00 25.25  ? 181 SER A O   1 
ATOM   748  C CB  . SER A 1 116 ? -0.082  1.471   -5.744  1.00 21.45  ? 181 SER A CB  1 
ATOM   749  O OG  . SER A 1 116 ? 0.969   1.015   -4.947  1.00 22.05  ? 181 SER A OG  1 
ATOM   750  N N   . ALA A 1 117 ? 1.264   4.065   -4.218  1.00 20.78  ? 182 ALA A N   1 
ATOM   751  C CA  . ALA A 1 117 ? 1.335   4.965   -3.093  1.00 20.58  ? 182 ALA A CA  1 
ATOM   752  C C   . ALA A 1 117 ? 0.857   6.341   -3.559  1.00 22.24  ? 182 ALA A C   1 
ATOM   753  O O   . ALA A 1 117 ? -0.039  6.928   -2.937  1.00 22.91  ? 182 ALA A O   1 
ATOM   754  C CB  . ALA A 1 117 ? 2.749   5.029   -2.543  1.00 19.83  ? 182 ALA A CB  1 
ATOM   755  N N   . LEU A 1 118 ? 1.437   6.820   -4.666  1.00 22.56  ? 183 LEU A N   1 
ATOM   756  C CA  . LEU A 1 118 ? 1.059   8.065   -5.301  1.00 23.74  ? 183 LEU A CA  1 
ATOM   757  C C   . LEU A 1 118 ? -0.467  8.163   -5.631  1.00 26.44  ? 183 LEU A C   1 
ATOM   758  O O   . LEU A 1 118 ? -1.159  9.110   -5.217  1.00 25.83  ? 183 LEU A O   1 
ATOM   759  C CB  . LEU A 1 118 ? 1.898   8.286   -6.551  1.00 24.04  ? 183 LEU A CB  1 
ATOM   760  C CG  . LEU A 1 118 ? 1.503   9.551   -7.321  1.00 27.74  ? 183 LEU A CG  1 
ATOM   761  C CD1 . LEU A 1 118 ? 1.541   10.816  -6.468  1.00 28.22  ? 183 LEU A CD1 1 
ATOM   762  C CD2 . LEU A 1 118 ? 2.404   9.739   -8.541  1.00 29.94  ? 183 LEU A CD2 1 
ATOM   763  N N   . LEU A 1 119 ? -0.996  7.168   -6.339  1.00 27.20  ? 184 LEU A N   1 
ATOM   764  C CA  . LEU A 1 119 ? -2.438  7.176   -6.754  1.00 27.10  ? 184 LEU A CA  1 
ATOM   765  C C   . LEU A 1 119 ? -3.437  6.899   -5.627  1.00 29.30  ? 184 LEU A C   1 
ATOM   766  O O   . LEU A 1 119 ? -4.437  7.647   -5.491  1.00 35.77  ? 184 LEU A O   1 
ATOM   767  C CB  . LEU A 1 119 ? -2.737  6.275   -7.967  1.00 23.19  ? 184 LEU A CB  1 
ATOM   768  C CG  . LEU A 1 119 ? -1.836  6.519   -9.169  1.00 20.82  ? 184 LEU A CG  1 
ATOM   769  C CD1 . LEU A 1 119 ? -2.131  5.513   -10.233 1.00 21.56  ? 184 LEU A CD1 1 
ATOM   770  C CD2 . LEU A 1 119 ? -2.038  7.906   -9.718  1.00 22.62  ? 184 LEU A CD2 1 
ATOM   771  N N   . SER A 1 120 ? -3.200  5.885   -4.810  1.00 25.15  ? 185 SER A N   1 
ATOM   772  C CA  . SER A 1 120 ? -4.086  5.698   -3.666  1.00 29.52  ? 185 SER A CA  1 
ATOM   773  C C   . SER A 1 120 ? -4.098  6.882   -2.644  1.00 30.03  ? 185 SER A C   1 
ATOM   774  O O   . SER A 1 120 ? -5.093  7.046   -1.879  1.00 29.24  ? 185 SER A O   1 
ATOM   775  C CB  . SER A 1 120 ? -3.766  4.399   -2.948  1.00 30.84  ? 185 SER A CB  1 
ATOM   776  O OG  . SER A 1 120 ? -2.424  4.461   -2.536  1.00 35.11  ? 185 SER A OG  1 
ATOM   777  N N   . GLY A 1 121 ? -2.999  7.654   -2.622  1.00 26.62  ? 186 GLY A N   1 
ATOM   778  C CA  . GLY A 1 121 ? -2.885  8.803   -1.754  1.00 27.28  ? 186 GLY A CA  1 
ATOM   779  C C   . GLY A 1 121 ? -3.762  9.908   -2.339  1.00 31.82  ? 186 GLY A C   1 
ATOM   780  O O   . GLY A 1 121 ? -4.521  10.599  -1.608  1.00 25.75  ? 186 GLY A O   1 
ATOM   781  N N   . TYR A 1 122 ? -3.655  10.038  -3.676  1.00 33.58  ? 187 TYR A N   1 
ATOM   782  C CA  . TYR A 1 122 ? -4.410  11.007  -4.467  1.00 34.52  ? 187 TYR A CA  1 
ATOM   783  C C   . TYR A 1 122 ? -5.935  10.826  -4.271  1.00 34.76  ? 187 TYR A C   1 
ATOM   784  O O   . TYR A 1 122 ? -6.639  11.748  -3.876  1.00 37.63  ? 187 TYR A O   1 
ATOM   785  C CB  . TYR A 1 122 ? -4.013  10.909  -5.944  1.00 36.31  ? 187 TYR A CB  1 
ATOM   786  C CG  . TYR A 1 122 ? -4.739  11.910  -6.784  1.00 44.01  ? 187 TYR A CG  1 
ATOM   787  C CD1 . TYR A 1 122 ? -4.253  13.247  -6.915  1.00 48.32  ? 187 TYR A CD1 1 
ATOM   788  C CD2 . TYR A 1 122 ? -5.951  11.567  -7.452  1.00 48.08  ? 187 TYR A CD2 1 
ATOM   789  C CE1 . TYR A 1 122 ? -4.943  14.212  -7.693  1.00 44.58  ? 187 TYR A CE1 1 
ATOM   790  C CE2 . TYR A 1 122 ? -6.647  12.521  -8.231  1.00 47.76  ? 187 TYR A CE2 1 
ATOM   791  C CZ  . TYR A 1 122 ? -6.146  13.833  -8.349  1.00 47.34  ? 187 TYR A CZ  1 
ATOM   792  O OH  . TYR A 1 122 ? -6.845  14.733  -9.113  1.00 44.99  ? 187 TYR A OH  1 
ATOM   793  N N   . VAL A 1 123 ? -6.426  9.621   -4.501  1.00 31.69  ? 188 VAL A N   1 
ATOM   794  C CA  . VAL A 1 123 ? -7.850  9.330   -4.355  1.00 30.25  ? 188 VAL A CA  1 
ATOM   795  C C   . VAL A 1 123 ? -8.310  9.446   -2.887  1.00 29.65  ? 188 VAL A C   1 
ATOM   796  O O   . VAL A 1 123 ? -9.388  10.021  -2.611  1.00 29.58  ? 188 VAL A O   1 
ATOM   797  C CB  . VAL A 1 123 ? -8.150  7.933   -4.969  1.00 28.03  ? 188 VAL A CB  1 
ATOM   798  C CG1 . VAL A 1 123 ? -9.478  7.362   -4.485  1.00 26.05  ? 188 VAL A CG1 1 
ATOM   799  C CG2 . VAL A 1 123 ? -8.024  7.966   -6.491  1.00 24.68  ? 188 VAL A CG2 1 
ATOM   800  N N   . GLN A 1 124 ? -7.508  8.903   -1.958  1.00 29.73  ? 189 GLN A N   1 
ATOM   801  C CA  . GLN A 1 124 ? -7.748  9.112   -0.518  1.00 29.81  ? 189 GLN A CA  1 
ATOM   802  C C   . GLN A 1 124 ? -7.861  10.596  -0.137  1.00 31.82  ? 189 GLN A C   1 
ATOM   803  O O   . GLN A 1 124 ? -8.748  10.954  0.634   1.00 35.87  ? 189 GLN A O   1 
ATOM   804  C CB  . GLN A 1 124 ? -6.653  8.503   0.355   1.00 30.23  ? 189 GLN A CB  1 
ATOM   805  C CG  . GLN A 1 124 ? -6.997  8.480   1.851   1.00 27.93  ? 189 GLN A CG  1 
ATOM   806  C CD  . GLN A 1 124 ? -8.388  7.980   2.145   1.00 27.56  ? 189 GLN A CD  1 
ATOM   807  O OE1 . GLN A 1 124 ? -8.776  6.900   1.682   1.00 28.40  ? 189 GLN A OE1 1 
ATOM   808  N NE2 . GLN A 1 124 ? -9.160  8.765   2.893   1.00 26.89  ? 189 GLN A NE2 1 
ATOM   809  N N   . GLN A 1 125 ? -6.969  11.451  -0.637  1.00 29.21  ? 190 GLN A N   1 
ATOM   810  C CA  . GLN A 1 125 ? -7.077  12.867  -0.331  1.00 27.21  ? 190 GLN A CA  1 
ATOM   811  C C   . GLN A 1 125 ? -8.436  13.405  -0.818  1.00 28.20  ? 190 GLN A C   1 
ATOM   812  O O   . GLN A 1 125 ? -9.042  14.206  -0.113  1.00 27.97  ? 190 GLN A O   1 
ATOM   813  C CB  . GLN A 1 125 ? -5.946  13.643  -0.974  1.00 27.78  ? 190 GLN A CB  1 
ATOM   814  C CG  . GLN A 1 125 ? -5.731  15.024  -0.382  1.00 33.42  ? 190 GLN A CG  1 
ATOM   815  C CD  . GLN A 1 125 ? -6.677  16.112  -0.897  1.00 32.47  ? 190 GLN A CD  1 
ATOM   816  O OE1 . GLN A 1 125 ? -7.142  16.080  -2.030  1.00 33.94  ? 190 GLN A OE1 1 
ATOM   817  N NE2 . GLN A 1 125 ? -6.940  17.095  -0.057  1.00 33.29  ? 190 GLN A NE2 1 
ATOM   818  N N   . LYS A 1 126 ? -8.900  12.990  -2.013  1.00 27.24  ? 191 LYS A N   1 
ATOM   819  C CA  . LYS A 1 126 ? -10.142 13.513  -2.582  1.00 26.45  ? 191 LYS A CA  1 
ATOM   820  C C   . LYS A 1 126 ? -11.275 12.958  -1.752  1.00 28.19  ? 191 LYS A C   1 
ATOM   821  O O   . LYS A 1 126 ? -12.193 13.674  -1.400  1.00 29.24  ? 191 LYS A O   1 
ATOM   822  C CB  . LYS A 1 126 ? -10.352 13.073  -4.028  1.00 27.39  ? 191 LYS A CB  1 
ATOM   823  C CG  . LYS A 1 126 ? -9.407  13.634  -5.062  1.00 28.80  ? 191 LYS A CG  1 
ATOM   824  C CD  . LYS A 1 126 ? -9.243  15.125  -4.905  1.00 30.03  ? 191 LYS A CD  1 
ATOM   825  C CE  . LYS A 1 126 ? -8.753  15.660  -6.232  1.00 33.36  ? 191 LYS A CE  1 
ATOM   826  N NZ  . LYS A 1 126 ? -8.977  17.133  -6.312  1.00 36.67  ? 191 LYS A NZ  1 
ATOM   827  N N   . PHE A 1 127 ? -11.209 11.671  -1.419  1.00 29.27  ? 192 PHE A N   1 
ATOM   828  C CA  . PHE A 1 127 ? -12.266 11.095  -0.623  1.00 27.70  ? 192 PHE A CA  1 
ATOM   829  C C   . PHE A 1 127 ? -12.433 11.816  0.687   1.00 27.50  ? 192 PHE A C   1 
ATOM   830  O O   . PHE A 1 127 ? -13.534 12.221  1.029   1.00 27.65  ? 192 PHE A O   1 
ATOM   831  C CB  . PHE A 1 127 ? -12.057 9.610   -0.427  1.00 26.59  ? 192 PHE A CB  1 
ATOM   832  C CG  . PHE A 1 127 ? -12.660 8.769   -1.510  1.00 25.31  ? 192 PHE A CG  1 
ATOM   833  C CD1 . PHE A 1 127 ? -12.636 9.175   -2.842  1.00 26.84  ? 192 PHE A CD1 1 
ATOM   834  C CD2 . PHE A 1 127 ? -13.228 7.553   -1.206  1.00 25.63  ? 192 PHE A CD2 1 
ATOM   835  C CE1 . PHE A 1 127 ? -13.194 8.375   -3.855  1.00 27.15  ? 192 PHE A CE1 1 
ATOM   836  C CE2 . PHE A 1 127 ? -13.763 6.739   -2.216  1.00 26.58  ? 192 PHE A CE2 1 
ATOM   837  C CZ  . PHE A 1 127 ? -13.750 7.156   -3.539  1.00 24.93  ? 192 PHE A CZ  1 
ATOM   838  N N   . SER A 1 128 ? -11.342 12.011  1.408   1.00 28.03  ? 193 SER A N   1 
ATOM   839  C CA  . SER A 1 128 ? -11.485 12.590  2.726   1.00 28.41  ? 193 SER A CA  1 
ATOM   840  C C   . SER A 1 128 ? -10.339 13.488  3.265   1.00 26.79  ? 193 SER A C   1 
ATOM   841  O O   . SER A 1 128 ? -10.216 13.673  4.479   1.00 24.23  ? 193 SER A O   1 
ATOM   842  C CB  . SER A 1 128 ? -12.014 11.549  3.737   1.00 28.96  ? 193 SER A CB  1 
ATOM   843  O OG  . SER A 1 128 ? -11.031 10.626  4.068   1.00 40.16  ? 193 SER A OG  1 
ATOM   844  N N   . GLY A 1 129 ? -9.594  14.115  2.358   1.00 25.41  ? 194 GLY A N   1 
ATOM   845  C CA  . GLY A 1 129 ? -8.601  15.129  2.752   1.00 28.15  ? 194 GLY A CA  1 
ATOM   846  C C   . GLY A 1 129 ? -7.297  14.495  3.227   1.00 32.81  ? 194 GLY A C   1 
ATOM   847  O O   . GLY A 1 129 ? -7.144  13.265  3.091   1.00 30.96  ? 194 GLY A O   1 
ATOM   848  N N   . PRO A 1 130 ? -6.363  15.309  3.817   1.00 32.90  ? 195 PRO A N   1 
ATOM   849  C CA  . PRO A 1 130 ? -4.947  14.885  3.816   1.00 30.16  ? 195 PRO A CA  1 
ATOM   850  C C   . PRO A 1 130 ? -4.479  14.017  4.966   1.00 29.64  ? 195 PRO A C   1 
ATOM   851  O O   . PRO A 1 130 ? -3.398  13.450  4.859   1.00 30.57  ? 195 PRO A O   1 
ATOM   852  C CB  . PRO A 1 130 ? -4.192  16.206  3.810   1.00 30.96  ? 195 PRO A CB  1 
ATOM   853  C CG  . PRO A 1 130 ? -5.150  17.238  4.380   1.00 29.21  ? 195 PRO A CG  1 
ATOM   854  C CD  . PRO A 1 130 ? -6.521  16.615  4.493   1.00 29.30  ? 195 PRO A CD  1 
ATOM   855  N N   . TRP A 1 131 ? -5.282  13.895  6.033   1.00 32.36  ? 196 TRP A N   1 
ATOM   856  C CA  . TRP A 1 131 ? -4.879  13.201  7.308   1.00 31.95  ? 196 TRP A CA  1 
ATOM   857  C C   . TRP A 1 131 ? -5.269  11.716  7.313   1.00 30.24  ? 196 TRP A C   1 
ATOM   858  O O   . TRP A 1 131 ? -6.392  11.315  7.683   1.00 31.66  ? 196 TRP A O   1 
ATOM   859  C CB  . TRP A 1 131 ? -5.275  13.964  8.605   1.00 32.02  ? 196 TRP A CB  1 
ATOM   860  C CG  . TRP A 1 131 ? -4.991  15.471  8.528   1.00 38.62  ? 196 TRP A CG  1 
ATOM   861  C CD1 . TRP A 1 131 ? -5.925  16.464  8.535   1.00 35.48  ? 196 TRP A CD1 1 
ATOM   862  C CD2 . TRP A 1 131 ? -3.694  16.134  8.373   1.00 43.32  ? 196 TRP A CD2 1 
ATOM   863  N NE1 . TRP A 1 131 ? -5.309  17.684  8.420   1.00 42.50  ? 196 TRP A NE1 1 
ATOM   864  C CE2 . TRP A 1 131 ? -3.948  17.523  8.323   1.00 44.83  ? 196 TRP A CE2 1 
ATOM   865  C CE3 . TRP A 1 131 ? -2.354  15.687  8.298   1.00 43.84  ? 196 TRP A CE3 1 
ATOM   866  C CZ2 . TRP A 1 131 ? -2.908  18.489  8.187   1.00 46.85  ? 196 TRP A CZ2 1 
ATOM   867  C CZ3 . TRP A 1 131 ? -1.307  16.653  8.165   1.00 47.05  ? 196 TRP A CZ3 1 
ATOM   868  C CH2 . TRP A 1 131 ? -1.599  18.032  8.106   1.00 50.92  ? 196 TRP A CH2 1 
ATOM   869  N N   . PHE A 1 132 ? -4.305  10.943  6.819   1.00 25.70  ? 197 PHE A N   1 
ATOM   870  C CA  . PHE A 1 132 ? -4.403  9.514   6.558   1.00 25.91  ? 197 PHE A CA  1 
ATOM   871  C C   . PHE A 1 132 ? -2.971  8.978   6.396   1.00 27.17  ? 197 PHE A C   1 
ATOM   872  O O   . PHE A 1 132 ? -2.031  9.729   6.016   1.00 26.86  ? 197 PHE A O   1 
ATOM   873  C CB  . PHE A 1 132 ? -5.267  9.205   5.283   1.00 22.89  ? 197 PHE A CB  1 
ATOM   874  C CG  . PHE A 1 132 ? -4.604  9.557   3.962   1.00 20.04  ? 197 PHE A CG  1 
ATOM   875  C CD1 . PHE A 1 132 ? -3.742  8.655   3.316   1.00 21.24  ? 197 PHE A CD1 1 
ATOM   876  C CD2 . PHE A 1 132 ? -4.844  10.787  3.363   1.00 19.43  ? 197 PHE A CD2 1 
ATOM   877  C CE1 . PHE A 1 132 ? -3.126  9.016   2.111   1.00 19.93  ? 197 PHE A CE1 1 
ATOM   878  C CE2 . PHE A 1 132 ? -4.274  11.150  2.150   1.00 18.13  ? 197 PHE A CE2 1 
ATOM   879  C CZ  . PHE A 1 132 ? -3.405  10.268  1.536   1.00 20.26  ? 197 PHE A CZ  1 
ATOM   880  N N   . GLY A 1 133 ? -2.804  7.683   6.621   1.00 28.24  ? 198 GLY A N   1 
ATOM   881  C CA  . GLY A 1 133 ? -1.487  7.070   6.401   1.00 32.42  ? 198 GLY A CA  1 
ATOM   882  C C   . GLY A 1 133 ? -1.582  5.572   6.358   1.00 33.84  ? 198 GLY A C   1 
ATOM   883  O O   . GLY A 1 133 ? -2.693  5.034   6.587   1.00 30.31  ? 198 GLY A O   1 
ATOM   884  N N   . GLY A 1 134 ? -0.438  4.903   6.086   1.00 33.64  ? 199 GLY A N   1 
ATOM   885  C CA  . GLY A 1 134 ? -0.389  3.433   6.172   1.00 32.67  ? 199 GLY A CA  1 
ATOM   886  C C   . GLY A 1 134 ? -0.096  2.790   4.846   1.00 32.19  ? 199 GLY A C   1 
ATOM   887  O O   . GLY A 1 134 ? -0.343  3.386   3.796   1.00 31.65  ? 199 GLY A O   1 
ATOM   888  N N   . LEU A 1 135 ? 0.408   1.555   4.905   1.00 32.04  ? 200 LEU A N   1 
ATOM   889  C CA  . LEU A 1 135 ? 0.847   0.860   3.704   1.00 29.97  ? 200 LEU A CA  1 
ATOM   890  C C   . LEU A 1 135 ? -0.248  0.054   3.005   1.00 29.38  ? 200 LEU A C   1 
ATOM   891  O O   . LEU A 1 135 ? 0.087   -0.716  2.114   1.00 34.81  ? 200 LEU A O   1 
ATOM   892  C CB  . LEU A 1 135 ? 2.068   -0.032  3.990   1.00 27.35  ? 200 LEU A CB  1 
ATOM   893  C CG  . LEU A 1 135 ? 2.844   -0.583  2.767   1.00 27.72  ? 200 LEU A CG  1 
ATOM   894  C CD1 . LEU A 1 135 ? 3.618   0.443   1.929   1.00 27.05  ? 200 LEU A CD1 1 
ATOM   895  C CD2 . LEU A 1 135 ? 3.755   -1.731  3.168   1.00 27.88  ? 200 LEU A CD2 1 
ATOM   896  N N   . SER A 1 136 ? -1.521  0.215   3.348   1.00 27.21  ? 201 SER A N   1 
ATOM   897  C CA  . SER A 1 136 ? -2.551  -0.711  2.811   1.00 28.61  ? 201 SER A CA  1 
ATOM   898  C C   . SER A 1 136 ? -3.091  -0.429  1.400   1.00 29.61  ? 201 SER A C   1 
ATOM   899  O O   . SER A 1 136 ? -3.763  -1.294  0.820   1.00 34.06  ? 201 SER A O   1 
ATOM   900  C CB  . SER A 1 136 ? -3.711  -0.866  3.764   1.00 28.70  ? 201 SER A CB  1 
ATOM   901  O OG  . SER A 1 136 ? -4.284  0.413   4.014   1.00 30.93  ? 201 SER A OG  1 
ATOM   902  N N   . GLY A 1 137 ? -2.817  0.768   0.869   1.00 27.46  ? 202 GLY A N   1 
ATOM   903  C CA  . GLY A 1 137 ? -3.111  1.108   -0.524  1.00 26.16  ? 202 GLY A CA  1 
ATOM   904  C C   . GLY A 1 137 ? -2.146  0.362   -1.409  1.00 27.04  ? 202 GLY A C   1 
ATOM   905  O O   . GLY A 1 137 ? -2.524  -0.251  -2.441  1.00 28.91  ? 202 GLY A O   1 
ATOM   906  N N   . VAL A 1 138 ? -0.879  0.436   -1.017  1.00 26.84  ? 203 VAL A N   1 
ATOM   907  C CA  . VAL A 1 138 ? 0.159   -0.391  -1.639  1.00 26.87  ? 203 VAL A CA  1 
ATOM   908  C C   . VAL A 1 138 ? -0.192  -1.887  -1.526  1.00 26.55  ? 203 VAL A C   1 
ATOM   909  O O   . VAL A 1 138 ? 0.028   -2.599  -2.488  1.00 28.89  ? 203 VAL A O   1 
ATOM   910  C CB  . VAL A 1 138 ? 1.559   -0.124  -1.020  1.00 26.76  ? 203 VAL A CB  1 
ATOM   911  C CG1 . VAL A 1 138 ? 2.614   -1.106  -1.561  1.00 23.22  ? 203 VAL A CG1 1 
ATOM   912  C CG2 . VAL A 1 138 ? 1.973   1.315   -1.272  1.00 24.43  ? 203 VAL A CG2 1 
ATOM   913  N N   . VAL A 1 139 ? -0.742  -2.337  -0.379  1.00 23.74  ? 204 VAL A N   1 
ATOM   914  C CA  . VAL A 1 139 ? -1.079  -3.747  -0.154  1.00 22.92  ? 204 VAL A CA  1 
ATOM   915  C C   . VAL A 1 139 ? -2.227  -4.246  -1.046  1.00 24.96  ? 204 VAL A C   1 
ATOM   916  O O   . VAL A 1 139 ? -2.138  -5.351  -1.635  1.00 24.98  ? 204 VAL A O   1 
ATOM   917  C CB  . VAL A 1 139 ? -1.314  -4.050  1.343   1.00 24.54  ? 204 VAL A CB  1 
ATOM   918  C CG1 . VAL A 1 139 ? -2.267  -5.218  1.554   1.00 25.71  ? 204 VAL A CG1 1 
ATOM   919  C CG2 . VAL A 1 139 ? 0.014   -4.310  2.071   1.00 24.21  ? 204 VAL A CG2 1 
ATOM   920  N N   . PHE A 1 140 ? -3.283  -3.431  -1.169  1.00 22.85  ? 205 PHE A N   1 
ATOM   921  C CA  . PHE A 1 140 ? -4.384  -3.735  -2.052  1.00 20.89  ? 205 PHE A CA  1 
ATOM   922  C C   . PHE A 1 140 ? -3.950  -3.734  -3.535  1.00 21.51  ? 205 PHE A C   1 
ATOM   923  O O   . PHE A 1 140 ? -4.502  -4.491  -4.333  1.00 20.76  ? 205 PHE A O   1 
ATOM   924  C CB  . PHE A 1 140 ? -5.562  -2.757  -1.762  1.00 23.22  ? 205 PHE A CB  1 
ATOM   925  C CG  . PHE A 1 140 ? -6.552  -3.284  -0.743  1.00 24.24  ? 205 PHE A CG  1 
ATOM   926  C CD1 . PHE A 1 140 ? -7.532  -4.200  -1.116  1.00 24.90  ? 205 PHE A CD1 1 
ATOM   927  C CD2 . PHE A 1 140 ? -6.486  -2.886  0.598   1.00 26.26  ? 205 PHE A CD2 1 
ATOM   928  C CE1 . PHE A 1 140 ? -8.424  -4.705  -0.178  1.00 28.06  ? 205 PHE A CE1 1 
ATOM   929  C CE2 . PHE A 1 140 ? -7.378  -3.386  1.545   1.00 27.64  ? 205 PHE A CE2 1 
ATOM   930  C CZ  . PHE A 1 140 ? -8.354  -4.303  1.147   1.00 27.95  ? 205 PHE A CZ  1 
ATOM   931  N N   . ALA A 1 141 ? -2.997  -2.871  -3.913  1.00 21.28  ? 206 ALA A N   1 
ATOM   932  C CA  . ALA A 1 141 ? -2.429  -2.913  -5.251  1.00 23.80  ? 206 ALA A CA  1 
ATOM   933  C C   . ALA A 1 141 ? -1.544  -4.167  -5.476  1.00 28.16  ? 206 ALA A C   1 
ATOM   934  O O   . ALA A 1 141 ? -1.313  -4.572  -6.620  1.00 32.04  ? 206 ALA A O   1 
ATOM   935  C CB  . ALA A 1 141 ? -1.620  -1.661  -5.530  1.00 23.29  ? 206 ALA A CB  1 
ATOM   936  N N   . LEU A 1 142 ? -1.004  -4.745  -4.397  1.00 27.81  ? 207 LEU A N   1 
ATOM   937  C CA  . LEU A 1 142 ? -0.236  -5.982  -4.498  1.00 27.10  ? 207 LEU A CA  1 
ATOM   938  C C   . LEU A 1 142 ? -1.146  -7.157  -4.628  1.00 26.51  ? 207 LEU A C   1 
ATOM   939  O O   . LEU A 1 142 ? -0.810  -8.112  -5.339  1.00 24.89  ? 207 LEU A O   1 
ATOM   940  C CB  . LEU A 1 142 ? 0.730   -6.148  -3.332  1.00 27.45  ? 207 LEU A CB  1 
ATOM   941  C CG  . LEU A 1 142 ? 1.940   -5.241  -3.567  1.00 28.37  ? 207 LEU A CG  1 
ATOM   942  C CD1 . LEU A 1 142 ? 2.785   -5.191  -2.311  1.00 27.53  ? 207 LEU A CD1 1 
ATOM   943  C CD2 . LEU A 1 142 ? 2.731   -5.751  -4.765  1.00 25.80  ? 207 LEU A CD2 1 
ATOM   944  N N   . MET A 1 143 ? -2.290  -7.074  -3.941  1.00 28.80  ? 208 MET A N   1 
ATOM   945  C CA  . MET A 1 143 ? -3.350  -8.081  -4.021  1.00 31.85  ? 208 MET A CA  1 
ATOM   946  C C   . MET A 1 143 ? -3.962  -8.128  -5.449  1.00 30.28  ? 208 MET A C   1 
ATOM   947  O O   . MET A 1 143 ? -4.023  -9.191  -6.063  1.00 29.33  ? 208 MET A O   1 
ATOM   948  C CB  . MET A 1 143 ? -4.407  -7.867  -2.929  1.00 34.22  ? 208 MET A CB  1 
ATOM   949  C CG  . MET A 1 143 ? -4.099  -8.634  -1.657  1.00 42.07  ? 208 MET A CG  1 
ATOM   950  S SD  . MET A 1 143 ? -5.126  -8.446  -0.156  1.00 63.49  ? 208 MET A SD  1 
ATOM   951  C CE  . MET A 1 143 ? -5.090  -6.680  0.071   1.00 57.32  ? 208 MET A CE  1 
ATOM   952  N N   . GLY A 1 144 ? -4.364  -6.973  -5.982  1.00 28.76  ? 209 GLY A N   1 
ATOM   953  C CA  . GLY A 1 144 ? -4.855  -6.909  -7.352  1.00 29.22  ? 209 GLY A CA  1 
ATOM   954  C C   . GLY A 1 144 ? -3.864  -7.512  -8.346  1.00 29.84  ? 209 GLY A C   1 
ATOM   955  O O   . GLY A 1 144 ? -4.215  -8.375  -9.175  1.00 26.30  ? 209 GLY A O   1 
ATOM   956  N N   . TYR A 1 145 ? -2.614  -7.066  -8.231  1.00 29.50  ? 210 TYR A N   1 
ATOM   957  C CA  . TYR A 1 145 ? -1.515  -7.536  -9.073  1.00 28.44  ? 210 TYR A CA  1 
ATOM   958  C C   . TYR A 1 145 ? -1.264  -9.066  -9.083  1.00 29.18  ? 210 TYR A C   1 
ATOM   959  O O   . TYR A 1 145 ? -1.316  -9.711  -10.133 1.00 26.25  ? 210 TYR A O   1 
ATOM   960  C CB  . TYR A 1 145 ? -0.236  -6.803  -8.732  1.00 23.08  ? 210 TYR A CB  1 
ATOM   961  C CG  . TYR A 1 145 ? 0.732   -6.978  -9.845  1.00 22.27  ? 210 TYR A CG  1 
ATOM   962  C CD1 . TYR A 1 145 ? 0.787   -6.040  -10.902 1.00 20.76  ? 210 TYR A CD1 1 
ATOM   963  C CD2 . TYR A 1 145 ? 1.579   -8.128  -9.910  1.00 20.59  ? 210 TYR A CD2 1 
ATOM   964  C CE1 . TYR A 1 145 ? 1.702   -6.220  -11.962 1.00 18.96  ? 210 TYR A CE1 1 
ATOM   965  C CE2 . TYR A 1 145 ? 2.453   -8.317  -10.979 1.00 18.61  ? 210 TYR A CE2 1 
ATOM   966  C CZ  . TYR A 1 145 ? 2.502   -7.357  -11.991 1.00 19.01  ? 210 TYR A CZ  1 
ATOM   967  O OH  . TYR A 1 145 ? 3.360   -7.511  -13.023 1.00 19.24  ? 210 TYR A OH  1 
ATOM   968  N N   . VAL A 1 146 ? -0.971  -9.607  -7.903  1.00 34.48  ? 211 VAL A N   1 
ATOM   969  C CA  . VAL A 1 146 ? -0.626  -11.012 -7.721  1.00 34.44  ? 211 VAL A CA  1 
ATOM   970  C C   . VAL A 1 146 ? -1.806  -11.906 -8.160  1.00 40.60  ? 211 VAL A C   1 
ATOM   971  O O   . VAL A 1 146 ? -1.576  -12.930 -8.846  1.00 44.57  ? 211 VAL A O   1 
ATOM   972  C CB  . VAL A 1 146 ? -0.161  -11.288 -6.265  1.00 32.51  ? 211 VAL A CB  1 
ATOM   973  C CG1 . VAL A 1 146 ? -0.006  -12.787 -5.958  1.00 31.55  ? 211 VAL A CG1 1 
ATOM   974  C CG2 . VAL A 1 146 ? 1.131   -10.543 -5.955  1.00 30.42  ? 211 VAL A CG2 1 
ATOM   975  N N   . TRP A 1 147 ? -3.045  -11.526 -7.789  1.00 40.49  ? 212 TRP A N   1 
ATOM   976  C CA  . TRP A 1 147 ? -4.256  -12.273 -8.210  1.00 40.91  ? 212 TRP A CA  1 
ATOM   977  C C   . TRP A 1 147 ? -4.454  -12.321 -9.761  1.00 42.02  ? 212 TRP A C   1 
ATOM   978  O O   . TRP A 1 147 ? -4.472  -13.414 -10.341 1.00 41.88  ? 212 TRP A O   1 
ATOM   979  C CB  . TRP A 1 147 ? -5.532  -11.772 -7.524  1.00 43.04  ? 212 TRP A CB  1 
ATOM   980  C CG  . TRP A 1 147 ? -6.736  -12.365 -8.149  1.00 46.50  ? 212 TRP A CG  1 
ATOM   981  C CD1 . TRP A 1 147 ? -7.167  -13.651 -8.005  1.00 50.37  ? 212 TRP A CD1 1 
ATOM   982  C CD2 . TRP A 1 147 ? -7.655  -11.734 -9.071  1.00 48.98  ? 212 TRP A CD2 1 
ATOM   983  N NE1 . TRP A 1 147 ? -8.302  -13.871 -8.770  1.00 52.01  ? 212 TRP A NE1 1 
ATOM   984  C CE2 . TRP A 1 147 ? -8.633  -12.712 -9.428  1.00 51.08  ? 212 TRP A CE2 1 
ATOM   985  C CE3 . TRP A 1 147 ? -7.760  -10.442 -9.624  1.00 48.73  ? 212 TRP A CE3 1 
ATOM   986  C CZ2 . TRP A 1 147 ? -9.708  -12.438 -10.323 1.00 48.90  ? 212 TRP A CZ2 1 
ATOM   987  C CZ3 . TRP A 1 147 ? -8.835  -10.167 -10.539 1.00 48.37  ? 212 TRP A CZ3 1 
ATOM   988  C CH2 . TRP A 1 147 ? -9.781  -11.170 -10.874 1.00 48.38  ? 212 TRP A CH2 1 
ATOM   989  N N   . LEU A 1 148 ? -4.562  -11.162 -10.418 1.00 33.57  ? 213 LEU A N   1 
ATOM   990  C CA  . LEU A 1 148 ? -4.849  -11.133 -11.832 1.00 34.27  ? 213 LEU A CA  1 
ATOM   991  C C   . LEU A 1 148 ? -3.657  -11.650 -12.660 1.00 38.90  ? 213 LEU A C   1 
ATOM   992  O O   . LEU A 1 148 ? -3.845  -12.294 -13.721 1.00 39.14  ? 213 LEU A O   1 
ATOM   993  C CB  . LEU A 1 148 ? -5.327  -9.741  -12.244 1.00 30.39  ? 213 LEU A CB  1 
ATOM   994  C CG  . LEU A 1 148 ? -5.666  -9.462  -13.688 1.00 34.70  ? 213 LEU A CG  1 
ATOM   995  C CD1 . LEU A 1 148 ? -6.530  -8.221  -13.866 1.00 34.96  ? 213 LEU A CD1 1 
ATOM   996  C CD2 . LEU A 1 148 ? -4.355  -9.243  -14.413 1.00 37.84  ? 213 LEU A CD2 1 
ATOM   997  N N   . ARG A 1 149 ? -2.441  -11.367 -12.189 1.00 37.97  ? 214 ARG A N   1 
ATOM   998  C CA  . ARG A 1 149 ? -1.218  -11.842 -12.832 1.00 37.30  ? 214 ARG A CA  1 
ATOM   999  C C   . ARG A 1 149 ? -1.130  -13.388 -12.835 1.00 39.89  ? 214 ARG A C   1 
ATOM   1000 O O   . ARG A 1 149 ? -0.848  -13.985 -13.850 1.00 34.30  ? 214 ARG A O   1 
ATOM   1001 C CB  . ARG A 1 149 ? -0.002  -11.260 -12.115 1.00 38.22  ? 214 ARG A CB  1 
ATOM   1002 C CG  . ARG A 1 149 ? 1.308   -11.423 -12.857 1.00 32.51  ? 214 ARG A CG  1 
ATOM   1003 C CD  . ARG A 1 149 ? 1.306   -10.567 -14.091 1.00 30.41  ? 214 ARG A CD  1 
ATOM   1004 N NE  . ARG A 1 149 ? 2.251   -11.127 -15.036 1.00 29.60  ? 214 ARG A NE  1 
ATOM   1005 C CZ  . ARG A 1 149 ? 3.513   -10.710 -15.189 1.00 30.11  ? 214 ARG A CZ  1 
ATOM   1006 N NH1 . ARG A 1 149 ? 4.021   -9.711  -14.462 1.00 27.60  ? 214 ARG A NH1 1 
ATOM   1007 N NH2 . ARG A 1 149 ? 4.283   -11.296 -16.089 1.00 31.70  ? 214 ARG A NH2 1 
ATOM   1008 N N   . GLY A 1 150 ? -1.378  -14.022 -11.684 1.00 44.88  ? 215 GLY A N   1 
ATOM   1009 C CA  . GLY A 1 150 ? -1.363  -15.489 -11.579 1.00 44.55  ? 215 GLY A CA  1 
ATOM   1010 C C   . GLY A 1 150 ? -2.526  -16.141 -12.296 1.00 47.00  ? 215 GLY A C   1 
ATOM   1011 O O   . GLY A 1 150 ? -2.491  -17.337 -12.621 1.00 48.44  ? 215 GLY A O   1 
ATOM   1012 N N   . GLU A 1 151 ? -3.560  -15.332 -12.525 1.00 48.41  ? 216 GLU A N   1 
ATOM   1013 C CA  . GLU A 1 151 ? -4.734  -15.717 -13.274 1.00 48.36  ? 216 GLU A CA  1 
ATOM   1014 C C   . GLU A 1 151 ? -4.488  -15.683 -14.774 1.00 45.49  ? 216 GLU A C   1 
ATOM   1015 O O   . GLU A 1 151 ? -4.596  -16.701 -15.427 1.00 46.51  ? 216 GLU A O   1 
ATOM   1016 C CB  . GLU A 1 151 ? -5.921  -14.829 -12.906 1.00 53.14  ? 216 GLU A CB  1 
ATOM   1017 C CG  . GLU A 1 151 ? -6.574  -15.189 -11.581 1.00 56.06  ? 216 GLU A CG  1 
ATOM   1018 C CD  . GLU A 1 151 ? -7.386  -16.454 -11.657 1.00 55.01  ? 216 GLU A CD  1 
ATOM   1019 O OE1 . GLU A 1 151 ? -7.010  -17.361 -12.423 1.00 58.85  ? 216 GLU A OE1 1 
ATOM   1020 O OE2 . GLU A 1 151 ? -8.412  -16.534 -10.952 1.00 61.20  ? 216 GLU A OE2 1 
ATOM   1021 N N   . ARG A 1 152 ? -4.151  -14.521 -15.314 1.00 44.64  ? 217 ARG A N   1 
ATOM   1022 C CA  . ARG A 1 152 ? -3.956  -14.380 -16.741 1.00 44.50  ? 217 ARG A CA  1 
ATOM   1023 C C   . ARG A 1 152 ? -2.617  -14.912 -17.202 1.00 45.67  ? 217 ARG A C   1 
ATOM   1024 O O   . ARG A 1 152 ? -2.388  -15.061 -18.404 1.00 48.32  ? 217 ARG A O   1 
ATOM   1025 C CB  . ARG A 1 152 ? -4.078  -12.926 -17.123 1.00 46.09  ? 217 ARG A CB  1 
ATOM   1026 C CG  . ARG A 1 152 ? -5.492  -12.408 -16.984 1.00 54.77  ? 217 ARG A CG  1 
ATOM   1027 C CD  . ARG A 1 152 ? -5.522  -10.918 -17.226 1.00 59.74  ? 217 ARG A CD  1 
ATOM   1028 N NE  . ARG A 1 152 ? -4.734  -10.564 -18.397 1.00 60.03  ? 217 ARG A NE  1 
ATOM   1029 C CZ  . ARG A 1 152 ? -5.179  -10.694 -19.635 1.00 65.89  ? 217 ARG A CZ  1 
ATOM   1030 N NH1 . ARG A 1 152 ? -6.405  -11.169 -19.837 1.00 71.81  ? 217 ARG A NH1 1 
ATOM   1031 N NH2 . ARG A 1 152 ? -4.404  -10.357 -20.664 1.00 69.63  ? 217 ARG A NH2 1 
ATOM   1032 N N   . ASP A 1 153 ? -1.737  -15.212 -16.254 1.00 46.35  ? 218 ASP A N   1 
ATOM   1033 C CA  . ASP A 1 153 ? -0.335  -15.409 -16.571 1.00 49.25  ? 218 ASP A CA  1 
ATOM   1034 C C   . ASP A 1 153 ? 0.378   -16.414 -15.636 1.00 47.84  ? 218 ASP A C   1 
ATOM   1035 O O   . ASP A 1 153 ? 1.446   -16.099 -15.087 1.00 42.79  ? 218 ASP A O   1 
ATOM   1036 C CB  . ASP A 1 153 ? 0.358   -14.043 -16.561 1.00 53.62  ? 218 ASP A CB  1 
ATOM   1037 C CG  . ASP A 1 153 ? 1.537   -13.999 -17.466 1.00 62.10  ? 218 ASP A CG  1 
ATOM   1038 O OD1 . ASP A 1 153 ? 2.661   -13.699 -16.988 1.00 65.78  ? 218 ASP A OD1 1 
ATOM   1039 O OD2 . ASP A 1 153 ? 1.334   -14.298 -18.663 1.00 71.92  ? 218 ASP A OD2 1 
ATOM   1040 N N   . PRO A 1 154 ? -0.189  -17.644 -15.478 1.00 48.12  ? 219 PRO A N   1 
ATOM   1041 C CA  . PRO A 1 154 ? 0.355   -18.628 -14.528 1.00 46.25  ? 219 PRO A CA  1 
ATOM   1042 C C   . PRO A 1 154 ? 1.890   -18.787 -14.512 1.00 43.42  ? 219 PRO A C   1 
ATOM   1043 O O   . PRO A 1 154 ? 2.453   -18.886 -13.426 1.00 42.67  ? 219 PRO A O   1 
ATOM   1044 C CB  . PRO A 1 154 ? -0.332  -19.928 -14.965 1.00 43.26  ? 219 PRO A CB  1 
ATOM   1045 C CG  . PRO A 1 154 ? -1.636  -19.477 -15.470 1.00 43.19  ? 219 PRO A CG  1 
ATOM   1046 C CD  . PRO A 1 154 ? -1.300  -18.239 -16.252 1.00 45.94  ? 219 PRO A CD  1 
ATOM   1047 N N   . GLN A 1 155 ? 2.527   -18.775 -15.694 1.00 42.85  ? 220 GLN A N   1 
ATOM   1048 C CA  . GLN A 1 155 ? 3.984   -18.969 -15.881 1.00 49.79  ? 220 GLN A CA  1 
ATOM   1049 C C   . GLN A 1 155 ? 4.886   -17.944 -15.151 1.00 53.02  ? 220 GLN A C   1 
ATOM   1050 O O   . GLN A 1 155 ? 6.115   -18.140 -15.075 1.00 53.48  ? 220 GLN A O   1 
ATOM   1051 C CB  . GLN A 1 155 ? 4.373   -18.937 -17.368 1.00 54.96  ? 220 GLN A CB  1 
ATOM   1052 C CG  . GLN A 1 155 ? 3.663   -19.910 -18.302 1.00 66.81  ? 220 GLN A CG  1 
ATOM   1053 C CD  . GLN A 1 155 ? 4.115   -19.736 -19.756 1.00 74.67  ? 220 GLN A CD  1 
ATOM   1054 O OE1 . GLN A 1 155 ? 5.202   -20.170 -20.158 1.00 80.65  ? 220 GLN A OE1 1 
ATOM   1055 N NE2 . GLN A 1 155 ? 3.276   -19.099 -20.552 1.00 79.69  ? 220 GLN A NE2 1 
ATOM   1056 N N   . SER A 1 156 ? 4.293   -16.853 -14.650 1.00 46.85  ? 221 SER A N   1 
ATOM   1057 C CA  . SER A 1 156 ? 5.017   -15.846 -13.895 1.00 44.28  ? 221 SER A CA  1 
ATOM   1058 C C   . SER A 1 156 ? 5.384   -16.393 -12.509 1.00 45.14  ? 221 SER A C   1 
ATOM   1059 O O   . SER A 1 156 ? 6.321   -15.909 -11.886 1.00 47.14  ? 221 SER A O   1 
ATOM   1060 C CB  . SER A 1 156 ? 4.220   -14.531 -13.812 1.00 43.05  ? 221 SER A CB  1 
ATOM   1061 O OG  . SER A 1 156 ? 2.950   -14.738 -13.219 1.00 45.22  ? 221 SER A OG  1 
ATOM   1062 N N   . GLY A 1 157 ? 4.658   -17.408 -12.037 1.00 46.21  ? 222 GLY A N   1 
ATOM   1063 C CA  . GLY A 1 157 ? 5.019   -18.128 -10.798 1.00 44.01  ? 222 GLY A CA  1 
ATOM   1064 C C   . GLY A 1 157 ? 4.511   -17.506 -9.513  1.00 39.65  ? 222 GLY A C   1 
ATOM   1065 O O   . GLY A 1 157 ? 4.899   -17.922 -8.423  1.00 39.46  ? 222 GLY A O   1 
ATOM   1066 N N   . ILE A 1 158 ? 3.646   -16.508 -9.656  1.00 39.88  ? 223 ILE A N   1 
ATOM   1067 C CA  . ILE A 1 158 ? 2.945   -15.855 -8.533  1.00 41.99  ? 223 ILE A CA  1 
ATOM   1068 C C   . ILE A 1 158 ? 1.463   -16.170 -8.654  1.00 41.21  ? 223 ILE A C   1 
ATOM   1069 O O   . ILE A 1 158 ? 0.965   -16.427 -9.758  1.00 40.95  ? 223 ILE A O   1 
ATOM   1070 C CB  . ILE A 1 158 ? 3.177   -14.306 -8.481  1.00 38.52  ? 223 ILE A CB  1 
ATOM   1071 C CG1 . ILE A 1 158 ? 2.596   -13.593 -9.700  1.00 37.90  ? 223 ILE A CG1 1 
ATOM   1072 C CG2 . ILE A 1 158 ? 4.654   -13.980 -8.415  1.00 40.81  ? 223 ILE A CG2 1 
ATOM   1073 C CD1 . ILE A 1 158 ? 2.507   -12.102 -9.530  1.00 35.04  ? 223 ILE A CD1 1 
ATOM   1074 N N   . TYR A 1 159 ? 0.761   -16.138 -7.531  1.00 41.98  ? 224 TYR A N   1 
ATOM   1075 C CA  . TYR A 1 159 ? -0.695  -16.348 -7.537  1.00 45.93  ? 224 TYR A CA  1 
ATOM   1076 C C   . TYR A 1 159 ? -1.293  -16.062 -6.171  1.00 41.87  ? 224 TYR A C   1 
ATOM   1077 O O   . TYR A 1 159 ? -0.637  -16.216 -5.125  1.00 40.03  ? 224 TYR A O   1 
ATOM   1078 C CB  . TYR A 1 159 ? -1.061  -17.803 -7.984  1.00 48.51  ? 224 TYR A CB  1 
ATOM   1079 C CG  . TYR A 1 159 ? -1.340  -18.738 -6.831  1.00 47.43  ? 224 TYR A CG  1 
ATOM   1080 C CD1 . TYR A 1 159 ? -2.567  -19.371 -6.719  1.00 47.32  ? 224 TYR A CD1 1 
ATOM   1081 C CD2 . TYR A 1 159 ? -0.371  -18.940 -5.810  1.00 56.15  ? 224 TYR A CD2 1 
ATOM   1082 C CE1 . TYR A 1 159 ? -2.841  -20.194 -5.634  1.00 57.32  ? 224 TYR A CE1 1 
ATOM   1083 C CE2 . TYR A 1 159 ? -0.624  -19.760 -4.719  1.00 62.12  ? 224 TYR A CE2 1 
ATOM   1084 C CZ  . TYR A 1 159 ? -1.857  -20.396 -4.631  1.00 64.73  ? 224 TYR A CZ  1 
ATOM   1085 O OH  . TYR A 1 159 ? -2.108  -21.230 -3.553  1.00 69.77  ? 224 TYR A OH  1 
ATOM   1086 N N   . LEU A 1 160 ? -2.553  -15.685 -6.175  1.00 41.15  ? 225 LEU A N   1 
ATOM   1087 C CA  . LEU A 1 160 ? -3.215  -15.400 -4.922  1.00 45.46  ? 225 LEU A CA  1 
ATOM   1088 C C   . LEU A 1 160 ? -4.247  -16.479 -4.698  1.00 44.89  ? 225 LEU A C   1 
ATOM   1089 O O   . LEU A 1 160 ? -4.983  -16.837 -5.610  1.00 41.60  ? 225 LEU A O   1 
ATOM   1090 C CB  . LEU A 1 160 ? -3.824  -13.973 -4.923  1.00 44.60  ? 225 LEU A CB  1 
ATOM   1091 C CG  . LEU A 1 160 ? -4.329  -13.377 -3.620  1.00 41.57  ? 225 LEU A CG  1 
ATOM   1092 C CD1 . LEU A 1 160 ? -3.117  -13.056 -2.782  1.00 43.02  ? 225 LEU A CD1 1 
ATOM   1093 C CD2 . LEU A 1 160 ? -5.164  -12.137 -3.860  1.00 39.77  ? 225 LEU A CD2 1 
ATOM   1094 N N   . GLN A 1 161 ? -4.264  -17.011 -3.488  1.00 49.29  ? 226 GLN A N   1 
ATOM   1095 C CA  . GLN A 1 161 ? -5.189  -18.046 -3.120  1.00 52.91  ? 226 GLN A CA  1 
ATOM   1096 C C   . GLN A 1 161 ? -6.581  -17.456 -2.928  1.00 62.13  ? 226 GLN A C   1 
ATOM   1097 O O   . GLN A 1 161 ? -6.741  -16.243 -2.707  1.00 66.85  ? 226 GLN A O   1 
ATOM   1098 C CB  . GLN A 1 161 ? -4.691  -18.686 -1.844  1.00 60.83  ? 226 GLN A CB  1 
ATOM   1099 C CG  . GLN A 1 161 ? -3.339  -19.331 -2.040  1.00 67.93  ? 226 GLN A CG  1 
ATOM   1100 C CD  . GLN A 1 161 ? -2.673  -19.718 -0.750  1.00 80.29  ? 226 GLN A CD  1 
ATOM   1101 O OE1 . GLN A 1 161 ? -3.225  -19.515 0.331   1.00 93.26  ? 226 GLN A OE1 1 
ATOM   1102 N NE2 . GLN A 1 161 ? -1.477  -20.296 -0.850  1.00 84.32  ? 226 GLN A NE2 1 
ATOM   1103 N N   . ARG A 1 162 ? -7.600  -18.303 -3.011  1.00 68.94  ? 227 ARG A N   1 
ATOM   1104 C CA  . ARG A 1 162 ? -8.963  -17.788 -2.909  1.00 74.04  ? 227 ARG A CA  1 
ATOM   1105 C C   . ARG A 1 162 ? -9.412  -17.615 -1.463  1.00 66.41  ? 227 ARG A C   1 
ATOM   1106 O O   . ARG A 1 162 ? -10.365 -16.881 -1.211  1.00 62.37  ? 227 ARG A O   1 
ATOM   1107 C CB  . ARG A 1 162 ? -9.972  -18.546 -3.803  1.00 81.68  ? 227 ARG A CB  1 
ATOM   1108 C CG  . ARG A 1 162 ? -10.469 -19.897 -3.318  1.00 93.12  ? 227 ARG A CG  1 
ATOM   1109 C CD  . ARG A 1 162 ? -11.483 -20.485 -4.296  1.00 97.81  ? 227 ARG A CD  1 
ATOM   1110 N NE  . ARG A 1 162 ? -12.604 -21.104 -3.579  1.00 112.58 ? 227 ARG A NE  1 
ATOM   1111 C CZ  . ARG A 1 162 ? -13.825 -20.578 -3.463  1.00 114.54 ? 227 ARG A CZ  1 
ATOM   1112 N NH1 . ARG A 1 162 ? -14.119 -19.415 -4.040  1.00 115.90 ? 227 ARG A NH1 1 
ATOM   1113 N NH2 . ARG A 1 162 ? -14.766 -21.227 -2.777  1.00 114.21 ? 227 ARG A NH2 1 
ATOM   1114 N N   . GLY A 1 163 ? -8.696  -18.249 -0.535  1.00 57.98  ? 228 GLY A N   1 
ATOM   1115 C CA  . GLY A 1 163 ? -8.811  -17.917 0.883   1.00 63.47  ? 228 GLY A CA  1 
ATOM   1116 C C   . GLY A 1 163 ? -8.400  -16.461 1.160   1.00 68.29  ? 228 GLY A C   1 
ATOM   1117 O O   . GLY A 1 163 ? -8.922  -15.811 2.082   1.00 71.39  ? 228 GLY A O   1 
ATOM   1118 N N   . LEU A 1 164 ? -7.477  -15.948 0.346   1.00 61.76  ? 229 LEU A N   1 
ATOM   1119 C CA  . LEU A 1 164 ? -6.888  -14.633 0.574   1.00 55.28  ? 229 LEU A CA  1 
ATOM   1120 C C   . LEU A 1 164 ? -7.674  -13.503 -0.057  1.00 54.04  ? 229 LEU A C   1 
ATOM   1121 O O   . LEU A 1 164 ? -7.836  -12.448 0.568   1.00 52.88  ? 229 LEU A O   1 
ATOM   1122 C CB  . LEU A 1 164 ? -5.416  -14.608 0.154   1.00 54.11  ? 229 LEU A CB  1 
ATOM   1123 C CG  . LEU A 1 164 ? -4.549  -15.607 0.936   1.00 54.66  ? 229 LEU A CG  1 
ATOM   1124 C CD1 . LEU A 1 164 ? -3.076  -15.420 0.614   1.00 54.88  ? 229 LEU A CD1 1 
ATOM   1125 C CD2 . LEU A 1 164 ? -4.797  -15.538 2.435   1.00 51.62  ? 229 LEU A CD2 1 
ATOM   1126 N N   . ILE A 1 165 ? -8.157  -13.728 -1.275  1.00 52.94  ? 230 ILE A N   1 
ATOM   1127 C CA  . ILE A 1 165 ? -9.068  -12.804 -1.936  1.00 58.56  ? 230 ILE A CA  1 
ATOM   1128 C C   . ILE A 1 165 ? -10.516 -12.969 -1.411  1.00 61.84  ? 230 ILE A C   1 
ATOM   1129 O O   . ILE A 1 165 ? -11.344 -12.117 -1.665  1.00 64.66  ? 230 ILE A O   1 
ATOM   1130 C CB  . ILE A 1 165 ? -8.918  -12.852 -3.494  1.00 64.00  ? 230 ILE A CB  1 
ATOM   1131 C CG1 . ILE A 1 165 ? -9.461  -11.576 -4.190  1.00 66.65  ? 230 ILE A CG1 1 
ATOM   1132 C CG2 . ILE A 1 165 ? -9.519  -14.132 -4.071  1.00 65.80  ? 230 ILE A CG2 1 
ATOM   1133 C CD1 . ILE A 1 165 ? -8.541  -10.359 -4.247  1.00 58.07  ? 230 ILE A CD1 1 
ATOM   1134 N N   . ILE A 1 166 ? -10.812 -14.048 -0.674  1.00 65.37  ? 231 ILE A N   1 
ATOM   1135 C CA  . ILE A 1 166 ? -11.968 -14.070 0.254   1.00 65.14  ? 231 ILE A CA  1 
ATOM   1136 C C   . ILE A 1 166 ? -11.783 -12.877 1.216   1.00 61.98  ? 231 ILE A C   1 
ATOM   1137 O O   . ILE A 1 166 ? -12.609 -11.970 1.258   1.00 59.73  ? 231 ILE A O   1 
ATOM   1138 C CB  . ILE A 1 166 ? -12.095 -15.420 1.067   1.00 71.78  ? 231 ILE A CB  1 
ATOM   1139 C CG1 . ILE A 1 166 ? -12.769 -16.539 0.243   1.00 73.90  ? 231 ILE A CG1 1 
ATOM   1140 C CG2 . ILE A 1 166 ? -12.862 -15.250 2.385   1.00 67.87  ? 231 ILE A CG2 1 
ATOM   1141 C CD1 . ILE A 1 166 ? -12.696 -17.938 0.855   1.00 70.21  ? 231 ILE A CD1 1 
ATOM   1142 N N   . PHE A 1 167 ? -10.662 -12.884 1.946   1.00 61.06  ? 232 PHE A N   1 
ATOM   1143 C CA  . PHE A 1 167 ? -10.369 -11.919 3.003   1.00 56.63  ? 232 PHE A CA  1 
ATOM   1144 C C   . PHE A 1 167 ? -10.054 -10.513 2.490   1.00 55.29  ? 232 PHE A C   1 
ATOM   1145 O O   . PHE A 1 167 ? -10.306 -9.556  3.209   1.00 57.06  ? 232 PHE A O   1 
ATOM   1146 C CB  . PHE A 1 167 ? -9.264  -12.428 3.946   1.00 58.12  ? 232 PHE A CB  1 
ATOM   1147 C CG  . PHE A 1 167 ? -8.903  -11.455 5.038   1.00 64.94  ? 232 PHE A CG  1 
ATOM   1148 C CD1 . PHE A 1 167 ? -9.895  -10.952 5.916   1.00 72.15  ? 232 PHE A CD1 1 
ATOM   1149 C CD2 . PHE A 1 167 ? -7.586  -11.019 5.201   1.00 63.34  ? 232 PHE A CD2 1 
ATOM   1150 C CE1 . PHE A 1 167 ? -9.576  -10.023 6.923   1.00 67.88  ? 232 PHE A CE1 1 
ATOM   1151 C CE2 . PHE A 1 167 ? -7.265  -10.102 6.204   1.00 63.53  ? 232 PHE A CE2 1 
ATOM   1152 C CZ  . PHE A 1 167 ? -8.256  -9.603  7.067   1.00 65.84  ? 232 PHE A CZ  1 
ATOM   1153 N N   . ALA A 1 168 ? -9.525  -10.378 1.270   1.00 48.89  ? 233 ALA A N   1 
ATOM   1154 C CA  . ALA A 1 168 ? -9.340  -9.059  0.672   1.00 43.77  ? 233 ALA A CA  1 
ATOM   1155 C C   . ALA A 1 168 ? -10.692 -8.411  0.365   1.00 46.12  ? 233 ALA A C   1 
ATOM   1156 O O   . ALA A 1 168 ? -10.931 -7.266  0.745   1.00 47.25  ? 233 ALA A O   1 
ATOM   1157 C CB  . ALA A 1 168 ? -8.480  -9.149  -0.560  1.00 40.25  ? 233 ALA A CB  1 
ATOM   1158 N N   . LEU A 1 169 ? -11.576 -9.171  -0.278  1.00 49.13  ? 234 LEU A N   1 
ATOM   1159 C CA  . LEU A 1 169 ? -12.942 -8.761  -0.575  1.00 55.90  ? 234 LEU A CA  1 
ATOM   1160 C C   . LEU A 1 169 ? -13.826 -8.429  0.661   1.00 61.86  ? 234 LEU A C   1 
ATOM   1161 O O   . LEU A 1 169 ? -14.733 -7.590  0.594   1.00 64.33  ? 234 LEU A O   1 
ATOM   1162 C CB  . LEU A 1 169 ? -13.591 -9.872  -1.397  1.00 56.59  ? 234 LEU A CB  1 
ATOM   1163 C CG  . LEU A 1 169 ? -14.413 -9.501  -2.630  1.00 63.70  ? 234 LEU A CG  1 
ATOM   1164 C CD1 . LEU A 1 169 ? -13.665 -8.477  -3.485  1.00 64.92  ? 234 LEU A CD1 1 
ATOM   1165 C CD2 . LEU A 1 169 ? -14.770 -10.753 -3.432  1.00 56.13  ? 234 LEU A CD2 1 
ATOM   1166 N N   . ILE A 1 170 ? -13.567 -9.122  1.764   1.00 61.28  ? 235 ILE A N   1 
ATOM   1167 C CA  . ILE A 1 170 ? -14.275 -8.931  3.013   1.00 62.39  ? 235 ILE A CA  1 
ATOM   1168 C C   . ILE A 1 170 ? -13.753 -7.647  3.645   1.00 64.38  ? 235 ILE A C   1 
ATOM   1169 O O   . ILE A 1 170 ? -14.471 -6.936  4.360   1.00 60.02  ? 235 ILE A O   1 
ATOM   1170 C CB  . ILE A 1 170 ? -14.012 -10.143 3.958   1.00 68.67  ? 235 ILE A CB  1 
ATOM   1171 C CG1 . ILE A 1 170 ? -14.890 -11.348 3.575   1.00 66.72  ? 235 ILE A CG1 1 
ATOM   1172 C CG2 . ILE A 1 170 ? -14.230 -9.789  5.435   1.00 68.87  ? 235 ILE A CG2 1 
ATOM   1173 C CD1 . ILE A 1 170 ? -14.465 -12.671 4.194   1.00 62.42  ? 235 ILE A CD1 1 
ATOM   1174 N N   . TRP A 1 171 ? -12.486 -7.365  3.363   1.00 65.82  ? 236 TRP A N   1 
ATOM   1175 C CA  . TRP A 1 171 ? -11.754 -6.276  3.989   1.00 63.79  ? 236 TRP A CA  1 
ATOM   1176 C C   . TRP A 1 171 ? -12.116 -4.896  3.404   1.00 59.63  ? 236 TRP A C   1 
ATOM   1177 O O   . TRP A 1 171 ? -12.330 -3.959  4.175   1.00 59.80  ? 236 TRP A O   1 
ATOM   1178 C CB  . TRP A 1 171 ? -10.256 -6.608  3.940   1.00 61.18  ? 236 TRP A CB  1 
ATOM   1179 C CG  . TRP A 1 171 ? -9.298  -5.601  4.470   1.00 62.67  ? 236 TRP A CG  1 
ATOM   1180 C CD1 . TRP A 1 171 ? -9.576  -4.526  5.271   1.00 57.58  ? 236 TRP A CD1 1 
ATOM   1181 C CD2 . TRP A 1 171 ? -7.868  -5.590  4.260   1.00 68.67  ? 236 TRP A CD2 1 
ATOM   1182 N NE1 . TRP A 1 171 ? -8.426  -3.830  5.547   1.00 60.49  ? 236 TRP A NE1 1 
ATOM   1183 C CE2 . TRP A 1 171 ? -7.357  -4.457  4.951   1.00 65.98  ? 236 TRP A CE2 1 
ATOM   1184 C CE3 . TRP A 1 171 ? -6.969  -6.419  3.542   1.00 68.08  ? 236 TRP A CE3 1 
ATOM   1185 C CZ2 . TRP A 1 171 ? -5.974  -4.125  4.950   1.00 63.60  ? 236 TRP A CZ2 1 
ATOM   1186 C CZ3 . TRP A 1 171 ? -5.587  -6.090  3.546   1.00 65.33  ? 236 TRP A CZ3 1 
ATOM   1187 C CH2 . TRP A 1 171 ? -5.112  -4.947  4.243   1.00 64.29  ? 236 TRP A CH2 1 
ATOM   1188 N N   . ILE A 1 172 ? -12.193 -4.779  2.074   1.00 55.99  ? 237 ILE A N   1 
ATOM   1189 C CA  . ILE A 1 172 ? -12.625 -3.528  1.400   1.00 56.51  ? 237 ILE A CA  1 
ATOM   1190 C C   . ILE A 1 172 ? -13.989 -3.093  1.921   1.00 52.83  ? 237 ILE A C   1 
ATOM   1191 O O   . ILE A 1 172 ? -14.171 -1.942  2.369   1.00 53.74  ? 237 ILE A O   1 
ATOM   1192 C CB  . ILE A 1 172 ? -12.731 -3.639  -0.159  1.00 61.08  ? 237 ILE A CB  1 
ATOM   1193 C CG1 . ILE A 1 172 ? -12.150 -2.414  -0.863  1.00 73.97  ? 237 ILE A CG1 1 
ATOM   1194 C CG2 . ILE A 1 172 ? -14.170 -3.882  -0.609  1.00 53.24  ? 237 ILE A CG2 1 
ATOM   1195 C CD1 . ILE A 1 172 ? -12.000 -2.555  -2.366  1.00 88.76  ? 237 ILE A CD1 1 
ATOM   1196 N N   . VAL A 1 173 ? -14.922 -4.042  1.873   1.00 51.30  ? 238 VAL A N   1 
ATOM   1197 C CA  . VAL A 1 173 ? -16.331 -3.812  2.179   1.00 53.05  ? 238 VAL A CA  1 
ATOM   1198 C C   . VAL A 1 173 ? -16.565 -3.504  3.690   1.00 58.93  ? 238 VAL A C   1 
ATOM   1199 O O   . VAL A 1 173 ? -17.357 -2.611  4.018   1.00 59.78  ? 238 VAL A O   1 
ATOM   1200 C CB  . VAL A 1 173 ? -17.223 -4.947  1.611   1.00 50.82  ? 238 VAL A CB  1 
ATOM   1201 C CG1 . VAL A 1 173 ? -17.391 -4.818  0.096   1.00 49.63  ? 238 VAL A CG1 1 
ATOM   1202 C CG2 . VAL A 1 173 ? -16.642 -6.309  1.924   1.00 53.64  ? 238 VAL A CG2 1 
ATOM   1203 N N   . ALA A 1 174 ? -15.884 -4.129  4.620   1.00 53.78  ? 239 ALA A N   1 
ATOM   1204 C CA  . ALA A 1 174 ? -15.835 -3.799  6.053   1.00 51.47  ? 239 ALA A CA  1 
ATOM   1205 C C   . ALA A 1 174 ? -15.439 -2.359  6.277   1.00 55.11  ? 239 ALA A C   1 
ATOM   1206 O O   . ALA A 1 174 ? -15.740 -1.781  7.279   1.00 56.39  ? 239 ALA A O   1 
ATOM   1207 C CB  . ALA A 1 174 ? -14.941 -4.733  6.829   1.00 47.70  ? 239 ALA A CB  1 
ATOM   1208 N N   . GLY A 1 175 ? -14.716 -1.794  5.320   1.00 59.80  ? 240 GLY A N   1 
ATOM   1209 C CA  . GLY A 1 175 ? -14.261 -0.415  5.518   1.00 60.76  ? 240 GLY A CA  1 
ATOM   1210 C C   . GLY A 1 175 ? -15.367 0.542   5.082   1.00 62.19  ? 240 GLY A C   1 
ATOM   1211 O O   . GLY A 1 175 ? -15.463 1.620   5.624   1.00 58.64  ? 240 GLY A O   1 
ATOM   1212 N N   . TRP A 1 176 ? -16.117 0.056   4.195   1.00 67.86  ? 241 TRP A N   1 
ATOM   1213 C CA  . TRP A 1 176 ? -17.293 0.648   3.605   1.00 77.19  ? 241 TRP A CA  1 
ATOM   1214 C C   . TRP A 1 176 ? -18.361 1.080   4.600   1.00 77.52  ? 241 TRP A C   1 
ATOM   1215 O O   . TRP A 1 176 ? -18.631 2.284   4.660   1.00 75.29  ? 241 TRP A O   1 
ATOM   1216 C CB  . TRP A 1 176 ? -17.832 -0.160  2.453   1.00 81.23  ? 241 TRP A CB  1 
ATOM   1217 C CG  . TRP A 1 176 ? -17.298 0.233   1.096   1.00 86.69  ? 241 TRP A CG  1 
ATOM   1218 C CD1 . TRP A 1 176 ? -16.593 1.329   0.739   1.00 87.05  ? 241 TRP A CD1 1 
ATOM   1219 C CD2 . TRP A 1 176 ? -17.473 -0.523  -0.096  1.00 92.87  ? 241 TRP A CD2 1 
ATOM   1220 N NE1 . TRP A 1 176 ? -16.319 1.314   -0.590  1.00 91.04  ? 241 TRP A NE1 1 
ATOM   1221 C CE2 . TRP A 1 176 ? -16.845 0.183   -1.127  1.00 92.66  ? 241 TRP A CE2 1 
ATOM   1222 C CE3 . TRP A 1 176 ? -18.109 -1.724  -0.377  1.00 97.81  ? 241 TRP A CE3 1 
ATOM   1223 C CZ2 . TRP A 1 176 ? -16.825 -0.275  -2.429  1.00 94.92  ? 241 TRP A CZ2 1 
ATOM   1224 C CZ3 . TRP A 1 176 ? -18.098 -2.202  -1.660  1.00 96.73  ? 241 TRP A CZ3 1 
ATOM   1225 C CH2 . TRP A 1 176 ? -17.443 -1.456  -2.674  1.00 97.96  ? 241 TRP A CH2 1 
ATOM   1226 N N   . PHE A 1 177 ? -18.801 0.120   5.336   1.00 84.69  ? 242 PHE A N   1 
ATOM   1227 C CA  . PHE A 1 177 ? -19.821 0.005   6.327   1.00 87.32  ? 242 PHE A CA  1 
ATOM   1228 C C   . PHE A 1 177 ? -19.465 0.423   7.732   1.00 89.92  ? 242 PHE A C   1 
ATOM   1229 O O   . PHE A 1 177 ? -20.324 0.536   8.647   1.00 96.12  ? 242 PHE A O   1 
ATOM   1230 C CB  . PHE A 1 177 ? -20.558 -1.308  6.325   1.00 89.08  ? 242 PHE A CB  1 
ATOM   1231 C CG  . PHE A 1 177 ? -20.863 -2.015  5.070   1.00 100.46 ? 242 PHE A CG  1 
ATOM   1232 C CD1 . PHE A 1 177 ? -22.179 -2.357  4.753   1.00 99.65  ? 242 PHE A CD1 1 
ATOM   1233 C CD2 . PHE A 1 177 ? -19.888 -2.409  4.149   1.00 103.44 ? 242 PHE A CD2 1 
ATOM   1234 C CE1 . PHE A 1 177 ? -22.490 -3.037  3.603   1.00 102.75 ? 242 PHE A CE1 1 
ATOM   1235 C CE2 . PHE A 1 177 ? -20.181 -3.074  3.001   1.00 101.66 ? 242 PHE A CE2 1 
ATOM   1236 C CZ  . PHE A 1 177 ? -21.482 -3.398  2.721   1.00 105.11 ? 242 PHE A CZ  1 
ATOM   1237 N N   . ASP A 1 178 ? -18.252 0.689   8.051   1.00 88.59  ? 243 ASP A N   1 
ATOM   1238 C CA  . ASP A 1 178 ? -17.613 1.208   9.211   1.00 92.18  ? 243 ASP A CA  1 
ATOM   1239 C C   . ASP A 1 178 ? -17.550 0.389   10.447  1.00 89.45  ? 243 ASP A C   1 
ATOM   1240 O O   . ASP A 1 178 ? -17.695 0.808   11.606  1.00 96.57  ? 243 ASP A O   1 
ATOM   1241 C CB  . ASP A 1 178 ? -17.396 2.677   9.300   1.00 90.73  ? 243 ASP A CB  1 
ATOM   1242 C CG  . ASP A 1 178 ? -16.156 3.295   8.758   1.00 90.95  ? 243 ASP A CG  1 
ATOM   1243 O OD1 . ASP A 1 178 ? -15.315 2.692   8.044   1.00 90.49  ? 243 ASP A OD1 1 
ATOM   1244 O OD2 . ASP A 1 178 ? -15.956 4.510   9.031   1.00 82.81  ? 243 ASP A OD2 1 
ATOM   1245 N N   . LEU A 1 179 ? -17.188 -0.879  10.251  1.00 85.80  ? 244 LEU A N   1 
ATOM   1246 C CA  . LEU A 1 179 ? -17.061 -1.918  11.240  1.00 78.33  ? 244 LEU A CA  1 
ATOM   1247 C C   . LEU A 1 179 ? -15.909 -1.789  12.195  1.00 75.65  ? 244 LEU A C   1 
ATOM   1248 O O   . LEU A 1 179 ? -16.018 -1.486  13.398  1.00 78.71  ? 244 LEU A O   1 
ATOM   1249 C CB  . LEU A 1 179 ? -16.974 -3.272  10.511  1.00 72.36  ? 244 LEU A CB  1 
ATOM   1250 C CG  . LEU A 1 179 ? -18.219 -4.123  10.428  1.00 73.16  ? 244 LEU A CG  1 
ATOM   1251 C CD1 . LEU A 1 179 ? -19.129 -3.681  9.315   1.00 67.43  ? 244 LEU A CD1 1 
ATOM   1252 C CD2 . LEU A 1 179 ? -17.820 -5.586  10.250  1.00 69.00  ? 244 LEU A CD2 1 
ATOM   1253 N N   . MET A 1 182 ? -13.887 1.324   13.514  1.00 94.45  ? 247 MET A N   1 
ATOM   1254 C CA  . MET A 1 182 ? -12.944 1.065   12.402  1.00 89.96  ? 247 MET A CA  1 
ATOM   1255 C C   . MET A 1 182 ? -13.048 2.321   11.503  1.00 82.05  ? 247 MET A C   1 
ATOM   1256 O O   . MET A 1 182 ? -14.112 2.708   11.181  1.00 90.21  ? 247 MET A O   1 
ATOM   1257 C CB  . MET A 1 182 ? -13.313 -0.196  11.686  1.00 104.82 ? 247 MET A CB  1 
ATOM   1258 C CG  . MET A 1 182 ? -12.312 -1.090  11.061  1.00 110.60 ? 247 MET A CG  1 
ATOM   1259 S SD  . MET A 1 182 ? -11.070 -1.888  12.029  1.00 110.88 ? 247 MET A SD  1 
ATOM   1260 C CE  . MET A 1 182 ? -11.422 -3.604  11.793  1.00 85.70  ? 247 MET A CE  1 
ATOM   1261 N N   . SER A 1 183 ? -11.903 2.912   11.256  1.00 68.51  ? 248 SER A N   1 
ATOM   1262 C CA  . SER A 1 183 ? -11.788 4.160   10.499  1.00 58.35  ? 248 SER A CA  1 
ATOM   1263 C C   . SER A 1 183 ? -10.869 4.078   9.258   1.00 52.15  ? 248 SER A C   1 
ATOM   1264 O O   . SER A 1 183 ? -9.790  4.670   9.228   1.00 44.92  ? 248 SER A O   1 
ATOM   1265 C CB  . SER A 1 183 ? -11.352 5.300   11.427  1.00 57.54  ? 248 SER A CB  1 
ATOM   1266 O OG  . SER A 1 183 ? -11.310 6.508   10.687  1.00 58.39  ? 248 SER A OG  1 
ATOM   1267 N N   . MET A 1 184 ? -11.327 3.387   8.219   1.00 49.13  ? 249 MET A N   1 
ATOM   1268 C CA  . MET A 1 184 ? -10.464 3.052   7.087   1.00 48.37  ? 249 MET A CA  1 
ATOM   1269 C C   . MET A 1 184 ? -10.347 4.107   5.977   1.00 43.21  ? 249 MET A C   1 
ATOM   1270 O O   . MET A 1 184 ? -11.307 4.862   5.698   1.00 42.72  ? 249 MET A O   1 
ATOM   1271 C CB  . MET A 1 184 ? -10.906 1.725   6.482   1.00 52.53  ? 249 MET A CB  1 
ATOM   1272 C CG  . MET A 1 184 ? -10.272 0.539   7.158   1.00 62.05  ? 249 MET A CG  1 
ATOM   1273 S SD  . MET A 1 184 ? -10.829 -0.906  6.249   1.00 72.06  ? 249 MET A SD  1 
ATOM   1274 C CE  . MET A 1 184 ? -10.884 -2.100  7.583   1.00 75.64  ? 249 MET A CE  1 
ATOM   1275 N N   . ALA A 1 185 ? -9.174  4.132   5.339   1.00 36.05  ? 250 ALA A N   1 
ATOM   1276 C CA  . ALA A 1 185 ? -8.975  4.967   4.169   1.00 34.41  ? 250 ALA A CA  1 
ATOM   1277 C C   . ALA A 1 185 ? -9.542  4.178   2.964   1.00 36.59  ? 250 ALA A C   1 
ATOM   1278 O O   . ALA A 1 185 ? -8.984  3.152   2.553   1.00 37.27  ? 250 ALA A O   1 
ATOM   1279 C CB  . ALA A 1 185 ? -7.504  5.351   4.019   1.00 28.11  ? 250 ALA A CB  1 
ATOM   1280 N N   . ASN A 1 186 ? -10.695 4.628   2.465   1.00 36.10  ? 251 ASN A N   1 
ATOM   1281 C CA  . ASN A 1 186 ? -11.479 3.835   1.528   1.00 36.27  ? 251 ASN A CA  1 
ATOM   1282 C C   . ASN A 1 186 ? -11.131 4.165   0.080   1.00 40.14  ? 251 ASN A C   1 
ATOM   1283 O O   . ASN A 1 186 ? -11.108 3.262   -0.768  1.00 45.66  ? 251 ASN A O   1 
ATOM   1284 C CB  . ASN A 1 186 ? -12.993 3.954   1.797   1.00 37.80  ? 251 ASN A CB  1 
ATOM   1285 C CG  . ASN A 1 186 ? -13.458 3.104   2.979   1.00 40.25  ? 251 ASN A CG  1 
ATOM   1286 O OD1 . ASN A 1 186 ? -13.008 1.979   3.172   1.00 47.37  ? 251 ASN A OD1 1 
ATOM   1287 N ND2 . ASN A 1 186 ? -14.367 3.647   3.776   1.00 43.10  ? 251 ASN A ND2 1 
ATOM   1288 N N   . GLY A 1 187 ? -10.853 5.440   -0.208  1.00 35.23  ? 252 GLY A N   1 
ATOM   1289 C CA  . GLY A 1 187 ? -10.216 5.790   -1.463  1.00 33.02  ? 252 GLY A CA  1 
ATOM   1290 C C   . GLY A 1 187 ? -8.913  5.005   -1.673  1.00 33.17  ? 252 GLY A C   1 
ATOM   1291 O O   . GLY A 1 187 ? -8.612  4.553   -2.776  1.00 30.30  ? 252 GLY A O   1 
ATOM   1292 N N   . ALA A 1 188 ? -8.166  4.823   -0.589  1.00 31.26  ? 253 ALA A N   1 
ATOM   1293 C CA  . ALA A 1 188 ? -6.863  4.208   -0.642  1.00 31.14  ? 253 ALA A CA  1 
ATOM   1294 C C   . ALA A 1 188 ? -6.987  2.770   -1.099  1.00 30.61  ? 253 ALA A C   1 
ATOM   1295 O O   . ALA A 1 188 ? -6.292  2.372   -2.027  1.00 29.26  ? 253 ALA A O   1 
ATOM   1296 C CB  . ALA A 1 188 ? -6.187  4.273   0.724   1.00 30.28  ? 253 ALA A CB  1 
ATOM   1297 N N   . HIS A 1 189 ? -7.882  2.021   -0.440  1.00 34.60  ? 254 HIS A N   1 
ATOM   1298 C CA  . HIS A 1 189 ? -8.131  0.593   -0.708  1.00 34.72  ? 254 HIS A CA  1 
ATOM   1299 C C   . HIS A 1 189 ? -8.582  0.329   -2.118  1.00 34.23  ? 254 HIS A C   1 
ATOM   1300 O O   . HIS A 1 189 ? -8.047  -0.556  -2.803  1.00 33.78  ? 254 HIS A O   1 
ATOM   1301 C CB  . HIS A 1 189 ? -9.154  -0.003  0.268   1.00 37.21  ? 254 HIS A CB  1 
ATOM   1302 C CG  . HIS A 1 189 ? -8.680  -0.053  1.687   1.00 41.41  ? 254 HIS A CG  1 
ATOM   1303 N ND1 . HIS A 1 189 ? -9.534  -0.287  2.743   1.00 46.14  ? 254 HIS A ND1 1 
ATOM   1304 C CD2 . HIS A 1 189 ? -7.452  0.135   2.227   1.00 41.64  ? 254 HIS A CD2 1 
ATOM   1305 C CE1 . HIS A 1 189 ? -8.843  -0.271  3.870   1.00 47.43  ? 254 HIS A CE1 1 
ATOM   1306 N NE2 . HIS A 1 189 ? -7.578  -0.013  3.585   1.00 44.39  ? 254 HIS A NE2 1 
ATOM   1307 N N   . ILE A 1 190 ? -9.556  1.116   -2.537  1.00 34.16  ? 255 ILE A N   1 
ATOM   1308 C CA  . ILE A 1 190 ? -10.124 0.981   -3.869  1.00 38.66  ? 255 ILE A CA  1 
ATOM   1309 C C   . ILE A 1 190 ? -9.151  1.506   -4.940  1.00 33.91  ? 255 ILE A C   1 
ATOM   1310 O O   . ILE A 1 190 ? -9.015  0.904   -6.012  1.00 35.94  ? 255 ILE A O   1 
ATOM   1311 C CB  . ILE A 1 190 ? -11.547 1.599   -3.982  1.00 42.35  ? 255 ILE A CB  1 
ATOM   1312 C CG1 . ILE A 1 190 ? -12.223 1.226   -5.336  1.00 52.32  ? 255 ILE A CG1 1 
ATOM   1313 C CG2 . ILE A 1 190 ? -11.430 3.121   -4.007  1.00 42.22  ? 255 ILE A CG2 1 
ATOM   1314 C CD1 . ILE A 1 190 ? -13.000 -0.091  -5.470  1.00 51.29  ? 255 ILE A CD1 1 
ATOM   1315 N N   . ALA A 1 191 ? -8.449  2.591   -4.653  1.00 31.40  ? 256 ALA A N   1 
ATOM   1316 C CA  . ALA A 1 191 ? -7.534  3.153   -5.664  1.00 32.92  ? 256 ALA A CA  1 
ATOM   1317 C C   . ALA A 1 191 ? -6.346  2.192   -5.996  1.00 32.57  ? 256 ALA A C   1 
ATOM   1318 O O   . ALA A 1 191 ? -5.956  2.000   -7.170  1.00 28.84  ? 256 ALA A O   1 
ATOM   1319 C CB  . ALA A 1 191 ? -7.046  4.517   -5.248  1.00 28.00  ? 256 ALA A CB  1 
ATOM   1320 N N   . GLY A 1 192 ? -5.807  1.591   -4.943  1.00 31.88  ? 257 GLY A N   1 
ATOM   1321 C CA  . GLY A 1 192 ? -4.724  0.624   -5.063  1.00 32.69  ? 257 GLY A CA  1 
ATOM   1322 C C   . GLY A 1 192 ? -5.220  -0.644  -5.720  1.00 30.42  ? 257 GLY A C   1 
ATOM   1323 O O   . GLY A 1 192 ? -4.559  -1.165  -6.617  1.00 29.99  ? 257 GLY A O   1 
ATOM   1324 N N   . LEU A 1 193 ? -6.392  -1.119  -5.307  1.00 26.43  ? 258 LEU A N   1 
ATOM   1325 C CA  . LEU A 1 193 ? -6.902  -2.326  -5.895  1.00 25.96  ? 258 LEU A CA  1 
ATOM   1326 C C   . LEU A 1 193 ? -6.890  -2.169  -7.389  1.00 25.55  ? 258 LEU A C   1 
ATOM   1327 O O   . LEU A 1 193 ? -6.358  -3.046  -8.093  1.00 27.10  ? 258 LEU A O   1 
ATOM   1328 C CB  . LEU A 1 193 ? -8.287  -2.709  -5.378  1.00 26.11  ? 258 LEU A CB  1 
ATOM   1329 C CG  . LEU A 1 193 ? -8.716  -4.109  -5.825  1.00 28.23  ? 258 LEU A CG  1 
ATOM   1330 C CD1 . LEU A 1 193 ? -7.778  -5.193  -5.270  1.00 30.55  ? 258 LEU A CD1 1 
ATOM   1331 C CD2 . LEU A 1 193 ? -10.151 -4.384  -5.384  1.00 30.48  ? 258 LEU A CD2 1 
ATOM   1332 N N   . ALA A 1 194 ? -7.403  -1.025  -7.850  1.00 24.22  ? 259 ALA A N   1 
ATOM   1333 C CA  . ALA A 1 194 ? -7.552  -0.709  -9.293  1.00 23.82  ? 259 ALA A CA  1 
ATOM   1334 C C   . ALA A 1 194 ? -6.200  -0.671  -9.934  1.00 23.36  ? 259 ALA A C   1 
ATOM   1335 O O   . ALA A 1 194 ? -5.998  -1.345  -10.916 1.00 25.44  ? 259 ALA A O   1 
ATOM   1336 C CB  . ALA A 1 194 ? -8.290  0.625   -9.508  1.00 22.14  ? 259 ALA A CB  1 
ATOM   1337 N N   . VAL A 1 195 ? -5.271  0.096   -9.345  1.00 24.65  ? 260 VAL A N   1 
ATOM   1338 C CA  . VAL A 1 195 ? -3.855  0.193   -9.778  1.00 24.63  ? 260 VAL A CA  1 
ATOM   1339 C C   . VAL A 1 195 ? -3.222  -1.189  -10.046 1.00 24.75  ? 260 VAL A C   1 
ATOM   1340 O O   . VAL A 1 195 ? -2.665  -1.422  -11.146 1.00 24.56  ? 260 VAL A O   1 
ATOM   1341 C CB  . VAL A 1 195 ? -3.023  0.985   -8.741  1.00 24.89  ? 260 VAL A CB  1 
ATOM   1342 C CG1 . VAL A 1 195 ? -1.567  1.088   -9.135  1.00 25.05  ? 260 VAL A CG1 1 
ATOM   1343 C CG2 . VAL A 1 195 ? -3.541  2.391   -8.635  1.00 28.03  ? 260 VAL A CG2 1 
ATOM   1344 N N   . GLY A 1 196 ? -3.357  -2.094  -9.057  1.00 23.91  ? 261 GLY A N   1 
ATOM   1345 C CA  . GLY A 1 196 ? -2.839  -3.449  -9.127  1.00 24.20  ? 261 GLY A CA  1 
ATOM   1346 C C   . GLY A 1 196 ? -3.441  -4.295  -10.257 1.00 26.14  ? 261 GLY A C   1 
ATOM   1347 O O   . GLY A 1 196 ? -2.711  -4.956  -11.018 1.00 25.59  ? 261 GLY A O   1 
ATOM   1348 N N   . LEU A 1 197 ? -4.768  -4.283  -10.352 1.00 24.85  ? 262 LEU A N   1 
ATOM   1349 C CA  . LEU A 1 197 ? -5.466  -4.967  -11.438 1.00 23.81  ? 262 LEU A CA  1 
ATOM   1350 C C   . LEU A 1 197 ? -4.970  -4.389  -12.785 1.00 26.29  ? 262 LEU A C   1 
ATOM   1351 O O   . LEU A 1 197 ? -4.507  -5.154  -13.652 1.00 24.68  ? 262 LEU A O   1 
ATOM   1352 C CB  . LEU A 1 197 ? -6.981  -4.818  -11.265 1.00 21.53  ? 262 LEU A CB  1 
ATOM   1353 C CG  . LEU A 1 197 ? -7.551  -5.528  -10.032 1.00 20.48  ? 262 LEU A CG  1 
ATOM   1354 C CD1 . LEU A 1 197 ? -9.042  -5.336  -9.756  1.00 21.30  ? 262 LEU A CD1 1 
ATOM   1355 C CD2 . LEU A 1 197 ? -7.331  -6.987  -10.228 1.00 20.54  ? 262 LEU A CD2 1 
ATOM   1356 N N   . ALA A 1 198 ? -5.028  -3.053  -12.940 1.00 25.55  ? 263 ALA A N   1 
ATOM   1357 C CA  . ALA A 1 198 ? -4.607  -2.366  -14.192 1.00 26.71  ? 263 ALA A CA  1 
ATOM   1358 C C   . ALA A 1 198 ? -3.209  -2.776  -14.619 1.00 29.27  ? 263 ALA A C   1 
ATOM   1359 O O   . ALA A 1 198 ? -3.035  -3.210  -15.757 1.00 30.57  ? 263 ALA A O   1 
ATOM   1360 C CB  . ALA A 1 198 ? -4.713  -0.849  -14.077 1.00 22.78  ? 263 ALA A CB  1 
ATOM   1361 N N   . MET A 1 199 ? -2.228  -2.676  -13.704 1.00 31.33  ? 264 MET A N   1 
ATOM   1362 C CA  . MET A 1 199 ? -0.820  -3.049  -14.020 1.00 29.56  ? 264 MET A CA  1 
ATOM   1363 C C   . MET A 1 199 ? -0.626  -4.562  -14.314 1.00 28.01  ? 264 MET A C   1 
ATOM   1364 O O   . MET A 1 199 ? 0.139   -4.936  -15.180 1.00 25.37  ? 264 MET A O   1 
ATOM   1365 C CB  . MET A 1 199 ? 0.147   -2.589  -12.921 1.00 29.51  ? 264 MET A CB  1 
ATOM   1366 C CG  . MET A 1 199 ? 0.366   -1.084  -12.769 1.00 31.01  ? 264 MET A CG  1 
ATOM   1367 S SD  . MET A 1 199 ? 1.643   -0.570  -11.560 1.00 36.99  ? 264 MET A SD  1 
ATOM   1368 C CE  . MET A 1 199 ? 3.162   -1.289  -12.264 1.00 34.48  ? 264 MET A CE  1 
ATOM   1369 N N   . ALA A 1 200 ? -1.332  -5.422  -13.598 1.00 26.66  ? 265 ALA A N   1 
ATOM   1370 C CA  . ALA A 1 200 ? -1.226  -6.846  -13.811 1.00 27.36  ? 265 ALA A CA  1 
ATOM   1371 C C   . ALA A 1 200 ? -1.767  -7.198  -15.184 1.00 31.51  ? 265 ALA A C   1 
ATOM   1372 O O   . ALA A 1 200 ? -1.294  -8.134  -15.820 1.00 32.18  ? 265 ALA A O   1 
ATOM   1373 C CB  . ALA A 1 200 ? -2.002  -7.584  -12.726 1.00 25.37  ? 265 ALA A CB  1 
ATOM   1374 N N   . PHE A 1 201 ? -2.782  -6.443  -15.604 1.00 34.09  ? 266 PHE A N   1 
ATOM   1375 C CA  . PHE A 1 201 ? -3.473  -6.669  -16.850 1.00 37.09  ? 266 PHE A CA  1 
ATOM   1376 C C   . PHE A 1 201 ? -2.592  -6.246  -18.036 1.00 39.03  ? 266 PHE A C   1 
ATOM   1377 O O   . PHE A 1 201 ? -2.415  -7.021  -18.986 1.00 43.96  ? 266 PHE A O   1 
ATOM   1378 C CB  . PHE A 1 201 ? -4.851  -5.973  -16.854 1.00 37.89  ? 266 PHE A CB  1 
ATOM   1379 C CG  . PHE A 1 201 ? -5.611  -6.166  -18.134 1.00 39.91  ? 266 PHE A CG  1 
ATOM   1380 C CD1 . PHE A 1 201 ? -6.267  -7.388  -18.403 1.00 37.67  ? 266 PHE A CD1 1 
ATOM   1381 C CD2 . PHE A 1 201 ? -5.646  -5.148  -19.107 1.00 42.17  ? 266 PHE A CD2 1 
ATOM   1382 C CE1 . PHE A 1 201 ? -6.958  -7.581  -19.607 1.00 39.92  ? 266 PHE A CE1 1 
ATOM   1383 C CE2 . PHE A 1 201 ? -6.334  -5.344  -20.322 1.00 43.75  ? 266 PHE A CE2 1 
ATOM   1384 C CZ  . PHE A 1 201 ? -6.986  -6.566  -20.579 1.00 38.32  ? 266 PHE A CZ  1 
ATOM   1385 N N   . VAL A 1 202 ? -2.048  -5.032  -17.985 1.00 38.32  ? 267 VAL A N   1 
ATOM   1386 C CA  . VAL A 1 202 ? -0.955  -4.607  -18.903 1.00 41.05  ? 267 VAL A CA  1 
ATOM   1387 C C   . VAL A 1 202 ? 0.181   -5.676  -19.027 1.00 40.71  ? 267 VAL A C   1 
ATOM   1388 O O   . VAL A 1 202 ? 0.392   -6.222  -20.095 1.00 42.85  ? 267 VAL A O   1 
ATOM   1389 C CB  . VAL A 1 202 ? -0.366  -3.248  -18.463 1.00 39.89  ? 267 VAL A CB  1 
ATOM   1390 C CG1 . VAL A 1 202 ? 0.796   -2.858  -19.350 1.00 41.14  ? 267 VAL A CG1 1 
ATOM   1391 C CG2 . VAL A 1 202 ? -1.443  -2.175  -18.490 1.00 39.89  ? 267 VAL A CG2 1 
ATOM   1392 N N   . ASP A 1 203 ? 0.840   -5.989  -17.906 1.00 39.92  ? 268 ASP A N   1 
ATOM   1393 C CA  . ASP A 1 203 ? 1.883   -7.016  -17.774 1.00 38.36  ? 268 ASP A CA  1 
ATOM   1394 C C   . ASP A 1 203 ? 1.510   -8.414  -18.338 1.00 39.79  ? 268 ASP A C   1 
ATOM   1395 O O   . ASP A 1 203 ? 2.385   -9.141  -18.797 1.00 39.26  ? 268 ASP A O   1 
ATOM   1396 C CB  . ASP A 1 203 ? 2.364   -7.099  -16.291 1.00 35.61  ? 268 ASP A CB  1 
ATOM   1397 C CG  . ASP A 1 203 ? 3.130   -5.806  -15.821 1.00 38.36  ? 268 ASP A CG  1 
ATOM   1398 O OD1 . ASP A 1 203 ? 3.358   -4.912  -16.693 1.00 40.45  ? 268 ASP A OD1 1 
ATOM   1399 O OD2 . ASP A 1 203 ? 3.507   -5.674  -14.597 1.00 35.66  ? 268 ASP A OD2 1 
ATOM   1400 N N   . SER A 1 204 ? 0.223   -8.764  -18.306 1.00 43.05  ? 269 SER A N   1 
ATOM   1401 C CA  . SER A 1 204 ? -0.298  -10.014 -18.858 1.00 42.68  ? 269 SER A CA  1 
ATOM   1402 C C   . SER A 1 204 ? -0.783  -9.786  -20.276 1.00 48.63  ? 269 SER A C   1 
ATOM   1403 O O   . SER A 1 204 ? -1.881  -10.184 -20.659 1.00 61.71  ? 269 SER A O   1 
ATOM   1404 C CB  . SER A 1 204 ? -1.451  -10.507 -18.005 1.00 40.95  ? 269 SER A CB  1 
ATOM   1405 O OG  . SER A 1 204 ? -1.037  -10.814 -16.693 1.00 45.45  ? 269 SER A OG  1 
ATOM   1406 N N   . LEU A 1 205 ? 0.032   -9.106  -21.055 1.00 52.75  ? 270 LEU A N   1 
ATOM   1407 C CA  . LEU A 1 205 ? -0.236  -8.859  -22.463 1.00 56.80  ? 270 LEU A CA  1 
ATOM   1408 C C   . LEU A 1 205 ? 1.142   -8.784  -23.120 1.00 65.45  ? 270 LEU A C   1 
ATOM   1409 O O   . LEU A 1 205 ? 1.335   -9.263  -24.238 1.00 75.83  ? 270 LEU A O   1 
ATOM   1410 C CB  . LEU A 1 205 ? -1.012  -7.546  -22.664 1.00 52.89  ? 270 LEU A CB  1 
ATOM   1411 C CG  . LEU A 1 205 ? -2.448  -7.368  -22.171 1.00 52.09  ? 270 LEU A CG  1 
ATOM   1412 C CD1 . LEU A 1 205 ? -2.771  -5.877  -22.122 1.00 50.88  ? 270 LEU A CD1 1 
ATOM   1413 C CD2 . LEU A 1 205 ? -3.455  -8.165  -23.002 1.00 47.86  ? 270 LEU A CD2 1 
ATOM   1414 N N   . ASN A 1 206 ? 2.095   -8.199  -22.386 1.00 63.10  ? 271 ASN A N   1 
ATOM   1415 C CA  . ASN A 1 206 ? 3.503   -8.170  -22.746 1.00 64.83  ? 271 ASN A CA  1 
ATOM   1416 C C   . ASN A 1 206 ? 4.243   -9.436  -22.289 1.00 69.81  ? 271 ASN A C   1 
ATOM   1417 O O   . ASN A 1 206 ? 5.472   -9.505  -22.388 1.00 81.26  ? 271 ASN A O   1 
ATOM   1418 C CB  . ASN A 1 206 ? 4.177   -6.917  -22.144 1.00 63.43  ? 271 ASN A CB  1 
ATOM   1419 C CG  . ASN A 1 206 ? 3.429   -5.621  -22.467 1.00 66.15  ? 271 ASN A CG  1 
ATOM   1420 O OD1 . ASN A 1 206 ? 2.329   -5.633  -23.053 1.00 62.79  ? 271 ASN A OD1 1 
ATOM   1421 N ND2 . ASN A 1 206 ? 4.018   -4.491  -22.069 1.00 65.63  ? 271 ASN A ND2 1 
ATOM   1422 N N   . ALA A 1 207 ? 3.498   -10.430 -21.795 1.00 68.65  ? 272 ALA A N   1 
ATOM   1423 C CA  . ALA A 1 207 ? 4.088   -11.608 -21.139 1.00 68.94  ? 272 ALA A CA  1 
ATOM   1424 C C   . ALA A 1 207 ? 4.529   -12.736 -22.094 1.00 70.10  ? 272 ALA A C   1 
ATOM   1425 O O   . ALA A 1 207 ? 4.350   -12.669 -23.310 1.00 72.20  ? 272 ALA A O   1 
ATOM   1426 C CB  . ALA A 1 207 ? 3.163   -12.141 -20.054 1.00 54.64  ? 272 ALA A CB  1 
ATOM   1427 N N   . VAL B 2 1   ? -7.656  10.544  12.123  1.00 53.41  ? 497 VAL B N   1 
ATOM   1428 C CA  . VAL B 2 1   ? -7.135  10.235  10.799  1.00 53.39  ? 497 VAL B CA  1 
ATOM   1429 C C   . VAL B 2 1   ? -7.815  8.980   10.242  1.00 54.12  ? 497 VAL B C   1 
ATOM   1430 O O   . VAL B 2 1   ? -8.676  8.395   10.907  1.00 56.23  ? 497 VAL B O   1 
ATOM   1431 C CB  . VAL B 2 1   ? -5.585  10.061  10.771  1.00 53.57  ? 497 VAL B CB  1 
ATOM   1432 C CG1 . VAL B 2 1   ? -4.883  11.353  11.170  1.00 55.69  ? 497 VAL B CG1 1 
ATOM   1433 C CG2 . VAL B 2 1   ? -5.084  8.832   11.560  1.00 51.96  ? 497 VAL B CG2 1 
ATOM   1434 N N   . ARG B 2 2   ? -7.417  8.573   9.033   1.00 48.30  ? 498 ARG B N   1 
ATOM   1435 C CA  . ARG B 2 2   ? -7.898  7.323   8.423   1.00 46.41  ? 498 ARG B CA  1 
ATOM   1436 C C   . ARG B 2 2   ? -6.783  6.336   8.049   1.00 41.45  ? 498 ARG B C   1 
ATOM   1437 O O   . ARG B 2 2   ? -5.724  6.730   7.612   1.00 38.01  ? 498 ARG B O   1 
ATOM   1438 C CB  . ARG B 2 2   ? -8.863  7.640   7.282   1.00 45.25  ? 498 ARG B CB  1 
ATOM   1439 C CG  . ARG B 2 2   ? -10.065 8.410   7.790   1.00 43.36  ? 498 ARG B CG  1 
ATOM   1440 C CD  . ARG B 2 2   ? -11.072 8.633   6.708   1.00 46.32  ? 498 ARG B CD  1 
ATOM   1441 N NE  . ARG B 2 2   ? -12.029 7.546   6.764   1.00 54.81  ? 498 ARG B NE  1 
ATOM   1442 C CZ  . ARG B 2 2   ? -13.335 7.687   6.601   1.00 61.01  ? 498 ARG B CZ  1 
ATOM   1443 N NH1 . ARG B 2 2   ? -14.121 6.608   6.673   1.00 69.30  ? 498 ARG B NH1 1 
ATOM   1444 N NH2 . ARG B 2 2   ? -13.857 8.894   6.372   1.00 55.34  ? 498 ARG B NH2 1 
ATOM   1445 N N   . MET B 2 3   ? -6.990  5.058   8.288   1.00 42.82  ? 499 MET B N   1 
ATOM   1446 C CA  . MET B 2 3   ? -5.865  4.159   8.098   1.00 49.46  ? 499 MET B CA  1 
ATOM   1447 C C   . MET B 2 3   ? -5.950  3.427   6.775   1.00 50.24  ? 499 MET B C   1 
ATOM   1448 O O   . MET B 2 3   ? -6.880  2.631   6.557   1.00 54.03  ? 499 MET B O   1 
ATOM   1449 C CB  . MET B 2 3   ? -5.732  3.112   9.193   1.00 55.59  ? 499 MET B CB  1 
ATOM   1450 C CG  . MET B 2 3   ? -6.656  3.231   10.374  1.00 65.17  ? 499 MET B CG  1 
ATOM   1451 S SD  . MET B 2 3   ? -5.965  4.310   11.621  1.00 72.96  ? 499 MET B SD  1 
ATOM   1452 C CE  . MET B 2 3   ? -7.445  4.483   12.636  1.00 75.56  ? 499 MET B CE  1 
ATOM   1453 N N   . ALA B 2 4   ? -4.976  3.692   5.905   1.00 47.38  ? 500 ALA B N   1 
ATOM   1454 C CA  . ALA B 2 4   ? -4.682  2.861   4.731   1.00 46.47  ? 500 ALA B CA  1 
ATOM   1455 C C   . ALA B 2 4   ? -3.513  1.938   5.050   1.00 48.26  ? 500 ALA B C   1 
ATOM   1456 O O   . ALA B 2 4   ? -3.455  1.279   6.087   1.00 48.85  ? 500 ALA B O   1 
ATOM   1457 C CB  . ALA B 2 4   ? -4.304  3.729   3.556   1.00 46.62  ? 500 ALA B CB  1 
HETATM 1458 O O   . HOH C 3 .   ? -1.451  -16.755 -2.274  1.00 39.87  ? 301 HOH A O   1 
HETATM 1459 O O   . HOH C 3 .   ? 4.929   2.934   10.376  1.00 26.27  ? 302 HOH A O   1 
HETATM 1460 O O   . HOH C 3 .   ? -4.036  -15.671 -8.247  1.00 28.06  ? 303 HOH A O   1 
HETATM 1461 O O   . HOH C 3 .   ? -8.211  11.235  4.316   1.00 18.50  ? 304 HOH A O   1 
HETATM 1462 O O   . HOH C 3 .   ? -8.829  12.242  7.358   1.00 43.41  ? 305 HOH A O   1 
HETATM 1463 O O   . HOH C 3 .   ? -1.454  6.064   2.706   1.00 17.39  ? 306 HOH A O   1 
HETATM 1464 O O   . HOH C 3 .   ? 0.991   -18.849 -11.205 1.00 47.10  ? 307 HOH A O   1 
HETATM 1465 O O   . HOH C 3 .   ? 1.691   4.855   16.020  1.00 52.05  ? 308 HOH A O   1 
HETATM 1466 O O   . HOH C 3 .   ? -12.329 -0.110  1.668   1.00 43.27  ? 309 HOH A O   1 
HETATM 1467 O O   . HOH C 3 .   ? 6.108   23.335  -1.736  1.00 42.46  ? 310 HOH A O   1 
HETATM 1468 O O   . HOH C 3 .   ? -1.258  11.801  4.111   1.00 21.59  ? 311 HOH A O   1 
HETATM 1469 O O   . HOH C 3 .   ? -0.566  2.654   1.117   1.00 26.96  ? 312 HOH A O   1 
HETATM 1470 O O   . HOH C 3 .   ? -4.415  -1.693  7.557   1.00 41.24  ? 313 HOH A O   1 
HETATM 1471 O O   . HOH C 3 .   ? -2.273  4.880   0.316   1.00 27.37  ? 314 HOH A O   1 
HETATM 1472 O O   . HOH C 3 .   ? -3.163  -13.056 -20.413 1.00 51.26  ? 315 HOH A O   1 
HETATM 1473 O O   . HOH C 3 .   ? -2.379  2.491   10.715  1.00 21.54  ? 316 HOH A O   1 
HETATM 1474 O O   . HOH C 3 .   ? -8.783  18.311  -3.333  1.00 35.58  ? 317 HOH A O   1 
HETATM 1475 O O   . HOH C 3 .   ? -5.476  15.222  -4.466  1.00 35.18  ? 318 HOH A O   1 
HETATM 1476 O O   . HOH C 3 .   ? -6.789  -0.893  6.452   1.00 38.72  ? 319 HOH A O   1 
HETATM 1477 O O   . HOH C 3 .   ? -11.977 7.427   3.098   1.00 11.38  ? 320 HOH A O   1 
HETATM 1478 O O   . HOH C 3 .   ? 10.943  18.477  13.538  1.00 44.03  ? 321 HOH A O   1 
HETATM 1479 O O   . HOH C 3 .   ? -2.280  18.412  -3.404  1.00 33.93  ? 322 HOH A O   1 
HETATM 1480 O O   . HOH C 3 .   ? 7.461   -9.186  -15.418 1.00 45.09  ? 323 HOH A O   1 
HETATM 1481 O O   . HOH C 3 .   ? 11.175  16.141  13.106  1.00 46.92  ? 324 HOH A O   1 
HETATM 1482 O O   . HOH C 3 .   ? -1.100  18.448  -5.841  1.00 45.19  ? 325 HOH A O   1 
HETATM 1483 O O   . HOH C 3 .   ? -8.547  -3.175  -14.181 1.00 39.85  ? 326 HOH A O   1 
HETATM 1484 O O   . HOH C 3 .   ? -10.749 -10.551 -19.372 1.00 45.55  ? 327 HOH A O   1 
HETATM 1485 O O   . HOH C 3 .   ? -8.583  -4.867  -15.824 1.00 34.46  ? 328 HOH A O   1 
HETATM 1486 O O   . HOH C 3 .   ? -10.083 -9.867  -16.549 0.50 92.25  ? 329 HOH A O   1 
HETATM 1487 O O   . HOH C 3 .   ? -6.710  -12.927 9.034   1.00 37.43  ? 330 HOH A O   1 
HETATM 1488 O O   . HOH C 3 .   ? -7.047  -11.025 10.846  1.00 51.95  ? 331 HOH A O   1 
HETATM 1489 O O   . HOH C 3 .   ? 2.933   -3.289  23.227  1.00 50.13  ? 332 HOH A O   1 
HETATM 1490 O O   . HOH C 3 .   ? 3.554   -4.317  25.713  1.00 40.60  ? 333 HOH A O   1 
HETATM 1491 O O   . HOH D 3 .   ? -3.556  0.726   8.259   1.00 28.56  ? 601 HOH B O   1 
# 
loop_
_pdbx_poly_seq_scheme.asym_id 
_pdbx_poly_seq_scheme.entity_id 
_pdbx_poly_seq_scheme.seq_id 
_pdbx_poly_seq_scheme.mon_id 
_pdbx_poly_seq_scheme.ndb_seq_num 
_pdbx_poly_seq_scheme.pdb_seq_num 
_pdbx_poly_seq_scheme.auth_seq_num 
_pdbx_poly_seq_scheme.pdb_mon_id 
_pdbx_poly_seq_scheme.auth_mon_id 
_pdbx_poly_seq_scheme.pdb_strand_id 
_pdbx_poly_seq_scheme.pdb_ins_code 
_pdbx_poly_seq_scheme.hetero 
A 1 1   MET 1   66  ?   ?   ?   A . n 
A 1 2   GLY 2   67  ?   ?   ?   A . n 
A 1 3   SER 3   68  ?   ?   ?   A . n 
A 1 4   SER 4   69  ?   ?   ?   A . n 
A 1 5   HIS 5   70  ?   ?   ?   A . n 
A 1 6   HIS 6   71  ?   ?   ?   A . n 
A 1 7   HIS 7   72  ?   ?   ?   A . n 
A 1 8   HIS 8   73  ?   ?   ?   A . n 
A 1 9   HIS 9   74  ?   ?   ?   A . n 
A 1 10  HIS 10  75  ?   ?   ?   A . n 
A 1 11  SER 11  76  ?   ?   ?   A . n 
A 1 12  SER 12  77  ?   ?   ?   A . n 
A 1 13  GLY 13  78  ?   ?   ?   A . n 
A 1 14  LEU 14  79  ?   ?   ?   A . n 
A 1 15  VAL 15  80  ?   ?   ?   A . n 
A 1 16  PRO 16  81  ?   ?   ?   A . n 
A 1 17  ARG 17  82  ?   ?   ?   A . n 
A 1 18  GLY 18  83  ?   ?   ?   A . n 
A 1 19  SER 19  84  ?   ?   ?   A . n 
A 1 20  HIS 20  85  ?   ?   ?   A . n 
A 1 21  MET 21  86  ?   ?   ?   A . n 
A 1 22  ALA 22  87  ?   ?   ?   A . n 
A 1 23  ALA 23  88  ?   ?   ?   A . n 
A 1 24  LEU 24  89  ?   ?   ?   A . n 
A 1 25  ARG 25  90  ?   ?   ?   A . n 
A 1 26  GLU 26  91  ?   ?   ?   A . n 
A 1 27  ARG 27  92  92  ARG ARG A . n 
A 1 28  ALA 28  93  93  ALA ALA A . n 
A 1 29  GLY 29  94  94  GLY GLY A . n 
A 1 30  PRO 30  95  95  PRO PRO A . n 
A 1 31  VAL 31  96  96  VAL VAL A . n 
A 1 32  THR 32  97  97  THR THR A . n 
A 1 33  TRP 33  98  98  TRP TRP A . n 
A 1 34  VAL 34  99  99  VAL VAL A . n 
A 1 35  MET 35  100 100 MET MET A . n 
A 1 36  MET 36  101 101 MET MET A . n 
A 1 37  ILE 37  102 102 ILE ILE A . n 
A 1 38  ALA 38  103 103 ALA ALA A . n 
A 1 39  CYS 39  104 104 CYS CYS A . n 
A 1 40  VAL 40  105 105 VAL VAL A . n 
A 1 41  VAL 41  106 106 VAL VAL A . n 
A 1 42  VAL 42  107 107 VAL VAL A . n 
A 1 43  PHE 43  108 108 PHE PHE A . n 
A 1 44  ILE 44  109 109 ILE ILE A . n 
A 1 45  ALA 45  110 110 ALA ALA A . n 
A 1 46  MET 46  111 111 MET MET A . n 
A 1 47  GLN 47  112 112 GLN GLN A . n 
A 1 48  ILE 48  113 113 ILE ILE A . n 
A 1 49  LEU 49  114 114 LEU LEU A . n 
A 1 50  GLY 50  115 115 GLY GLY A . n 
A 1 51  ASP 51  116 116 ASP ASP A . n 
A 1 52  GLN 52  117 117 GLN GLN A . n 
A 1 53  GLU 53  118 118 GLU GLU A . n 
A 1 54  VAL 54  119 119 VAL VAL A . n 
A 1 55  MET 55  120 120 MET MET A . n 
A 1 56  LEU 56  121 121 LEU LEU A . n 
A 1 57  TRP 57  122 122 TRP TRP A . n 
A 1 58  LEU 58  123 123 LEU LEU A . n 
A 1 59  ALA 59  124 124 ALA ALA A . n 
A 1 60  TRP 60  125 125 TRP TRP A . n 
A 1 61  PRO 61  126 126 PRO PRO A . n 
A 1 62  PHE 62  127 127 PHE PHE A . n 
A 1 63  ASP 63  128 128 ASP ASP A . n 
A 1 64  PRO 64  129 129 PRO PRO A . n 
A 1 65  THR 65  130 130 THR THR A . n 
A 1 66  LEU 66  131 131 LEU LEU A . n 
A 1 67  LYS 67  132 132 LYS LYS A . n 
A 1 68  PHE 68  133 133 PHE PHE A . n 
A 1 69  GLU 69  134 134 GLU GLU A . n 
A 1 70  PHE 70  135 135 PHE PHE A . n 
A 1 71  TRP 71  136 136 TRP TRP A . n 
A 1 72  ARG 72  137 137 ARG ARG A . n 
A 1 73  TYR 73  138 138 TYR TYR A . n 
A 1 74  PHE 74  139 139 PHE PHE A . n 
A 1 75  THR 75  140 140 THR THR A . n 
A 1 76  HIS 76  141 141 HIS HIS A . n 
A 1 77  ALA 77  142 142 ALA ALA A . n 
A 1 78  LEU 78  143 143 LEU LEU A . n 
A 1 79  MET 79  144 144 MET MET A . n 
A 1 80  HIS 80  145 145 HIS HIS A . n 
A 1 81  PHE 81  146 146 PHE PHE A . n 
A 1 82  SER 82  147 147 SER SER A . n 
A 1 83  LEU 83  148 148 LEU LEU A . n 
A 1 84  MET 84  149 149 MET MET A . n 
A 1 85  HIS 85  150 150 HIS HIS A . n 
A 1 86  ILE 86  151 151 ILE ILE A . n 
A 1 87  LEU 87  152 152 LEU LEU A . n 
A 1 88  PHE 88  153 153 PHE PHE A . n 
A 1 89  ASN 89  154 154 ASN ASN A . n 
A 1 90  LEU 90  155 155 LEU LEU A . n 
A 1 91  LEU 91  156 156 LEU LEU A . n 
A 1 92  TRP 92  157 157 TRP TRP A . n 
A 1 93  TRP 93  158 158 TRP TRP A . n 
A 1 94  TRP 94  159 159 TRP TRP A . n 
A 1 95  TYR 95  160 160 TYR TYR A . n 
A 1 96  LEU 96  161 161 LEU LEU A . n 
A 1 97  GLY 97  162 162 GLY GLY A . n 
A 1 98  GLY 98  163 163 GLY GLY A . n 
A 1 99  ALA 99  164 164 ALA ALA A . n 
A 1 100 VAL 100 165 165 VAL VAL A . n 
A 1 101 GLU 101 166 166 GLU GLU A . n 
A 1 102 LYS 102 167 167 LYS LYS A . n 
A 1 103 ARG 103 168 168 ARG ARG A . n 
A 1 104 LEU 104 169 169 LEU LEU A . n 
A 1 105 GLY 105 170 170 GLY GLY A . n 
A 1 106 SER 106 171 171 SER SER A . n 
A 1 107 GLY 107 172 172 GLY GLY A . n 
A 1 108 LYS 108 173 173 LYS LYS A . n 
A 1 109 LEU 109 174 174 LEU LEU A . n 
A 1 110 ILE 110 175 175 ILE ILE A . n 
A 1 111 VAL 111 176 176 VAL VAL A . n 
A 1 112 ILE 112 177 177 ILE ILE A . n 
A 1 113 THR 113 178 178 THR THR A . n 
A 1 114 LEU 114 179 179 LEU LEU A . n 
A 1 115 ILE 115 180 180 ILE ILE A . n 
A 1 116 SER 116 181 181 SER SER A . n 
A 1 117 ALA 117 182 182 ALA ALA A . n 
A 1 118 LEU 118 183 183 LEU LEU A . n 
A 1 119 LEU 119 184 184 LEU LEU A . n 
A 1 120 SER 120 185 185 SER SER A . n 
A 1 121 GLY 121 186 186 GLY GLY A . n 
A 1 122 TYR 122 187 187 TYR TYR A . n 
A 1 123 VAL 123 188 188 VAL VAL A . n 
A 1 124 GLN 124 189 189 GLN GLN A . n 
A 1 125 GLN 125 190 190 GLN GLN A . n 
A 1 126 LYS 126 191 191 LYS LYS A . n 
A 1 127 PHE 127 192 192 PHE PHE A . n 
A 1 128 SER 128 193 193 SER SER A . n 
A 1 129 GLY 129 194 194 GLY GLY A . n 
A 1 130 PRO 130 195 195 PRO PRO A . n 
A 1 131 TRP 131 196 196 TRP TRP A . n 
A 1 132 PHE 132 197 197 PHE PHE A . n 
A 1 133 GLY 133 198 198 GLY GLY A . n 
A 1 134 GLY 134 199 199 GLY GLY A . n 
A 1 135 LEU 135 200 200 LEU LEU A . n 
A 1 136 SER 136 201 201 SER SER A . n 
A 1 137 GLY 137 202 202 GLY GLY A . n 
A 1 138 VAL 138 203 203 VAL VAL A . n 
A 1 139 VAL 139 204 204 VAL VAL A . n 
A 1 140 PHE 140 205 205 PHE PHE A . n 
A 1 141 ALA 141 206 206 ALA ALA A . n 
A 1 142 LEU 142 207 207 LEU LEU A . n 
A 1 143 MET 143 208 208 MET MET A . n 
A 1 144 GLY 144 209 209 GLY GLY A . n 
A 1 145 TYR 145 210 210 TYR TYR A . n 
A 1 146 VAL 146 211 211 VAL VAL A . n 
A 1 147 TRP 147 212 212 TRP TRP A . n 
A 1 148 LEU 148 213 213 LEU LEU A . n 
A 1 149 ARG 149 214 214 ARG ARG A . n 
A 1 150 GLY 150 215 215 GLY GLY A . n 
A 1 151 GLU 151 216 216 GLU GLU A . n 
A 1 152 ARG 152 217 217 ARG ARG A . n 
A 1 153 ASP 153 218 218 ASP ASP A . n 
A 1 154 PRO 154 219 219 PRO PRO A . n 
A 1 155 GLN 155 220 220 GLN GLN A . n 
A 1 156 SER 156 221 221 SER SER A . n 
A 1 157 GLY 157 222 222 GLY GLY A . n 
A 1 158 ILE 158 223 223 ILE ILE A . n 
A 1 159 TYR 159 224 224 TYR TYR A . n 
A 1 160 LEU 160 225 225 LEU LEU A . n 
A 1 161 GLN 161 226 226 GLN GLN A . n 
A 1 162 ARG 162 227 227 ARG ARG A . n 
A 1 163 GLY 163 228 228 GLY GLY A . n 
A 1 164 LEU 164 229 229 LEU LEU A . n 
A 1 165 ILE 165 230 230 ILE ILE A . n 
A 1 166 ILE 166 231 231 ILE ILE A . n 
A 1 167 PHE 167 232 232 PHE PHE A . n 
A 1 168 ALA 168 233 233 ALA ALA A . n 
A 1 169 LEU 169 234 234 LEU LEU A . n 
A 1 170 ILE 170 235 235 ILE ILE A . n 
A 1 171 TRP 171 236 236 TRP TRP A . n 
A 1 172 ILE 172 237 237 ILE ILE A . n 
A 1 173 VAL 173 238 238 VAL VAL A . n 
A 1 174 ALA 174 239 239 ALA ALA A . n 
A 1 175 GLY 175 240 240 GLY GLY A . n 
A 1 176 TRP 176 241 241 TRP TRP A . n 
A 1 177 PHE 177 242 242 PHE PHE A . n 
A 1 178 ASP 178 243 243 ASP ASP A . n 
A 1 179 LEU 179 244 244 LEU LEU A . n 
A 1 180 PHE 180 245 ?   ?   ?   A . n 
A 1 181 GLY 181 246 ?   ?   ?   A . n 
A 1 182 MET 182 247 247 MET MET A . n 
A 1 183 SER 183 248 248 SER SER A . n 
A 1 184 MET 184 249 249 MET MET A . n 
A 1 185 ALA 185 250 250 ALA ALA A . n 
A 1 186 ASN 186 251 251 ASN ASN A . n 
A 1 187 GLY 187 252 252 GLY GLY A . n 
A 1 188 ALA 188 253 253 ALA ALA A . n 
A 1 189 HIS 189 254 254 HIS HIS A . n 
A 1 190 ILE 190 255 255 ILE ILE A . n 
A 1 191 ALA 191 256 256 ALA ALA A . n 
A 1 192 GLY 192 257 257 GLY GLY A . n 
A 1 193 LEU 193 258 258 LEU LEU A . n 
A 1 194 ALA 194 259 259 ALA ALA A . n 
A 1 195 VAL 195 260 260 VAL VAL A . n 
A 1 196 GLY 196 261 261 GLY GLY A . n 
A 1 197 LEU 197 262 262 LEU LEU A . n 
A 1 198 ALA 198 263 263 ALA ALA A . n 
A 1 199 MET 199 264 264 MET MET A . n 
A 1 200 ALA 200 265 265 ALA ALA A . n 
A 1 201 PHE 201 266 266 PHE PHE A . n 
A 1 202 VAL 202 267 267 VAL VAL A . n 
A 1 203 ASP 203 268 268 ASP ASP A . n 
A 1 204 SER 204 269 269 SER SER A . n 
A 1 205 LEU 205 270 270 LEU LEU A . n 
A 1 206 ASN 206 271 271 ASN ASN A . n 
A 1 207 ALA 207 272 272 ALA ALA A . n 
A 1 208 ARG 208 273 ?   ?   ?   A . n 
A 1 209 LYS 209 274 ?   ?   ?   A . n 
A 1 210 ARG 210 275 ?   ?   ?   A . n 
A 1 211 LYS 211 276 ?   ?   ?   A . n 
B 2 1   VAL 1   497 497 VAL VAL B . n 
B 2 2   ARG 2   498 498 ARG ARG B . n 
B 2 3   MET 3   499 499 MET MET B . n 
B 2 4   ALA 4   500 500 ALA ALA B . n 
# 
loop_
_pdbx_nonpoly_scheme.asym_id 
_pdbx_nonpoly_scheme.entity_id 
_pdbx_nonpoly_scheme.mon_id 
_pdbx_nonpoly_scheme.ndb_seq_num 
_pdbx_nonpoly_scheme.pdb_seq_num 
_pdbx_nonpoly_scheme.auth_seq_num 
_pdbx_nonpoly_scheme.pdb_mon_id 
_pdbx_nonpoly_scheme.auth_mon_id 
_pdbx_nonpoly_scheme.pdb_strand_id 
_pdbx_nonpoly_scheme.pdb_ins_code 
C 3 HOH 1  301 32 HOH HOH A . 
C 3 HOH 2  302 9  HOH HOH A . 
C 3 HOH 3  303 13 HOH HOH A . 
C 3 HOH 4  304 10 HOH HOH A . 
C 3 HOH 5  305 22 HOH HOH A . 
C 3 HOH 6  306 2  HOH HOH A . 
C 3 HOH 7  307 11 HOH HOH A . 
C 3 HOH 8  308 33 HOH HOH A . 
C 3 HOH 9  309 21 HOH HOH A . 
C 3 HOH 10 310 16 HOH HOH A . 
C 3 HOH 11 311 7  HOH HOH A . 
C 3 HOH 12 312 5  HOH HOH A . 
C 3 HOH 13 313 17 HOH HOH A . 
C 3 HOH 14 314 6  HOH HOH A . 
C 3 HOH 15 315 20 HOH HOH A . 
C 3 HOH 16 316 12 HOH HOH A . 
C 3 HOH 17 317 4  HOH HOH A . 
C 3 HOH 18 318 14 HOH HOH A . 
C 3 HOH 19 319 28 HOH HOH A . 
C 3 HOH 20 320 1  HOH HOH A . 
C 3 HOH 21 321 18 HOH HOH A . 
C 3 HOH 22 322 23 HOH HOH A . 
C 3 HOH 23 323 15 HOH HOH A . 
C 3 HOH 24 324 34 HOH HOH A . 
C 3 HOH 25 325 30 HOH HOH A . 
C 3 HOH 26 326 26 HOH HOH A . 
C 3 HOH 27 327 24 HOH HOH A . 
C 3 HOH 28 328 27 HOH HOH A . 
C 3 HOH 29 329 25 HOH HOH A . 
C 3 HOH 30 330 29 HOH HOH A . 
C 3 HOH 31 331 31 HOH HOH A . 
C 3 HOH 32 332 3  HOH HOH A . 
C 3 HOH 33 333 8  HOH HOH A . 
D 3 HOH 1  601 19 HOH HOH B . 
# 
_pdbx_struct_assembly.id                   1 
_pdbx_struct_assembly.details              author_and_software_defined_assembly 
_pdbx_struct_assembly.method_details       PISA 
_pdbx_struct_assembly.oligomeric_details   dimeric 
_pdbx_struct_assembly.oligomeric_count     2 
# 
_pdbx_struct_assembly_gen.assembly_id       1 
_pdbx_struct_assembly_gen.oper_expression   1 
_pdbx_struct_assembly_gen.asym_id_list      A,B,C,D 
# 
loop_
_pdbx_struct_assembly_prop.biol_id 
_pdbx_struct_assembly_prop.type 
_pdbx_struct_assembly_prop.value 
_pdbx_struct_assembly_prop.details 
1 'ABSA (A^2)' 920  ? 
1 MORE         -5   ? 
1 'SSA (A^2)'  9050 ? 
# 
_pdbx_struct_oper_list.id                   1 
_pdbx_struct_oper_list.type                 'identity operation' 
_pdbx_struct_oper_list.name                 1_555 
_pdbx_struct_oper_list.symmetry_operation   x,y,z 
_pdbx_struct_oper_list.matrix[1][1]         1.0000000000 
_pdbx_struct_oper_list.matrix[1][2]         0.0000000000 
_pdbx_struct_oper_list.matrix[1][3]         0.0000000000 
_pdbx_struct_oper_list.vector[1]            0.0000000000 
_pdbx_struct_oper_list.matrix[2][1]         0.0000000000 
_pdbx_struct_oper_list.matrix[2][2]         1.0000000000 
_pdbx_struct_oper_list.matrix[2][3]         0.0000000000 
_pdbx_struct_oper_list.vector[2]            0.0000000000 
_pdbx_struct_oper_list.matrix[3][1]         0.0000000000 
_pdbx_struct_oper_list.matrix[3][2]         0.0000000000 
_pdbx_struct_oper_list.matrix[3][3]         1.0000000000 
_pdbx_struct_oper_list.vector[3]            0.0000000000 
# 
_pdbx_struct_special_symmetry.id              1 
_pdbx_struct_special_symmetry.PDB_model_num   1 
_pdbx_struct_special_symmetry.auth_asym_id    A 
_pdbx_struct_special_symmetry.auth_comp_id    HOH 
_pdbx_struct_special_symmetry.auth_seq_id     329 
_pdbx_struct_special_symmetry.PDB_ins_code    ? 
_pdbx_struct_special_symmetry.label_asym_id   C 
_pdbx_struct_special_symmetry.label_comp_id   HOH 
_pdbx_struct_special_symmetry.label_seq_id    . 
# 
loop_
_pdbx_audit_revision_history.ordinal 
_pdbx_audit_revision_history.data_content_type 
_pdbx_audit_revision_history.major_revision 
_pdbx_audit_revision_history.minor_revision 
_pdbx_audit_revision_history.revision_date 
1 'Structure model' 1 0 2019-10-02 
2 'Structure model' 1 1 2019-10-16 
3 'Structure model' 1 2 2019-11-27 
4 'Structure model' 1 3 2019-12-18 
5 'Structure model' 1 4 2023-10-11 
# 
_pdbx_audit_revision_details.ordinal             1 
_pdbx_audit_revision_details.revision_ordinal    1 
_pdbx_audit_revision_details.data_content_type   'Structure model' 
_pdbx_audit_revision_details.provider            repository 
_pdbx_audit_revision_details.type                'Initial release' 
_pdbx_audit_revision_details.description         ? 
_pdbx_audit_revision_details.details             ? 
# 
loop_
_pdbx_audit_revision_group.ordinal 
_pdbx_audit_revision_group.revision_ordinal 
_pdbx_audit_revision_group.data_content_type 
_pdbx_audit_revision_group.group 
1 2 'Structure model' 'Data collection'            
2 2 'Structure model' 'Database references'        
3 3 'Structure model' 'Database references'        
4 4 'Structure model' 'Author supporting evidence' 
5 5 'Structure model' 'Data collection'            
6 5 'Structure model' 'Database references'        
7 5 'Structure model' 'Refinement description'     
# 
loop_
_pdbx_audit_revision_category.ordinal 
_pdbx_audit_revision_category.revision_ordinal 
_pdbx_audit_revision_category.data_content_type 
_pdbx_audit_revision_category.category 
1 2 'Structure model' citation                      
2 3 'Structure model' citation                      
3 4 'Structure model' pdbx_audit_support            
4 5 'Structure model' chem_comp_atom                
5 5 'Structure model' chem_comp_bond                
6 5 'Structure model' database_2                    
7 5 'Structure model' pdbx_initial_refinement_model 
# 
loop_
_pdbx_audit_revision_item.ordinal 
_pdbx_audit_revision_item.revision_ordinal 
_pdbx_audit_revision_item.data_content_type 
_pdbx_audit_revision_item.item 
1 2 'Structure model' '_citation.pdbx_database_id_PubMed'        
2 2 'Structure model' '_citation.title'                          
3 3 'Structure model' '_citation.journal_volume'                 
4 3 'Structure model' '_citation.page_first'                     
5 3 'Structure model' '_citation.page_last'                      
6 4 'Structure model' '_pdbx_audit_support.funding_organization' 
7 5 'Structure model' '_database_2.pdbx_DOI'                     
8 5 'Structure model' '_database_2.pdbx_database_accession'      
# 
loop_
_software.citation_id 
_software.classification 
_software.compiler_name 
_software.compiler_version 
_software.contact_author 
_software.contact_author_email 
_software.date 
_software.description 
_software.dependencies 
_software.hardware 
_software.language 
_software.location 
_software.mods 
_software.name 
_software.os 
_software.os_version 
_software.type 
_software.version 
_software.pdbx_ordinal 
? refinement       ? ? ? ? ? ? ? ? ? ? ? REFMAC  ? ? ? 5.8.0107 1 
? 'data reduction' ? ? ? ? ? ? ? ? ? ? ? iMOSFLM ? ? ? .        2 
? 'data scaling'   ? ? ? ? ? ? ? ? ? ? ? Aimless ? ? ? .        3 
? phasing          ? ? ? ? ? ? ? ? ? ? ? MOLREP  ? ? ? .        4 
# 
_pdbx_validate_close_contact.id               1 
_pdbx_validate_close_contact.PDB_model_num    1 
_pdbx_validate_close_contact.auth_atom_id_1   OG 
_pdbx_validate_close_contact.auth_asym_id_1   A 
_pdbx_validate_close_contact.auth_comp_id_1   SER 
_pdbx_validate_close_contact.auth_seq_id_1    201 
_pdbx_validate_close_contact.PDB_ins_code_1   ? 
_pdbx_validate_close_contact.label_alt_id_1   ? 
_pdbx_validate_close_contact.auth_atom_id_2   C 
_pdbx_validate_close_contact.auth_asym_id_2   B 
_pdbx_validate_close_contact.auth_comp_id_2   ALA 
_pdbx_validate_close_contact.auth_seq_id_2    500 
_pdbx_validate_close_contact.PDB_ins_code_2   ? 
_pdbx_validate_close_contact.label_alt_id_2   ? 
_pdbx_validate_close_contact.dist             2.00 
# 
_pdbx_validate_rmsd_angle.id                         1 
_pdbx_validate_rmsd_angle.PDB_model_num              1 
_pdbx_validate_rmsd_angle.auth_atom_id_1             CB 
_pdbx_validate_rmsd_angle.auth_asym_id_1             A 
_pdbx_validate_rmsd_angle.auth_comp_id_1             ASP 
_pdbx_validate_rmsd_angle.auth_seq_id_1              243 
_pdbx_validate_rmsd_angle.PDB_ins_code_1             ? 
_pdbx_validate_rmsd_angle.label_alt_id_1             ? 
_pdbx_validate_rmsd_angle.auth_atom_id_2             CG 
_pdbx_validate_rmsd_angle.auth_asym_id_2             A 
_pdbx_validate_rmsd_angle.auth_comp_id_2             ASP 
_pdbx_validate_rmsd_angle.auth_seq_id_2              243 
_pdbx_validate_rmsd_angle.PDB_ins_code_2             ? 
_pdbx_validate_rmsd_angle.label_alt_id_2             ? 
_pdbx_validate_rmsd_angle.auth_atom_id_3             OD1 
_pdbx_validate_rmsd_angle.auth_asym_id_3             A 
_pdbx_validate_rmsd_angle.auth_comp_id_3             ASP 
_pdbx_validate_rmsd_angle.auth_seq_id_3              243 
_pdbx_validate_rmsd_angle.PDB_ins_code_3             ? 
_pdbx_validate_rmsd_angle.label_alt_id_3             ? 
_pdbx_validate_rmsd_angle.angle_value                124.38 
_pdbx_validate_rmsd_angle.angle_target_value         118.30 
_pdbx_validate_rmsd_angle.angle_deviation            6.08 
_pdbx_validate_rmsd_angle.angle_standard_deviation   0.90 
_pdbx_validate_rmsd_angle.linker_flag                N 
# 
loop_
_pdbx_validate_torsion.id 
_pdbx_validate_torsion.PDB_model_num 
_pdbx_validate_torsion.auth_comp_id 
_pdbx_validate_torsion.auth_asym_id 
_pdbx_validate_torsion.auth_seq_id 
_pdbx_validate_torsion.PDB_ins_code 
_pdbx_validate_torsion.label_alt_id 
_pdbx_validate_torsion.phi 
_pdbx_validate_torsion.psi 
1 1 TRP A 125 ? ? -39.14  140.42 
2 1 SER A 193 ? ? -148.14 26.92  
3 1 ASP A 218 ? ? -149.59 52.76  
4 1 SER A 269 ? ? -94.23  46.33  
5 1 LEU A 270 ? ? -149.41 -36.83 
# 
loop_
_pdbx_distant_solvent_atoms.id 
_pdbx_distant_solvent_atoms.PDB_model_num 
_pdbx_distant_solvent_atoms.auth_atom_id 
_pdbx_distant_solvent_atoms.label_alt_id 
_pdbx_distant_solvent_atoms.auth_asym_id 
_pdbx_distant_solvent_atoms.auth_comp_id 
_pdbx_distant_solvent_atoms.auth_seq_id 
_pdbx_distant_solvent_atoms.PDB_ins_code 
_pdbx_distant_solvent_atoms.neighbor_macromolecule_distance 
_pdbx_distant_solvent_atoms.neighbor_ligand_distance 
1 1 O ? A HOH 330 ? 6.39  . 
2 1 O ? A HOH 331 ? 6.95  . 
3 1 O ? A HOH 332 ? 7.79  . 
4 1 O ? A HOH 333 ? 10.54 . 
# 
loop_
_pdbx_unobs_or_zero_occ_residues.id 
_pdbx_unobs_or_zero_occ_residues.PDB_model_num 
_pdbx_unobs_or_zero_occ_residues.polymer_flag 
_pdbx_unobs_or_zero_occ_residues.occupancy_flag 
_pdbx_unobs_or_zero_occ_residues.auth_asym_id 
_pdbx_unobs_or_zero_occ_residues.auth_comp_id 
_pdbx_unobs_or_zero_occ_residues.auth_seq_id 
_pdbx_unobs_or_zero_occ_residues.PDB_ins_code 
_pdbx_unobs_or_zero_occ_residues.label_asym_id 
_pdbx_unobs_or_zero_occ_residues.label_comp_id 
_pdbx_unobs_or_zero_occ_residues.label_seq_id 
1  1 Y 1 A MET 66  ? A MET 1   
2  1 Y 1 A GLY 67  ? A GLY 2   
3  1 Y 1 A SER 68  ? A SER 3   
4  1 Y 1 A SER 69  ? A SER 4   
5  1 Y 1 A HIS 70  ? A HIS 5   
6  1 Y 1 A HIS 71  ? A HIS 6   
7  1 Y 1 A HIS 72  ? A HIS 7   
8  1 Y 1 A HIS 73  ? A HIS 8   
9  1 Y 1 A HIS 74  ? A HIS 9   
10 1 Y 1 A HIS 75  ? A HIS 10  
11 1 Y 1 A SER 76  ? A SER 11  
12 1 Y 1 A SER 77  ? A SER 12  
13 1 Y 1 A GLY 78  ? A GLY 13  
14 1 Y 1 A LEU 79  ? A LEU 14  
15 1 Y 1 A VAL 80  ? A VAL 15  
16 1 Y 1 A PRO 81  ? A PRO 16  
17 1 Y 1 A ARG 82  ? A ARG 17  
18 1 Y 1 A GLY 83  ? A GLY 18  
19 1 Y 1 A SER 84  ? A SER 19  
20 1 Y 1 A HIS 85  ? A HIS 20  
21 1 Y 1 A MET 86  ? A MET 21  
22 1 Y 1 A ALA 87  ? A ALA 22  
23 1 Y 1 A ALA 88  ? A ALA 23  
24 1 Y 1 A LEU 89  ? A LEU 24  
25 1 Y 1 A ARG 90  ? A ARG 25  
26 1 Y 1 A GLU 91  ? A GLU 26  
27 1 Y 1 A PHE 245 ? A PHE 180 
28 1 Y 1 A GLY 246 ? A GLY 181 
29 1 Y 1 A ARG 273 ? A ARG 208 
30 1 Y 1 A LYS 274 ? A LYS 209 
31 1 Y 1 A ARG 275 ? A ARG 210 
32 1 Y 1 A LYS 276 ? A LYS 211 
# 
loop_
_chem_comp_atom.comp_id 
_chem_comp_atom.atom_id 
_chem_comp_atom.type_symbol 
_chem_comp_atom.pdbx_aromatic_flag 
_chem_comp_atom.pdbx_stereo_config 
_chem_comp_atom.pdbx_ordinal 
ALA N    N N N 1   
ALA CA   C N S 2   
ALA C    C N N 3   
ALA O    O N N 4   
ALA CB   C N N 5   
ALA OXT  O N N 6   
ALA H    H N N 7   
ALA H2   H N N 8   
ALA HA   H N N 9   
ALA HB1  H N N 10  
ALA HB2  H N N 11  
ALA HB3  H N N 12  
ALA HXT  H N N 13  
ARG N    N N N 14  
ARG CA   C N S 15  
ARG C    C N N 16  
ARG O    O N N 17  
ARG CB   C N N 18  
ARG CG   C N N 19  
ARG CD   C N N 20  
ARG NE   N N N 21  
ARG CZ   C N N 22  
ARG NH1  N N N 23  
ARG NH2  N N N 24  
ARG OXT  O N N 25  
ARG H    H N N 26  
ARG H2   H N N 27  
ARG HA   H N N 28  
ARG HB2  H N N 29  
ARG HB3  H N N 30  
ARG HG2  H N N 31  
ARG HG3  H N N 32  
ARG HD2  H N N 33  
ARG HD3  H N N 34  
ARG HE   H N N 35  
ARG HH11 H N N 36  
ARG HH12 H N N 37  
ARG HH21 H N N 38  
ARG HH22 H N N 39  
ARG HXT  H N N 40  
ASN N    N N N 41  
ASN CA   C N S 42  
ASN C    C N N 43  
ASN O    O N N 44  
ASN CB   C N N 45  
ASN CG   C N N 46  
ASN OD1  O N N 47  
ASN ND2  N N N 48  
ASN OXT  O N N 49  
ASN H    H N N 50  
ASN H2   H N N 51  
ASN HA   H N N 52  
ASN HB2  H N N 53  
ASN HB3  H N N 54  
ASN HD21 H N N 55  
ASN HD22 H N N 56  
ASN HXT  H N N 57  
ASP N    N N N 58  
ASP CA   C N S 59  
ASP C    C N N 60  
ASP O    O N N 61  
ASP CB   C N N 62  
ASP CG   C N N 63  
ASP OD1  O N N 64  
ASP OD2  O N N 65  
ASP OXT  O N N 66  
ASP H    H N N 67  
ASP H2   H N N 68  
ASP HA   H N N 69  
ASP HB2  H N N 70  
ASP HB3  H N N 71  
ASP HD2  H N N 72  
ASP HXT  H N N 73  
CYS N    N N N 74  
CYS CA   C N R 75  
CYS C    C N N 76  
CYS O    O N N 77  
CYS CB   C N N 78  
CYS SG   S N N 79  
CYS OXT  O N N 80  
CYS H    H N N 81  
CYS H2   H N N 82  
CYS HA   H N N 83  
CYS HB2  H N N 84  
CYS HB3  H N N 85  
CYS HG   H N N 86  
CYS HXT  H N N 87  
GLN N    N N N 88  
GLN CA   C N S 89  
GLN C    C N N 90  
GLN O    O N N 91  
GLN CB   C N N 92  
GLN CG   C N N 93  
GLN CD   C N N 94  
GLN OE1  O N N 95  
GLN NE2  N N N 96  
GLN OXT  O N N 97  
GLN H    H N N 98  
GLN H2   H N N 99  
GLN HA   H N N 100 
GLN HB2  H N N 101 
GLN HB3  H N N 102 
GLN HG2  H N N 103 
GLN HG3  H N N 104 
GLN HE21 H N N 105 
GLN HE22 H N N 106 
GLN HXT  H N N 107 
GLU N    N N N 108 
GLU CA   C N S 109 
GLU C    C N N 110 
GLU O    O N N 111 
GLU CB   C N N 112 
GLU CG   C N N 113 
GLU CD   C N N 114 
GLU OE1  O N N 115 
GLU OE2  O N N 116 
GLU OXT  O N N 117 
GLU H    H N N 118 
GLU H2   H N N 119 
GLU HA   H N N 120 
GLU HB2  H N N 121 
GLU HB3  H N N 122 
GLU HG2  H N N 123 
GLU HG3  H N N 124 
GLU HE2  H N N 125 
GLU HXT  H N N 126 
GLY N    N N N 127 
GLY CA   C N N 128 
GLY C    C N N 129 
GLY O    O N N 130 
GLY OXT  O N N 131 
GLY H    H N N 132 
GLY H2   H N N 133 
GLY HA2  H N N 134 
GLY HA3  H N N 135 
GLY HXT  H N N 136 
HIS N    N N N 137 
HIS CA   C N S 138 
HIS C    C N N 139 
HIS O    O N N 140 
HIS CB   C N N 141 
HIS CG   C Y N 142 
HIS ND1  N Y N 143 
HIS CD2  C Y N 144 
HIS CE1  C Y N 145 
HIS NE2  N Y N 146 
HIS OXT  O N N 147 
HIS H    H N N 148 
HIS H2   H N N 149 
HIS HA   H N N 150 
HIS HB2  H N N 151 
HIS HB3  H N N 152 
HIS HD1  H N N 153 
HIS HD2  H N N 154 
HIS HE1  H N N 155 
HIS HE2  H N N 156 
HIS HXT  H N N 157 
HOH O    O N N 158 
HOH H1   H N N 159 
HOH H2   H N N 160 
ILE N    N N N 161 
ILE CA   C N S 162 
ILE C    C N N 163 
ILE O    O N N 164 
ILE CB   C N S 165 
ILE CG1  C N N 166 
ILE CG2  C N N 167 
ILE CD1  C N N 168 
ILE OXT  O N N 169 
ILE H    H N N 170 
ILE H2   H N N 171 
ILE HA   H N N 172 
ILE HB   H N N 173 
ILE HG12 H N N 174 
ILE HG13 H N N 175 
ILE HG21 H N N 176 
ILE HG22 H N N 177 
ILE HG23 H N N 178 
ILE HD11 H N N 179 
ILE HD12 H N N 180 
ILE HD13 H N N 181 
ILE HXT  H N N 182 
LEU N    N N N 183 
LEU CA   C N S 184 
LEU C    C N N 185 
LEU O    O N N 186 
LEU CB   C N N 187 
LEU CG   C N N 188 
LEU CD1  C N N 189 
LEU CD2  C N N 190 
LEU OXT  O N N 191 
LEU H    H N N 192 
LEU H2   H N N 193 
LEU HA   H N N 194 
LEU HB2  H N N 195 
LEU HB3  H N N 196 
LEU HG   H N N 197 
LEU HD11 H N N 198 
LEU HD12 H N N 199 
LEU HD13 H N N 200 
LEU HD21 H N N 201 
LEU HD22 H N N 202 
LEU HD23 H N N 203 
LEU HXT  H N N 204 
LYS N    N N N 205 
LYS CA   C N S 206 
LYS C    C N N 207 
LYS O    O N N 208 
LYS CB   C N N 209 
LYS CG   C N N 210 
LYS CD   C N N 211 
LYS CE   C N N 212 
LYS NZ   N N N 213 
LYS OXT  O N N 214 
LYS H    H N N 215 
LYS H2   H N N 216 
LYS HA   H N N 217 
LYS HB2  H N N 218 
LYS HB3  H N N 219 
LYS HG2  H N N 220 
LYS HG3  H N N 221 
LYS HD2  H N N 222 
LYS HD3  H N N 223 
LYS HE2  H N N 224 
LYS HE3  H N N 225 
LYS HZ1  H N N 226 
LYS HZ2  H N N 227 
LYS HZ3  H N N 228 
LYS HXT  H N N 229 
MET N    N N N 230 
MET CA   C N S 231 
MET C    C N N 232 
MET O    O N N 233 
MET CB   C N N 234 
MET CG   C N N 235 
MET SD   S N N 236 
MET CE   C N N 237 
MET OXT  O N N 238 
MET H    H N N 239 
MET H2   H N N 240 
MET HA   H N N 241 
MET HB2  H N N 242 
MET HB3  H N N 243 
MET HG2  H N N 244 
MET HG3  H N N 245 
MET HE1  H N N 246 
MET HE2  H N N 247 
MET HE3  H N N 248 
MET HXT  H N N 249 
PHE N    N N N 250 
PHE CA   C N S 251 
PHE C    C N N 252 
PHE O    O N N 253 
PHE CB   C N N 254 
PHE CG   C Y N 255 
PHE CD1  C Y N 256 
PHE CD2  C Y N 257 
PHE CE1  C Y N 258 
PHE CE2  C Y N 259 
PHE CZ   C Y N 260 
PHE OXT  O N N 261 
PHE H    H N N 262 
PHE H2   H N N 263 
PHE HA   H N N 264 
PHE HB2  H N N 265 
PHE HB3  H N N 266 
PHE HD1  H N N 267 
PHE HD2  H N N 268 
PHE HE1  H N N 269 
PHE HE2  H N N 270 
PHE HZ   H N N 271 
PHE HXT  H N N 272 
PRO N    N N N 273 
PRO CA   C N S 274 
PRO C    C N N 275 
PRO O    O N N 276 
PRO CB   C N N 277 
PRO CG   C N N 278 
PRO CD   C N N 279 
PRO OXT  O N N 280 
PRO H    H N N 281 
PRO HA   H N N 282 
PRO HB2  H N N 283 
PRO HB3  H N N 284 
PRO HG2  H N N 285 
PRO HG3  H N N 286 
PRO HD2  H N N 287 
PRO HD3  H N N 288 
PRO HXT  H N N 289 
SER N    N N N 290 
SER CA   C N S 291 
SER C    C N N 292 
SER O    O N N 293 
SER CB   C N N 294 
SER OG   O N N 295 
SER OXT  O N N 296 
SER H    H N N 297 
SER H2   H N N 298 
SER HA   H N N 299 
SER HB2  H N N 300 
SER HB3  H N N 301 
SER HG   H N N 302 
SER HXT  H N N 303 
THR N    N N N 304 
THR CA   C N S 305 
THR C    C N N 306 
THR O    O N N 307 
THR CB   C N R 308 
THR OG1  O N N 309 
THR CG2  C N N 310 
THR OXT  O N N 311 
THR H    H N N 312 
THR H2   H N N 313 
THR HA   H N N 314 
THR HB   H N N 315 
THR HG1  H N N 316 
THR HG21 H N N 317 
THR HG22 H N N 318 
THR HG23 H N N 319 
THR HXT  H N N 320 
TRP N    N N N 321 
TRP CA   C N S 322 
TRP C    C N N 323 
TRP O    O N N 324 
TRP CB   C N N 325 
TRP CG   C Y N 326 
TRP CD1  C Y N 327 
TRP CD2  C Y N 328 
TRP NE1  N Y N 329 
TRP CE2  C Y N 330 
TRP CE3  C Y N 331 
TRP CZ2  C Y N 332 
TRP CZ3  C Y N 333 
TRP CH2  C Y N 334 
TRP OXT  O N N 335 
TRP H    H N N 336 
TRP H2   H N N 337 
TRP HA   H N N 338 
TRP HB2  H N N 339 
TRP HB3  H N N 340 
TRP HD1  H N N 341 
TRP HE1  H N N 342 
TRP HE3  H N N 343 
TRP HZ2  H N N 344 
TRP HZ3  H N N 345 
TRP HH2  H N N 346 
TRP HXT  H N N 347 
TYR N    N N N 348 
TYR CA   C N S 349 
TYR C    C N N 350 
TYR O    O N N 351 
TYR CB   C N N 352 
TYR CG   C Y N 353 
TYR CD1  C Y N 354 
TYR CD2  C Y N 355 
TYR CE1  C Y N 356 
TYR CE2  C Y N 357 
TYR CZ   C Y N 358 
TYR OH   O N N 359 
TYR OXT  O N N 360 
TYR H    H N N 361 
TYR H2   H N N 362 
TYR HA   H N N 363 
TYR HB2  H N N 364 
TYR HB3  H N N 365 
TYR HD1  H N N 366 
TYR HD2  H N N 367 
TYR HE1  H N N 368 
TYR HE2  H N N 369 
TYR HH   H N N 370 
TYR HXT  H N N 371 
VAL N    N N N 372 
VAL CA   C N S 373 
VAL C    C N N 374 
VAL O    O N N 375 
VAL CB   C N N 376 
VAL CG1  C N N 377 
VAL CG2  C N N 378 
VAL OXT  O N N 379 
VAL H    H N N 380 
VAL H2   H N N 381 
VAL HA   H N N 382 
VAL HB   H N N 383 
VAL HG11 H N N 384 
VAL HG12 H N N 385 
VAL HG13 H N N 386 
VAL HG21 H N N 387 
VAL HG22 H N N 388 
VAL HG23 H N N 389 
VAL HXT  H N N 390 
# 
loop_
_chem_comp_bond.comp_id 
_chem_comp_bond.atom_id_1 
_chem_comp_bond.atom_id_2 
_chem_comp_bond.value_order 
_chem_comp_bond.pdbx_aromatic_flag 
_chem_comp_bond.pdbx_stereo_config 
_chem_comp_bond.pdbx_ordinal 
ALA N   CA   sing N N 1   
ALA N   H    sing N N 2   
ALA N   H2   sing N N 3   
ALA CA  C    sing N N 4   
ALA CA  CB   sing N N 5   
ALA CA  HA   sing N N 6   
ALA C   O    doub N N 7   
ALA C   OXT  sing N N 8   
ALA CB  HB1  sing N N 9   
ALA CB  HB2  sing N N 10  
ALA CB  HB3  sing N N 11  
ALA OXT HXT  sing N N 12  
ARG N   CA   sing N N 13  
ARG N   H    sing N N 14  
ARG N   H2   sing N N 15  
ARG CA  C    sing N N 16  
ARG CA  CB   sing N N 17  
ARG CA  HA   sing N N 18  
ARG C   O    doub N N 19  
ARG C   OXT  sing N N 20  
ARG CB  CG   sing N N 21  
ARG CB  HB2  sing N N 22  
ARG CB  HB3  sing N N 23  
ARG CG  CD   sing N N 24  
ARG CG  HG2  sing N N 25  
ARG CG  HG3  sing N N 26  
ARG CD  NE   sing N N 27  
ARG CD  HD2  sing N N 28  
ARG CD  HD3  sing N N 29  
ARG NE  CZ   sing N N 30  
ARG NE  HE   sing N N 31  
ARG CZ  NH1  sing N N 32  
ARG CZ  NH2  doub N N 33  
ARG NH1 HH11 sing N N 34  
ARG NH1 HH12 sing N N 35  
ARG NH2 HH21 sing N N 36  
ARG NH2 HH22 sing N N 37  
ARG OXT HXT  sing N N 38  
ASN N   CA   sing N N 39  
ASN N   H    sing N N 40  
ASN N   H2   sing N N 41  
ASN CA  C    sing N N 42  
ASN CA  CB   sing N N 43  
ASN CA  HA   sing N N 44  
ASN C   O    doub N N 45  
ASN C   OXT  sing N N 46  
ASN CB  CG   sing N N 47  
ASN CB  HB2  sing N N 48  
ASN CB  HB3  sing N N 49  
ASN CG  OD1  doub N N 50  
ASN CG  ND2  sing N N 51  
ASN ND2 HD21 sing N N 52  
ASN ND2 HD22 sing N N 53  
ASN OXT HXT  sing N N 54  
ASP N   CA   sing N N 55  
ASP N   H    sing N N 56  
ASP N   H2   sing N N 57  
ASP CA  C    sing N N 58  
ASP CA  CB   sing N N 59  
ASP CA  HA   sing N N 60  
ASP C   O    doub N N 61  
ASP C   OXT  sing N N 62  
ASP CB  CG   sing N N 63  
ASP CB  HB2  sing N N 64  
ASP CB  HB3  sing N N 65  
ASP CG  OD1  doub N N 66  
ASP CG  OD2  sing N N 67  
ASP OD2 HD2  sing N N 68  
ASP OXT HXT  sing N N 69  
CYS N   CA   sing N N 70  
CYS N   H    sing N N 71  
CYS N   H2   sing N N 72  
CYS CA  C    sing N N 73  
CYS CA  CB   sing N N 74  
CYS CA  HA   sing N N 75  
CYS C   O    doub N N 76  
CYS C   OXT  sing N N 77  
CYS CB  SG   sing N N 78  
CYS CB  HB2  sing N N 79  
CYS CB  HB3  sing N N 80  
CYS SG  HG   sing N N 81  
CYS OXT HXT  sing N N 82  
GLN N   CA   sing N N 83  
GLN N   H    sing N N 84  
GLN N   H2   sing N N 85  
GLN CA  C    sing N N 86  
GLN CA  CB   sing N N 87  
GLN CA  HA   sing N N 88  
GLN C   O    doub N N 89  
GLN C   OXT  sing N N 90  
GLN CB  CG   sing N N 91  
GLN CB  HB2  sing N N 92  
GLN CB  HB3  sing N N 93  
GLN CG  CD   sing N N 94  
GLN CG  HG2  sing N N 95  
GLN CG  HG3  sing N N 96  
GLN CD  OE1  doub N N 97  
GLN CD  NE2  sing N N 98  
GLN NE2 HE21 sing N N 99  
GLN NE2 HE22 sing N N 100 
GLN OXT HXT  sing N N 101 
GLU N   CA   sing N N 102 
GLU N   H    sing N N 103 
GLU N   H2   sing N N 104 
GLU CA  C    sing N N 105 
GLU CA  CB   sing N N 106 
GLU CA  HA   sing N N 107 
GLU C   O    doub N N 108 
GLU C   OXT  sing N N 109 
GLU CB  CG   sing N N 110 
GLU CB  HB2  sing N N 111 
GLU CB  HB3  sing N N 112 
GLU CG  CD   sing N N 113 
GLU CG  HG2  sing N N 114 
GLU CG  HG3  sing N N 115 
GLU CD  OE1  doub N N 116 
GLU CD  OE2  sing N N 117 
GLU OE2 HE2  sing N N 118 
GLU OXT HXT  sing N N 119 
GLY N   CA   sing N N 120 
GLY N   H    sing N N 121 
GLY N   H2   sing N N 122 
GLY CA  C    sing N N 123 
GLY CA  HA2  sing N N 124 
GLY CA  HA3  sing N N 125 
GLY C   O    doub N N 126 
GLY C   OXT  sing N N 127 
GLY OXT HXT  sing N N 128 
HIS N   CA   sing N N 129 
HIS N   H    sing N N 130 
HIS N   H2   sing N N 131 
HIS CA  C    sing N N 132 
HIS CA  CB   sing N N 133 
HIS CA  HA   sing N N 134 
HIS C   O    doub N N 135 
HIS C   OXT  sing N N 136 
HIS CB  CG   sing N N 137 
HIS CB  HB2  sing N N 138 
HIS CB  HB3  sing N N 139 
HIS CG  ND1  sing Y N 140 
HIS CG  CD2  doub Y N 141 
HIS ND1 CE1  doub Y N 142 
HIS ND1 HD1  sing N N 143 
HIS CD2 NE2  sing Y N 144 
HIS CD2 HD2  sing N N 145 
HIS CE1 NE2  sing Y N 146 
HIS CE1 HE1  sing N N 147 
HIS NE2 HE2  sing N N 148 
HIS OXT HXT  sing N N 149 
HOH O   H1   sing N N 150 
HOH O   H2   sing N N 151 
ILE N   CA   sing N N 152 
ILE N   H    sing N N 153 
ILE N   H2   sing N N 154 
ILE CA  C    sing N N 155 
ILE CA  CB   sing N N 156 
ILE CA  HA   sing N N 157 
ILE C   O    doub N N 158 
ILE C   OXT  sing N N 159 
ILE CB  CG1  sing N N 160 
ILE CB  CG2  sing N N 161 
ILE CB  HB   sing N N 162 
ILE CG1 CD1  sing N N 163 
ILE CG1 HG12 sing N N 164 
ILE CG1 HG13 sing N N 165 
ILE CG2 HG21 sing N N 166 
ILE CG2 HG22 sing N N 167 
ILE CG2 HG23 sing N N 168 
ILE CD1 HD11 sing N N 169 
ILE CD1 HD12 sing N N 170 
ILE CD1 HD13 sing N N 171 
ILE OXT HXT  sing N N 172 
LEU N   CA   sing N N 173 
LEU N   H    sing N N 174 
LEU N   H2   sing N N 175 
LEU CA  C    sing N N 176 
LEU CA  CB   sing N N 177 
LEU CA  HA   sing N N 178 
LEU C   O    doub N N 179 
LEU C   OXT  sing N N 180 
LEU CB  CG   sing N N 181 
LEU CB  HB2  sing N N 182 
LEU CB  HB3  sing N N 183 
LEU CG  CD1  sing N N 184 
LEU CG  CD2  sing N N 185 
LEU CG  HG   sing N N 186 
LEU CD1 HD11 sing N N 187 
LEU CD1 HD12 sing N N 188 
LEU CD1 HD13 sing N N 189 
LEU CD2 HD21 sing N N 190 
LEU CD2 HD22 sing N N 191 
LEU CD2 HD23 sing N N 192 
LEU OXT HXT  sing N N 193 
LYS N   CA   sing N N 194 
LYS N   H    sing N N 195 
LYS N   H2   sing N N 196 
LYS CA  C    sing N N 197 
LYS CA  CB   sing N N 198 
LYS CA  HA   sing N N 199 
LYS C   O    doub N N 200 
LYS C   OXT  sing N N 201 
LYS CB  CG   sing N N 202 
LYS CB  HB2  sing N N 203 
LYS CB  HB3  sing N N 204 
LYS CG  CD   sing N N 205 
LYS CG  HG2  sing N N 206 
LYS CG  HG3  sing N N 207 
LYS CD  CE   sing N N 208 
LYS CD  HD2  sing N N 209 
LYS CD  HD3  sing N N 210 
LYS CE  NZ   sing N N 211 
LYS CE  HE2  sing N N 212 
LYS CE  HE3  sing N N 213 
LYS NZ  HZ1  sing N N 214 
LYS NZ  HZ2  sing N N 215 
LYS NZ  HZ3  sing N N 216 
LYS OXT HXT  sing N N 217 
MET N   CA   sing N N 218 
MET N   H    sing N N 219 
MET N   H2   sing N N 220 
MET CA  C    sing N N 221 
MET CA  CB   sing N N 222 
MET CA  HA   sing N N 223 
MET C   O    doub N N 224 
MET C   OXT  sing N N 225 
MET CB  CG   sing N N 226 
MET CB  HB2  sing N N 227 
MET CB  HB3  sing N N 228 
MET CG  SD   sing N N 229 
MET CG  HG2  sing N N 230 
MET CG  HG3  sing N N 231 
MET SD  CE   sing N N 232 
MET CE  HE1  sing N N 233 
MET CE  HE2  sing N N 234 
MET CE  HE3  sing N N 235 
MET OXT HXT  sing N N 236 
PHE N   CA   sing N N 237 
PHE N   H    sing N N 238 
PHE N   H2   sing N N 239 
PHE CA  C    sing N N 240 
PHE CA  CB   sing N N 241 
PHE CA  HA   sing N N 242 
PHE C   O    doub N N 243 
PHE C   OXT  sing N N 244 
PHE CB  CG   sing N N 245 
PHE CB  HB2  sing N N 246 
PHE CB  HB3  sing N N 247 
PHE CG  CD1  doub Y N 248 
PHE CG  CD2  sing Y N 249 
PHE CD1 CE1  sing Y N 250 
PHE CD1 HD1  sing N N 251 
PHE CD2 CE2  doub Y N 252 
PHE CD2 HD2  sing N N 253 
PHE CE1 CZ   doub Y N 254 
PHE CE1 HE1  sing N N 255 
PHE CE2 CZ   sing Y N 256 
PHE CE2 HE2  sing N N 257 
PHE CZ  HZ   sing N N 258 
PHE OXT HXT  sing N N 259 
PRO N   CA   sing N N 260 
PRO N   CD   sing N N 261 
PRO N   H    sing N N 262 
PRO CA  C    sing N N 263 
PRO CA  CB   sing N N 264 
PRO CA  HA   sing N N 265 
PRO C   O    doub N N 266 
PRO C   OXT  sing N N 267 
PRO CB  CG   sing N N 268 
PRO CB  HB2  sing N N 269 
PRO CB  HB3  sing N N 270 
PRO CG  CD   sing N N 271 
PRO CG  HG2  sing N N 272 
PRO CG  HG3  sing N N 273 
PRO CD  HD2  sing N N 274 
PRO CD  HD3  sing N N 275 
PRO OXT HXT  sing N N 276 
SER N   CA   sing N N 277 
SER N   H    sing N N 278 
SER N   H2   sing N N 279 
SER CA  C    sing N N 280 
SER CA  CB   sing N N 281 
SER CA  HA   sing N N 282 
SER C   O    doub N N 283 
SER C   OXT  sing N N 284 
SER CB  OG   sing N N 285 
SER CB  HB2  sing N N 286 
SER CB  HB3  sing N N 287 
SER OG  HG   sing N N 288 
SER OXT HXT  sing N N 289 
THR N   CA   sing N N 290 
THR N   H    sing N N 291 
THR N   H2   sing N N 292 
THR CA  C    sing N N 293 
THR CA  CB   sing N N 294 
THR CA  HA   sing N N 295 
THR C   O    doub N N 296 
THR C   OXT  sing N N 297 
THR CB  OG1  sing N N 298 
THR CB  CG2  sing N N 299 
THR CB  HB   sing N N 300 
THR OG1 HG1  sing N N 301 
THR CG2 HG21 sing N N 302 
THR CG2 HG22 sing N N 303 
THR CG2 HG23 sing N N 304 
THR OXT HXT  sing N N 305 
TRP N   CA   sing N N 306 
TRP N   H    sing N N 307 
TRP N   H2   sing N N 308 
TRP CA  C    sing N N 309 
TRP CA  CB   sing N N 310 
TRP CA  HA   sing N N 311 
TRP C   O    doub N N 312 
TRP C   OXT  sing N N 313 
TRP CB  CG   sing N N 314 
TRP CB  HB2  sing N N 315 
TRP CB  HB3  sing N N 316 
TRP CG  CD1  doub Y N 317 
TRP CG  CD2  sing Y N 318 
TRP CD1 NE1  sing Y N 319 
TRP CD1 HD1  sing N N 320 
TRP CD2 CE2  doub Y N 321 
TRP CD2 CE3  sing Y N 322 
TRP NE1 CE2  sing Y N 323 
TRP NE1 HE1  sing N N 324 
TRP CE2 CZ2  sing Y N 325 
TRP CE3 CZ3  doub Y N 326 
TRP CE3 HE3  sing N N 327 
TRP CZ2 CH2  doub Y N 328 
TRP CZ2 HZ2  sing N N 329 
TRP CZ3 CH2  sing Y N 330 
TRP CZ3 HZ3  sing N N 331 
TRP CH2 HH2  sing N N 332 
TRP OXT HXT  sing N N 333 
TYR N   CA   sing N N 334 
TYR N   H    sing N N 335 
TYR N   H2   sing N N 336 
TYR CA  C    sing N N 337 
TYR CA  CB   sing N N 338 
TYR CA  HA   sing N N 339 
TYR C   O    doub N N 340 
TYR C   OXT  sing N N 341 
TYR CB  CG   sing N N 342 
TYR CB  HB2  sing N N 343 
TYR CB  HB3  sing N N 344 
TYR CG  CD1  doub Y N 345 
TYR CG  CD2  sing Y N 346 
TYR CD1 CE1  sing Y N 347 
TYR CD1 HD1  sing N N 348 
TYR CD2 CE2  doub Y N 349 
TYR CD2 HD2  sing N N 350 
TYR CE1 CZ   doub Y N 351 
TYR CE1 HE1  sing N N 352 
TYR CE2 CZ   sing Y N 353 
TYR CE2 HE2  sing N N 354 
TYR CZ  OH   sing N N 355 
TYR OH  HH   sing N N 356 
TYR OXT HXT  sing N N 357 
VAL N   CA   sing N N 358 
VAL N   H    sing N N 359 
VAL N   H2   sing N N 360 
VAL CA  C    sing N N 361 
VAL CA  CB   sing N N 362 
VAL CA  HA   sing N N 363 
VAL C   O    doub N N 364 
VAL C   OXT  sing N N 365 
VAL CB  CG1  sing N N 366 
VAL CB  CG2  sing N N 367 
VAL CB  HB   sing N N 368 
VAL CG1 HG11 sing N N 369 
VAL CG1 HG12 sing N N 370 
VAL CG1 HG13 sing N N 371 
VAL CG2 HG21 sing N N 372 
VAL CG2 HG22 sing N N 373 
VAL CG2 HG23 sing N N 374 
VAL OXT HXT  sing N N 375 
# 
_pdbx_audit_support.funding_organization   'National Institutes of Health/National Human Genome Research Institute (NIH/NHGRI)' 
_pdbx_audit_support.country                'United States' 
_pdbx_audit_support.grant_number           R01AI066025 
_pdbx_audit_support.ordinal                1 
# 
_pdbx_entity_nonpoly.entity_id   3 
_pdbx_entity_nonpoly.name        water 
_pdbx_entity_nonpoly.comp_id     HOH 
# 
_pdbx_initial_refinement_model.id               1 
_pdbx_initial_refinement_model.entity_id_list   ? 
_pdbx_initial_refinement_model.type             'experimental model' 
_pdbx_initial_refinement_model.source_name      PDB 
_pdbx_initial_refinement_model.accession_code   5F5D 
_pdbx_initial_refinement_model.details          ? 
# 
_pdbx_struct_assembly_auth_evidence.id                     1 
_pdbx_struct_assembly_auth_evidence.assembly_id            1 
_pdbx_struct_assembly_auth_evidence.experimental_support   'gel filtration' 
_pdbx_struct_assembly_auth_evidence.details                ? 
# 
